data_3KTJ
#
_entry.id   3KTJ
#
_cell.length_a   121.426
_cell.length_b   152.244
_cell.length_c   100.376
_cell.angle_alpha   90.00
_cell.angle_beta   118.98
_cell.angle_gamma   90.00
#
_symmetry.space_group_name_H-M   'C 1 2 1'
#
loop_
_entity.id
_entity.type
_entity.pdbx_description
1 polymer 'ATP-dependent Clp protease proteolytic subunit'
2 polymer 'Acyldepsipeptide 2'
3 non-polymer '2-[N-CYCLOHEXYLAMINO]ETHANE SULFONIC ACID'
4 water water
#
loop_
_entity_poly.entity_id
_entity_poly.type
_entity_poly.pdbx_seq_one_letter_code
_entity_poly.pdbx_strand_id
1 'polypeptide(L)'
;NLIPTVIEQTNRGERAYDIYSRLLKDRIIMLGSAIDDNVANSIVSQLLFLAAEDPEKEISLYINSPGGSITAGMAIYDTM
QFIKPKVSTICIGMAASMGAFLLAAGEKGKRYALPNSEVMIHQPLGGAQGQATEIEIAAKRILLLRDKLNKVLAERTGQP
LEVIERDTDRDNFKSAEEALEYGLIDKILTHTEDKKHHH
;
A,B,C,D,E,F,G
2 'polypeptide(L)' (CXP)(WFP)SP(YCP)A(MP8) H,I,J,K,L,M,N
#
loop_
_chem_comp.id
_chem_comp.type
_chem_comp.name
_chem_comp.formula
CXP non-polymer 'CYCLOHEXANE PROPIONIC ACID' 'C9 H16 O2'
NHE non-polymer '2-[N-CYCLOHEXYLAMINO]ETHANE SULFONIC ACID' 'C8 H17 N O3 S'
OTT non-polymer '(2E,4E,6E)-octa-2,4,6-trienoic acid' 'C8 H10 O2'
#
# COMPACT_ATOMS: atom_id res chain seq x y z
N ASP A 18 -12.07 8.32 -13.72
CA ASP A 18 -12.66 6.95 -13.58
C ASP A 18 -13.98 6.86 -14.35
N ILE A 19 -14.52 5.64 -14.48
CA ILE A 19 -15.80 5.48 -15.19
C ILE A 19 -16.89 5.93 -14.24
N TYR A 20 -16.61 5.82 -12.94
CA TYR A 20 -17.55 6.23 -11.89
C TYR A 20 -17.55 7.75 -11.78
N SER A 21 -16.36 8.35 -11.84
CA SER A 21 -16.26 9.80 -11.80
C SER A 21 -17.13 10.26 -12.96
N ARG A 22 -17.05 9.50 -14.05
CA ARG A 22 -17.80 9.78 -15.26
C ARG A 22 -19.31 9.74 -15.00
N LEU A 23 -19.75 8.77 -14.20
CA LEU A 23 -21.17 8.65 -13.90
C LEU A 23 -21.66 9.88 -13.14
N LEU A 24 -20.78 10.49 -12.34
CA LEU A 24 -21.16 11.69 -11.59
C LEU A 24 -21.39 12.85 -12.56
N LYS A 25 -20.71 12.81 -13.70
CA LYS A 25 -20.84 13.83 -14.73
C LYS A 25 -22.28 13.97 -15.21
N ASP A 26 -22.98 12.83 -15.24
CA ASP A 26 -24.36 12.81 -15.68
C ASP A 26 -25.35 12.59 -14.55
N ARG A 27 -24.95 12.93 -13.33
CA ARG A 27 -25.81 12.81 -12.15
C ARG A 27 -26.18 11.38 -11.71
N ILE A 28 -25.17 10.53 -11.56
CA ILE A 28 -25.38 9.14 -11.12
C ILE A 28 -24.40 8.77 -10.01
N ILE A 29 -24.91 8.16 -8.94
CA ILE A 29 -24.10 7.76 -7.79
C ILE A 29 -24.17 6.25 -7.63
N MET A 30 -23.07 5.66 -7.18
CA MET A 30 -23.05 4.22 -7.01
C MET A 30 -22.92 3.71 -5.57
N LEU A 31 -23.82 2.81 -5.17
CA LEU A 31 -23.75 2.19 -3.85
C LEU A 31 -23.51 0.71 -4.14
N GLY A 32 -22.27 0.35 -4.45
CA GLY A 32 -21.96 -1.04 -4.76
C GLY A 32 -21.01 -1.76 -3.81
N SER A 33 -21.22 -1.60 -2.52
CA SER A 33 -20.37 -2.27 -1.52
C SER A 33 -21.11 -2.27 -0.20
N ALA A 34 -20.52 -2.92 0.82
CA ALA A 34 -21.13 -2.96 2.14
C ALA A 34 -21.19 -1.52 2.63
N ILE A 35 -22.24 -1.20 3.38
CA ILE A 35 -22.44 0.14 3.91
C ILE A 35 -21.71 0.36 5.25
N ASP A 36 -20.68 1.21 5.23
CA ASP A 36 -19.93 1.54 6.45
C ASP A 36 -19.89 3.06 6.53
N ASP A 37 -19.24 3.63 7.54
CA ASP A 37 -19.23 5.08 7.67
C ASP A 37 -18.67 5.86 6.46
N ASN A 38 -17.49 5.47 5.97
CA ASN A 38 -16.87 6.14 4.82
C ASN A 38 -17.76 6.18 3.58
N VAL A 39 -18.22 5.01 3.17
CA VAL A 39 -19.09 4.90 2.01
C VAL A 39 -20.26 5.86 2.17
N ALA A 40 -20.89 5.81 3.34
CA ALA A 40 -22.03 6.66 3.64
C ALA A 40 -21.69 8.15 3.50
N ASN A 41 -20.56 8.54 4.08
CA ASN A 41 -20.14 9.93 4.04
C ASN A 41 -19.88 10.45 2.62
N SER A 42 -19.39 9.57 1.76
CA SER A 42 -19.11 9.91 0.37
C SER A 42 -20.36 10.17 -0.47
N ILE A 43 -21.35 9.31 -0.34
CA ILE A 43 -22.60 9.44 -1.08
C ILE A 43 -23.41 10.64 -0.59
N VAL A 44 -23.28 10.96 0.69
CA VAL A 44 -24.00 12.09 1.28
C VAL A 44 -23.54 13.43 0.68
N SER A 45 -22.25 13.54 0.39
CA SER A 45 -21.70 14.77 -0.15
C SER A 45 -22.03 14.94 -1.65
N GLN A 46 -22.08 13.83 -2.37
CA GLN A 46 -22.35 13.84 -3.80
C GLN A 46 -23.79 14.21 -4.14
N LEU A 47 -24.68 14.02 -3.18
CA LEU A 47 -26.07 14.39 -3.40
C LEU A 47 -26.11 15.89 -3.16
N LEU A 48 -25.43 16.30 -2.09
CA LEU A 48 -25.35 17.69 -1.72
C LEU A 48 -24.79 18.51 -2.88
N PHE A 49 -23.66 18.07 -3.41
CA PHE A 49 -23.03 18.76 -4.52
C PHE A 49 -23.93 18.79 -5.77
N LEU A 50 -24.43 17.62 -6.18
CA LEU A 50 -25.29 17.55 -7.35
C LEU A 50 -26.49 18.47 -7.27
N ALA A 51 -27.15 18.49 -6.12
CA ALA A 51 -28.34 19.33 -5.94
C ALA A 51 -28.00 20.80 -5.99
N ALA A 52 -26.73 21.12 -5.74
CA ALA A 52 -26.26 22.50 -5.74
C ALA A 52 -26.06 23.04 -7.16
N GLU A 53 -25.68 22.17 -8.10
CA GLU A 53 -25.49 22.62 -9.47
C GLU A 53 -26.81 22.92 -10.14
N ASP A 54 -27.81 22.07 -9.91
CA ASP A 54 -29.14 22.31 -10.49
C ASP A 54 -30.19 21.58 -9.66
N PRO A 55 -30.84 22.29 -8.73
CA PRO A 55 -31.88 21.69 -7.87
C PRO A 55 -33.14 21.30 -8.65
N GLU A 56 -32.98 21.11 -9.96
CA GLU A 56 -34.10 20.75 -10.84
C GLU A 56 -33.97 19.34 -11.44
N LYS A 57 -32.90 19.12 -12.22
CA LYS A 57 -32.66 17.81 -12.85
C LYS A 57 -32.67 16.70 -11.80
N GLU A 58 -33.25 15.55 -12.13
CA GLU A 58 -33.28 14.46 -11.16
C GLU A 58 -31.95 13.72 -11.09
N ILE A 59 -31.72 13.11 -9.93
CA ILE A 59 -30.50 12.36 -9.66
C ILE A 59 -30.81 10.85 -9.71
N SER A 60 -29.80 10.05 -10.04
CA SER A 60 -29.99 8.62 -10.14
C SER A 60 -28.99 7.86 -9.24
N LEU A 61 -29.51 7.09 -8.31
CA LEU A 61 -28.69 6.30 -7.38
C LEU A 61 -28.79 4.80 -7.69
N TYR A 62 -27.69 4.17 -8.09
CA TYR A 62 -27.74 2.74 -8.37
C TYR A 62 -27.31 1.92 -7.15
N ILE A 63 -28.01 0.83 -6.88
CA ILE A 63 -27.71 -0.03 -5.72
C ILE A 63 -27.36 -1.51 -5.95
N ASN A 64 -26.21 -1.93 -5.41
CA ASN A 64 -25.77 -3.34 -5.48
C ASN A 64 -25.01 -3.57 -4.18
N SER A 65 -25.75 -3.68 -3.07
CA SER A 65 -25.14 -3.85 -1.75
C SER A 65 -25.70 -4.99 -0.86
N PRO A 66 -24.85 -5.51 0.04
CA PRO A 66 -25.19 -6.58 0.99
C PRO A 66 -25.79 -5.99 2.26
N GLY A 67 -25.58 -4.70 2.47
CA GLY A 67 -26.09 -4.03 3.65
C GLY A 67 -24.98 -3.39 4.46
N GLY A 68 -25.14 -3.29 5.77
CA GLY A 68 -24.10 -2.68 6.58
C GLY A 68 -24.60 -2.11 7.90
N SER A 69 -24.07 -0.95 8.28
CA SER A 69 -24.45 -0.30 9.54
C SER A 69 -25.77 0.48 9.47
N ILE A 70 -26.58 0.32 10.52
CA ILE A 70 -27.87 1.00 10.58
C ILE A 70 -27.70 2.52 10.59
N THR A 71 -26.85 3.04 11.48
CA THR A 71 -26.61 4.48 11.56
C THR A 71 -26.11 5.08 10.24
N ALA A 72 -25.17 4.41 9.59
CA ALA A 72 -24.65 4.87 8.32
C ALA A 72 -25.74 4.91 7.25
N GLY A 73 -26.50 3.82 7.14
CA GLY A 73 -27.56 3.76 6.16
C GLY A 73 -28.62 4.82 6.37
N MET A 74 -28.76 5.28 7.62
CA MET A 74 -29.76 6.30 7.95
C MET A 74 -29.32 7.69 7.50
N ALA A 75 -28.02 7.93 7.50
CA ALA A 75 -27.49 9.21 7.08
C ALA A 75 -27.86 9.39 5.61
N ILE A 76 -27.63 8.35 4.83
CA ILE A 76 -27.92 8.36 3.39
C ILE A 76 -29.39 8.68 3.17
N TYR A 77 -30.27 7.92 3.83
CA TYR A 77 -31.70 8.10 3.74
C TYR A 77 -32.07 9.56 4.05
N ASP A 78 -31.71 10.04 5.24
CA ASP A 78 -32.04 11.40 5.66
C ASP A 78 -31.65 12.47 4.64
N THR A 79 -30.62 12.20 3.84
CA THR A 79 -30.15 13.16 2.85
C THR A 79 -30.93 13.13 1.53
N MET A 80 -31.44 11.97 1.17
CA MET A 80 -32.21 11.83 -0.07
C MET A 80 -33.51 12.61 0.08
N GLN A 81 -34.02 12.66 1.31
CA GLN A 81 -35.27 13.36 1.58
C GLN A 81 -35.08 14.87 1.76
N PHE A 82 -33.89 15.28 2.18
CA PHE A 82 -33.63 16.69 2.39
C PHE A 82 -33.47 17.51 1.12
N ILE A 83 -32.69 17.01 0.16
CA ILE A 83 -32.47 17.74 -1.09
C ILE A 83 -33.71 17.91 -1.95
N LYS A 84 -33.64 18.84 -2.89
CA LYS A 84 -34.76 19.15 -3.78
C LYS A 84 -34.88 18.28 -5.01
N PRO A 85 -33.75 17.88 -5.61
CA PRO A 85 -33.83 17.03 -6.80
C PRO A 85 -34.54 15.72 -6.44
N LYS A 86 -35.28 15.15 -7.40
CA LYS A 86 -35.96 13.89 -7.17
C LYS A 86 -34.88 12.81 -7.30
N VAL A 87 -34.73 11.98 -6.27
CA VAL A 87 -33.74 10.92 -6.27
C VAL A 87 -34.37 9.58 -6.64
N SER A 88 -34.15 9.11 -7.86
CA SER A 88 -34.70 7.82 -8.26
C SER A 88 -33.70 6.71 -7.94
N THR A 89 -34.18 5.50 -7.68
CA THR A 89 -33.30 4.37 -7.35
C THR A 89 -33.47 3.13 -8.27
N ILE A 90 -32.34 2.51 -8.63
CA ILE A 90 -32.35 1.32 -9.49
C ILE A 90 -31.65 0.17 -8.76
N CYS A 91 -32.30 -0.98 -8.66
CA CYS A 91 -31.68 -2.14 -8.01
C CYS A 91 -31.04 -3.00 -9.06
N ILE A 92 -29.73 -3.13 -8.98
CA ILE A 92 -28.97 -3.96 -9.90
C ILE A 92 -28.31 -5.06 -9.04
N GLY A 93 -28.51 -6.32 -9.40
CA GLY A 93 -27.92 -7.42 -8.64
C GLY A 93 -28.55 -7.82 -7.31
N MET A 94 -28.11 -7.21 -6.21
CA MET A 94 -28.64 -7.54 -4.88
C MET A 94 -28.74 -6.34 -3.94
N ALA A 95 -29.93 -6.15 -3.36
CA ALA A 95 -30.18 -5.08 -2.40
C ALA A 95 -30.66 -5.78 -1.14
N ALA A 96 -29.79 -5.91 -0.13
CA ALA A 96 -30.16 -6.60 1.11
C ALA A 96 -29.99 -5.77 2.38
N SER A 97 -30.75 -6.11 3.43
CA SER A 97 -30.68 -5.38 4.70
C SER A 97 -30.87 -3.89 4.44
N MET A 98 -29.99 -3.04 4.97
CA MET A 98 -30.12 -1.59 4.76
C MET A 98 -30.22 -1.22 3.27
N GLY A 99 -29.52 -1.93 2.42
CA GLY A 99 -29.58 -1.62 1.00
C GLY A 99 -31.00 -1.70 0.48
N ALA A 100 -31.73 -2.73 0.90
CA ALA A 100 -33.10 -2.90 0.46
C ALA A 100 -33.87 -1.70 0.99
N PHE A 101 -33.51 -1.30 2.20
CA PHE A 101 -34.13 -0.16 2.85
C PHE A 101 -33.95 1.11 1.99
N LEU A 102 -32.72 1.38 1.56
CA LEU A 102 -32.43 2.56 0.75
C LEU A 102 -33.07 2.56 -0.64
N LEU A 103 -33.29 1.37 -1.18
CA LEU A 103 -33.91 1.23 -2.50
C LEU A 103 -35.37 1.63 -2.34
N ALA A 104 -35.96 1.20 -1.23
CA ALA A 104 -37.36 1.48 -0.95
C ALA A 104 -37.58 2.97 -0.69
N ALA A 105 -36.53 3.66 -0.25
CA ALA A 105 -36.61 5.08 0.04
C ALA A 105 -36.60 6.00 -1.19
N GLY A 106 -36.43 5.42 -2.38
CA GLY A 106 -36.41 6.22 -3.60
C GLY A 106 -37.70 6.99 -3.86
N GLU A 107 -37.63 7.95 -4.78
CA GLU A 107 -38.78 8.79 -5.16
C GLU A 107 -39.90 7.90 -5.68
N LYS A 108 -41.09 8.01 -5.08
CA LYS A 108 -42.25 7.22 -5.48
C LYS A 108 -42.56 7.36 -6.96
N GLY A 109 -42.61 6.21 -7.65
CA GLY A 109 -42.89 6.19 -9.07
C GLY A 109 -41.59 6.09 -9.83
N LYS A 110 -40.49 6.22 -9.09
CA LYS A 110 -39.16 6.18 -9.68
C LYS A 110 -38.21 5.14 -9.06
N ARG A 111 -38.75 4.08 -8.47
CA ARG A 111 -37.89 3.04 -7.88
C ARG A 111 -37.89 1.86 -8.86
N TYR A 112 -36.73 1.59 -9.45
CA TYR A 112 -36.62 0.52 -10.45
C TYR A 112 -35.86 -0.72 -9.98
N ALA A 113 -35.77 -1.69 -10.89
CA ALA A 113 -35.07 -2.94 -10.67
C ALA A 113 -35.03 -3.68 -12.02
N LEU A 114 -34.01 -4.53 -12.18
CA LEU A 114 -33.87 -5.26 -13.41
C LEU A 114 -34.44 -6.66 -13.26
N PRO A 115 -34.89 -7.27 -14.36
CA PRO A 115 -35.47 -8.61 -14.35
C PRO A 115 -34.97 -9.60 -13.30
N ASN A 116 -33.66 -9.72 -13.14
CA ASN A 116 -33.14 -10.70 -12.18
C ASN A 116 -32.56 -10.22 -10.85
N SER A 117 -32.86 -8.98 -10.49
CA SER A 117 -32.38 -8.43 -9.23
C SER A 117 -32.95 -9.23 -8.08
N GLU A 118 -32.29 -9.16 -6.92
CA GLU A 118 -32.76 -9.89 -5.74
C GLU A 118 -32.83 -8.94 -4.55
N VAL A 119 -33.86 -9.10 -3.71
CA VAL A 119 -34.05 -8.27 -2.54
C VAL A 119 -34.31 -9.10 -1.29
N MET A 120 -33.59 -8.80 -0.20
CA MET A 120 -33.73 -9.54 1.06
C MET A 120 -33.90 -8.63 2.26
N ILE A 121 -34.97 -8.85 3.02
CA ILE A 121 -35.21 -8.07 4.21
C ILE A 121 -35.09 -8.96 5.47
N HIS A 122 -34.71 -8.39 6.60
CA HIS A 122 -34.59 -9.15 7.84
C HIS A 122 -34.44 -8.25 9.05
N GLN A 123 -34.05 -8.79 10.20
CA GLN A 123 -33.92 -7.95 11.37
C GLN A 123 -32.48 -7.61 11.73
N PRO A 124 -32.27 -6.49 12.43
CA PRO A 124 -30.95 -6.02 12.85
C PRO A 124 -30.13 -7.06 13.61
N LEU A 125 -28.81 -6.95 13.52
CA LEU A 125 -27.93 -7.85 14.21
C LEU A 125 -27.02 -7.09 15.18
N GLY A 126 -26.66 -7.73 16.29
CA GLY A 126 -25.82 -7.10 17.28
C GLY A 126 -25.25 -8.06 18.29
N GLY A 127 -24.92 -7.57 19.47
CA GLY A 127 -24.35 -8.41 20.50
C GLY A 127 -24.08 -7.65 21.78
N ALA A 128 -23.94 -8.35 22.90
CA ALA A 128 -23.70 -7.69 24.18
C ALA A 128 -22.88 -8.56 25.11
N GLN A 129 -22.17 -7.93 26.03
CA GLN A 129 -21.32 -8.64 26.97
C GLN A 129 -21.27 -7.94 28.34
N GLY A 130 -20.91 -8.69 29.38
CA GLY A 130 -20.80 -8.09 30.71
C GLY A 130 -21.87 -8.42 31.73
N GLN A 131 -22.09 -7.51 32.67
CA GLN A 131 -23.09 -7.65 33.73
C GLN A 131 -24.51 -7.64 33.18
N ALA A 132 -25.45 -8.24 33.91
CA ALA A 132 -26.84 -8.27 33.48
C ALA A 132 -27.30 -6.91 32.96
N THR A 133 -27.10 -5.89 33.76
CA THR A 133 -27.49 -4.53 33.42
C THR A 133 -27.01 -4.01 32.07
N GLU A 134 -25.76 -4.36 31.73
CA GLU A 134 -25.14 -3.95 30.47
C GLU A 134 -25.81 -4.61 29.26
N ILE A 135 -26.14 -5.89 29.42
CA ILE A 135 -26.78 -6.67 28.38
C ILE A 135 -28.19 -6.10 28.17
N GLU A 136 -28.78 -5.66 29.27
CA GLU A 136 -30.11 -5.10 29.22
C GLU A 136 -30.17 -3.84 28.38
N ILE A 137 -29.14 -3.00 28.47
CA ILE A 137 -29.09 -1.76 27.71
C ILE A 137 -28.99 -1.99 26.20
N ALA A 138 -28.07 -2.86 25.79
CA ALA A 138 -27.88 -3.13 24.37
C ALA A 138 -29.17 -3.73 23.78
N ALA A 139 -29.72 -4.72 24.48
CA ALA A 139 -30.95 -5.32 24.05
C ALA A 139 -32.01 -4.23 23.73
N LYS A 140 -32.14 -3.26 24.62
CA LYS A 140 -33.11 -2.17 24.44
C LYS A 140 -32.85 -1.34 23.17
N ARG A 141 -31.58 -1.04 22.92
CA ARG A 141 -31.23 -0.27 21.75
C ARG A 141 -31.60 -0.95 20.44
N ILE A 142 -31.15 -2.20 20.28
CA ILE A 142 -31.40 -2.95 19.06
C ILE A 142 -32.87 -3.31 18.83
N LEU A 143 -33.64 -3.46 19.90
CA LEU A 143 -35.07 -3.74 19.73
C LEU A 143 -35.68 -2.44 19.24
N LEU A 144 -35.24 -1.34 19.84
CA LEU A 144 -35.72 -0.01 19.46
C LEU A 144 -35.45 0.32 18.00
N LEU A 145 -34.24 -0.01 17.53
CA LEU A 145 -33.86 0.25 16.14
C LEU A 145 -34.70 -0.56 15.18
N ARG A 146 -34.95 -1.81 15.53
CA ARG A 146 -35.77 -2.71 14.73
C ARG A 146 -37.13 -2.05 14.50
N ASP A 147 -37.63 -1.37 15.53
CA ASP A 147 -38.91 -0.67 15.45
C ASP A 147 -38.94 0.47 14.45
N LYS A 148 -38.01 1.41 14.63
CA LYS A 148 -37.91 2.56 13.76
C LYS A 148 -37.83 2.13 12.31
N LEU A 149 -37.05 1.09 12.03
CA LEU A 149 -36.89 0.62 10.68
C LEU A 149 -38.16 0.01 10.07
N ASN A 150 -38.80 -0.90 10.81
CA ASN A 150 -40.02 -1.51 10.30
C ASN A 150 -41.07 -0.44 9.99
N LYS A 151 -41.16 0.60 10.81
CA LYS A 151 -42.16 1.63 10.55
C LYS A 151 -41.95 2.35 9.22
N VAL A 152 -40.72 2.76 8.94
CA VAL A 152 -40.48 3.46 7.68
C VAL A 152 -40.82 2.58 6.50
N LEU A 153 -40.50 1.29 6.59
CA LEU A 153 -40.81 0.35 5.50
C LEU A 153 -42.32 0.26 5.31
N ALA A 154 -43.04 0.28 6.43
CA ALA A 154 -44.49 0.22 6.37
C ALA A 154 -44.99 1.41 5.55
N GLU A 155 -44.54 2.61 5.90
CA GLU A 155 -44.99 3.81 5.20
C GLU A 155 -44.58 3.88 3.74
N ARG A 156 -43.35 3.48 3.46
CA ARG A 156 -42.83 3.53 2.11
C ARG A 156 -43.42 2.45 1.19
N THR A 157 -43.63 1.26 1.70
CA THR A 157 -44.19 0.17 0.91
C THR A 157 -45.72 0.26 0.87
N GLY A 158 -46.30 0.47 2.05
CA GLY A 158 -47.74 0.53 2.14
C GLY A 158 -48.31 -0.58 3.01
N GLN A 159 -47.48 -1.57 3.35
CA GLN A 159 -47.87 -2.70 4.19
C GLN A 159 -48.13 -2.29 5.65
N PRO A 160 -48.89 -3.09 6.37
CA PRO A 160 -49.11 -2.73 7.78
C PRO A 160 -47.92 -3.18 8.63
N LEU A 161 -47.59 -2.41 9.67
CA LEU A 161 -46.48 -2.71 10.56
C LEU A 161 -46.41 -4.18 10.98
N GLU A 162 -47.56 -4.75 11.34
CA GLU A 162 -47.66 -6.13 11.77
C GLU A 162 -47.04 -7.09 10.76
N VAL A 163 -47.35 -6.85 9.48
CA VAL A 163 -46.85 -7.67 8.38
C VAL A 163 -45.33 -7.53 8.22
N ILE A 164 -44.82 -6.31 8.32
CA ILE A 164 -43.39 -6.07 8.19
C ILE A 164 -42.70 -6.73 9.39
N GLU A 165 -43.36 -6.72 10.54
CA GLU A 165 -42.80 -7.30 11.76
C GLU A 165 -42.60 -8.82 11.66
N ARG A 166 -43.61 -9.49 11.13
CA ARG A 166 -43.59 -10.94 10.97
C ARG A 166 -42.66 -11.41 9.83
N ASP A 167 -42.62 -10.64 8.75
CA ASP A 167 -41.81 -10.95 7.58
C ASP A 167 -40.30 -10.77 7.70
N THR A 168 -39.83 -10.13 8.78
CA THR A 168 -38.41 -9.90 8.97
C THR A 168 -37.85 -10.62 10.19
N ASP A 169 -38.56 -11.64 10.65
CA ASP A 169 -38.09 -12.40 11.80
C ASP A 169 -36.84 -13.22 11.42
N ARG A 170 -36.75 -13.58 10.14
CA ARG A 170 -35.65 -14.37 9.56
C ARG A 170 -35.37 -13.82 8.17
N ASP A 171 -34.27 -14.23 7.56
CA ASP A 171 -33.94 -13.77 6.21
C ASP A 171 -35.14 -14.01 5.28
N ASN A 172 -35.49 -12.98 4.51
CA ASN A 172 -36.62 -13.07 3.59
C ASN A 172 -36.22 -12.59 2.19
N PHE A 173 -35.89 -13.53 1.31
CA PHE A 173 -35.48 -13.22 -0.05
C PHE A 173 -36.65 -13.08 -1.04
N LYS A 174 -36.64 -12.02 -1.84
CA LYS A 174 -37.71 -11.79 -2.82
C LYS A 174 -37.17 -11.35 -4.16
N SER A 175 -37.75 -11.87 -5.24
CA SER A 175 -37.32 -11.50 -6.60
C SER A 175 -37.88 -10.13 -7.00
N ALA A 176 -37.45 -9.63 -8.16
CA ALA A 176 -37.90 -8.33 -8.65
C ALA A 176 -39.42 -8.24 -8.74
N GLU A 177 -40.05 -9.31 -9.21
CA GLU A 177 -41.51 -9.36 -9.31
C GLU A 177 -42.09 -9.38 -7.90
N GLU A 178 -41.48 -10.14 -7.00
CA GLU A 178 -41.96 -10.21 -5.63
C GLU A 178 -41.82 -8.88 -4.92
N ALA A 179 -40.74 -8.16 -5.19
CA ALA A 179 -40.50 -6.86 -4.56
C ALA A 179 -41.47 -5.77 -5.06
N LEU A 180 -41.85 -5.86 -6.33
CA LEU A 180 -42.76 -4.90 -6.94
C LEU A 180 -44.15 -5.11 -6.36
N GLU A 181 -44.53 -6.36 -6.20
CA GLU A 181 -45.84 -6.72 -5.65
C GLU A 181 -45.94 -6.45 -4.15
N TYR A 182 -44.80 -6.43 -3.46
CA TYR A 182 -44.78 -6.16 -2.03
C TYR A 182 -44.66 -4.64 -1.81
N GLY A 183 -44.41 -3.91 -2.90
CA GLY A 183 -44.31 -2.46 -2.82
C GLY A 183 -42.95 -1.83 -2.55
N LEU A 184 -41.87 -2.57 -2.76
CA LEU A 184 -40.53 -2.03 -2.52
C LEU A 184 -39.99 -1.21 -3.70
N ILE A 185 -40.42 -1.54 -4.92
CA ILE A 185 -40.01 -0.79 -6.12
C ILE A 185 -41.28 -0.50 -6.93
N ASP A 186 -41.15 0.30 -7.97
CA ASP A 186 -42.30 0.68 -8.79
C ASP A 186 -42.41 0.02 -10.14
N LYS A 187 -41.28 -0.08 -10.85
CA LYS A 187 -41.29 -0.68 -12.18
C LYS A 187 -40.03 -1.47 -12.44
N ILE A 188 -40.13 -2.48 -13.30
CA ILE A 188 -38.99 -3.30 -13.66
C ILE A 188 -38.52 -2.82 -15.04
N LEU A 189 -37.21 -2.62 -15.18
CA LEU A 189 -36.67 -2.16 -16.45
C LEU A 189 -36.39 -3.33 -17.36
N THR A 190 -37.06 -3.33 -18.51
CA THR A 190 -36.93 -4.39 -19.49
C THR A 190 -35.96 -4.08 -20.62
N HIS A 191 -36.49 -3.54 -21.73
CA HIS A 191 -35.67 -3.18 -22.90
C HIS A 191 -36.53 -2.58 -24.01
N ASP B 18 -10.38 16.36 -4.65
CA ASP B 18 -11.21 15.46 -3.80
C ASP B 18 -12.64 16.01 -3.69
N ILE B 19 -13.57 15.18 -3.24
CA ILE B 19 -14.96 15.62 -3.10
C ILE B 19 -15.14 16.55 -1.92
N TYR B 20 -14.37 16.33 -0.87
CA TYR B 20 -14.43 17.16 0.32
C TYR B 20 -13.71 18.49 0.08
N SER B 21 -12.86 18.53 -0.94
CA SER B 21 -12.15 19.74 -1.31
C SER B 21 -13.16 20.73 -1.85
N ARG B 22 -14.17 20.20 -2.54
CA ARG B 22 -15.24 21.01 -3.11
C ARG B 22 -16.08 21.55 -1.96
N LEU B 23 -15.99 20.87 -0.81
CA LEU B 23 -16.73 21.27 0.40
C LEU B 23 -16.02 22.34 1.20
N LEU B 24 -14.69 22.29 1.24
CA LEU B 24 -13.93 23.28 1.98
C LEU B 24 -13.98 24.62 1.22
N LYS B 25 -14.20 24.52 -0.08
CA LYS B 25 -14.30 25.70 -0.96
C LYS B 25 -15.49 26.54 -0.53
N ASP B 26 -16.52 25.88 0.00
CA ASP B 26 -17.70 26.59 0.48
C ASP B 26 -17.81 26.60 2.00
N ARG B 27 -16.67 26.41 2.66
CA ARG B 27 -16.59 26.47 4.11
C ARG B 27 -17.30 25.37 4.90
N ILE B 28 -17.13 24.13 4.46
CA ILE B 28 -17.72 22.98 5.14
C ILE B 28 -16.65 21.96 5.52
N ILE B 29 -16.65 21.51 6.77
CA ILE B 29 -15.69 20.51 7.24
C ILE B 29 -16.43 19.23 7.64
N MET B 30 -15.88 18.09 7.25
CA MET B 30 -16.49 16.80 7.55
C MET B 30 -15.74 15.94 8.57
N LEU B 31 -16.33 15.72 9.74
CA LEU B 31 -15.70 14.86 10.74
C LEU B 31 -16.43 13.51 10.72
N GLY B 32 -15.96 12.58 9.88
CA GLY B 32 -16.61 11.28 9.79
C GLY B 32 -15.74 10.07 10.07
N SER B 33 -15.19 10.00 11.28
CA SER B 33 -14.34 8.90 11.67
C SER B 33 -14.08 8.97 13.15
N ALA B 34 -13.55 7.88 13.71
CA ALA B 34 -13.25 7.86 15.14
C ALA B 34 -12.30 9.02 15.39
N ILE B 35 -12.28 9.53 16.62
CA ILE B 35 -11.40 10.64 16.92
C ILE B 35 -10.10 10.25 17.61
N ASP B 36 -9.00 10.60 16.97
CA ASP B 36 -7.65 10.35 17.48
C ASP B 36 -6.81 11.57 17.12
N ASP B 37 -5.68 11.74 17.80
CA ASP B 37 -4.81 12.87 17.55
C ASP B 37 -4.67 13.28 16.09
N ASN B 38 -4.57 12.33 15.18
CA ASN B 38 -4.44 12.66 13.75
C ASN B 38 -5.62 13.41 13.22
N VAL B 39 -6.77 12.75 13.22
CA VAL B 39 -8.00 13.36 12.76
C VAL B 39 -8.21 14.72 13.42
N ALA B 40 -7.82 14.84 14.67
CA ALA B 40 -7.96 16.08 15.44
C ALA B 40 -7.13 17.23 14.84
N ASN B 41 -5.85 16.96 14.64
CA ASN B 41 -4.94 17.96 14.09
C ASN B 41 -5.47 18.55 12.78
N SER B 42 -5.84 17.68 11.84
CA SER B 42 -6.33 18.15 10.55
C SER B 42 -7.55 19.08 10.62
N ILE B 43 -8.54 18.73 11.41
CA ILE B 43 -9.73 19.58 11.51
C ILE B 43 -9.35 20.92 12.12
N VAL B 44 -8.43 20.88 13.09
CA VAL B 44 -7.99 22.11 13.74
C VAL B 44 -7.45 23.07 12.69
N SER B 45 -6.66 22.54 11.77
CA SER B 45 -6.05 23.33 10.70
C SER B 45 -7.06 23.97 9.76
N GLN B 46 -7.95 23.18 9.19
CA GLN B 46 -8.96 23.68 8.27
C GLN B 46 -9.75 24.80 8.92
N LEU B 47 -9.97 24.68 10.23
CA LEU B 47 -10.71 25.69 10.98
C LEU B 47 -9.97 27.00 10.96
N LEU B 48 -8.66 26.93 11.11
CA LEU B 48 -7.83 28.12 11.11
C LEU B 48 -7.69 28.69 9.69
N PHE B 49 -7.71 27.82 8.69
CA PHE B 49 -7.59 28.26 7.31
C PHE B 49 -8.81 29.01 6.82
N LEU B 50 -9.99 28.48 7.12
CA LEU B 50 -11.24 29.09 6.71
C LEU B 50 -11.49 30.45 7.38
N ALA B 51 -11.06 30.58 8.63
CA ALA B 51 -11.25 31.83 9.37
C ALA B 51 -10.28 32.91 8.86
N ALA B 52 -9.11 32.47 8.39
CA ALA B 52 -8.10 33.38 7.88
C ALA B 52 -8.53 33.97 6.54
N GLU B 53 -9.20 33.16 5.71
CA GLU B 53 -9.66 33.65 4.41
C GLU B 53 -10.81 34.65 4.54
N ASP B 54 -11.55 34.59 5.64
CA ASP B 54 -12.67 35.51 5.84
C ASP B 54 -13.26 35.30 7.22
N PRO B 55 -12.95 36.20 8.17
CA PRO B 55 -13.43 36.11 9.56
C PRO B 55 -14.90 36.45 9.75
N GLU B 56 -15.58 36.79 8.66
CA GLU B 56 -17.00 37.14 8.71
C GLU B 56 -17.92 36.00 8.33
N LYS B 57 -17.58 35.26 7.28
CA LYS B 57 -18.38 34.13 6.82
C LYS B 57 -18.35 33.02 7.86
N GLU B 58 -19.44 32.28 7.97
CA GLU B 58 -19.49 31.21 8.95
C GLU B 58 -18.95 29.92 8.35
N ILE B 59 -18.67 28.97 9.23
CA ILE B 59 -18.14 27.67 8.84
C ILE B 59 -19.12 26.58 9.26
N SER B 60 -19.09 25.44 8.58
CA SER B 60 -19.97 24.34 8.95
C SER B 60 -19.20 23.04 9.21
N LEU B 61 -19.52 22.41 10.33
CA LEU B 61 -18.90 21.16 10.78
C LEU B 61 -19.88 19.99 10.85
N TYR B 62 -19.94 19.17 9.81
CA TYR B 62 -20.83 18.02 9.80
C TYR B 62 -20.23 16.86 10.62
N ILE B 63 -21.02 16.23 11.48
CA ILE B 63 -20.52 15.15 12.32
C ILE B 63 -21.21 13.78 12.17
N ASN B 64 -20.38 12.73 12.10
CA ASN B 64 -20.81 11.35 11.96
C ASN B 64 -19.65 10.50 12.45
N SER B 65 -19.55 10.36 13.76
CA SER B 65 -18.47 9.60 14.39
C SER B 65 -18.82 8.99 15.73
N PRO B 66 -18.18 7.85 16.07
CA PRO B 66 -18.38 7.12 17.33
C PRO B 66 -17.60 7.68 18.49
N GLY B 67 -16.80 8.71 18.24
CA GLY B 67 -16.01 9.29 19.31
C GLY B 67 -14.54 8.91 19.26
N GLY B 68 -13.88 8.88 20.42
CA GLY B 68 -12.46 8.53 20.45
C GLY B 68 -11.68 9.03 21.64
N SER B 69 -10.49 9.58 21.37
CA SER B 69 -9.61 10.12 22.42
C SER B 69 -10.20 11.36 23.09
N ILE B 70 -9.96 11.52 24.37
CA ILE B 70 -10.51 12.69 25.07
C ILE B 70 -9.76 13.99 24.73
N THR B 71 -8.44 13.97 24.87
CA THR B 71 -7.63 15.15 24.62
C THR B 71 -7.68 15.63 23.18
N ALA B 72 -7.89 14.72 22.24
CA ALA B 72 -7.99 15.10 20.83
C ALA B 72 -9.31 15.83 20.60
N GLY B 73 -10.32 15.48 21.39
CA GLY B 73 -11.61 16.14 21.25
C GLY B 73 -11.52 17.58 21.70
N MET B 74 -10.88 17.78 22.84
CA MET B 74 -10.70 19.11 23.42
C MET B 74 -9.96 20.11 22.51
N ALA B 75 -8.93 19.63 21.80
CA ALA B 75 -8.17 20.49 20.91
C ALA B 75 -9.08 21.05 19.81
N ILE B 76 -9.97 20.21 19.29
CA ILE B 76 -10.90 20.63 18.26
C ILE B 76 -11.89 21.61 18.89
N TYR B 77 -12.30 21.28 20.11
CA TYR B 77 -13.26 22.09 20.86
C TYR B 77 -12.72 23.48 21.20
N ASP B 78 -11.45 23.55 21.61
CA ASP B 78 -10.86 24.82 21.96
C ASP B 78 -10.68 25.69 20.72
N THR B 79 -10.56 25.06 19.56
CA THR B 79 -10.38 25.78 18.31
C THR B 79 -11.71 26.40 17.84
N MET B 80 -12.78 25.61 17.87
CA MET B 80 -14.09 26.12 17.47
C MET B 80 -14.37 27.40 18.26
N GLN B 81 -13.96 27.40 19.52
CA GLN B 81 -14.16 28.52 20.44
C GLN B 81 -13.32 29.74 20.09
N PHE B 82 -12.02 29.52 19.90
CA PHE B 82 -11.08 30.59 19.58
C PHE B 82 -11.47 31.47 18.39
N ILE B 83 -11.58 30.89 17.20
CA ILE B 83 -11.91 31.69 16.02
C ILE B 83 -13.17 32.57 16.10
N LYS B 84 -13.23 33.54 15.18
CA LYS B 84 -14.33 34.49 15.11
C LYS B 84 -15.57 33.95 14.39
N PRO B 85 -15.37 33.36 13.21
CA PRO B 85 -16.55 32.84 12.52
C PRO B 85 -17.36 31.90 13.42
N LYS B 86 -18.68 31.95 13.33
CA LYS B 86 -19.52 31.07 14.12
C LYS B 86 -19.40 29.70 13.45
N VAL B 87 -19.29 28.65 14.26
CA VAL B 87 -19.21 27.29 13.74
C VAL B 87 -20.48 26.53 14.07
N SER B 88 -21.27 26.23 13.05
CA SER B 88 -22.51 25.49 13.22
C SER B 88 -22.24 23.99 13.08
N THR B 89 -22.97 23.15 13.82
CA THR B 89 -22.80 21.70 13.75
C THR B 89 -24.03 20.97 13.21
N ILE B 90 -23.80 19.88 12.48
CA ILE B 90 -24.87 19.07 11.91
C ILE B 90 -24.59 17.59 12.20
N CYS B 91 -25.52 16.91 12.87
CA CYS B 91 -25.35 15.49 13.18
C CYS B 91 -26.09 14.66 12.15
N ILE B 92 -25.33 13.87 11.40
CA ILE B 92 -25.92 13.00 10.40
C ILE B 92 -25.43 11.59 10.69
N GLY B 93 -26.37 10.68 10.91
CA GLY B 93 -25.99 9.32 11.22
C GLY B 93 -25.93 9.07 12.72
N MET B 94 -24.78 9.31 13.32
CA MET B 94 -24.59 9.07 14.75
C MET B 94 -23.45 9.88 15.35
N ALA B 95 -23.69 10.44 16.53
CA ALA B 95 -22.67 11.20 17.23
C ALA B 95 -22.55 10.58 18.64
N ALA B 96 -21.47 9.84 18.87
CA ALA B 96 -21.29 9.18 20.17
C ALA B 96 -20.08 9.63 21.00
N SER B 97 -20.31 9.78 22.31
CA SER B 97 -19.27 10.19 23.26
C SER B 97 -18.64 11.55 22.89
N MET B 98 -17.34 11.59 22.61
CA MET B 98 -16.71 12.86 22.24
C MET B 98 -17.32 13.48 21.00
N GLY B 99 -17.88 12.66 20.12
CA GLY B 99 -18.50 13.19 18.92
C GLY B 99 -19.74 13.96 19.29
N ALA B 100 -20.46 13.44 20.28
CA ALA B 100 -21.70 14.05 20.77
C ALA B 100 -21.40 15.30 21.59
N PHE B 101 -20.19 15.35 22.12
CA PHE B 101 -19.72 16.47 22.94
C PHE B 101 -19.45 17.69 22.05
N LEU B 102 -18.87 17.43 20.88
CA LEU B 102 -18.54 18.45 19.89
C LEU B 102 -19.77 18.99 19.22
N LEU B 103 -20.76 18.12 19.05
CA LEU B 103 -21.99 18.55 18.42
C LEU B 103 -22.58 19.63 19.33
N ALA B 104 -22.65 19.32 20.63
CA ALA B 104 -23.20 20.21 21.66
C ALA B 104 -22.48 21.56 21.76
N ALA B 105 -21.25 21.61 21.26
CA ALA B 105 -20.43 22.82 21.29
C ALA B 105 -20.62 23.77 20.09
N GLY B 106 -21.49 23.40 19.15
CA GLY B 106 -21.74 24.29 18.03
C GLY B 106 -22.42 25.56 18.57
N GLU B 107 -22.44 26.61 17.76
CA GLU B 107 -23.03 27.88 18.14
C GLU B 107 -24.50 27.70 18.55
N LYS B 108 -24.88 28.21 19.72
CA LYS B 108 -26.26 28.12 20.17
C LYS B 108 -27.17 28.63 19.06
N GLY B 109 -28.18 27.84 18.71
CA GLY B 109 -29.10 28.23 17.66
C GLY B 109 -28.72 27.65 16.32
N LYS B 110 -27.52 27.10 16.23
CA LYS B 110 -27.05 26.51 14.97
C LYS B 110 -26.62 25.05 15.14
N ARG B 111 -27.16 24.37 16.14
CA ARG B 111 -26.82 22.96 16.37
C ARG B 111 -27.97 22.10 15.81
N TYR B 112 -27.76 21.53 14.64
CA TYR B 112 -28.80 20.75 13.99
C TYR B 112 -28.67 19.24 14.19
N ALA B 113 -29.54 18.49 13.52
CA ALA B 113 -29.56 17.03 13.56
C ALA B 113 -30.65 16.59 12.59
N LEU B 114 -30.31 15.68 11.69
CA LEU B 114 -31.29 15.19 10.73
C LEU B 114 -32.32 14.28 11.45
N PRO B 115 -33.50 14.08 10.82
CA PRO B 115 -34.60 13.26 11.35
C PRO B 115 -34.24 11.94 12.07
N ASN B 116 -33.41 11.13 11.44
CA ASN B 116 -33.06 9.86 12.03
C ASN B 116 -31.69 9.72 12.67
N SER B 117 -31.09 10.84 13.05
CA SER B 117 -29.78 10.85 13.70
C SER B 117 -29.90 10.16 15.05
N GLU B 118 -28.76 9.82 15.66
CA GLU B 118 -28.75 9.16 16.97
C GLU B 118 -27.65 9.81 17.80
N VAL B 119 -27.84 9.91 19.12
CA VAL B 119 -26.82 10.54 19.99
C VAL B 119 -26.51 9.70 21.24
N MET B 120 -25.23 9.53 21.56
CA MET B 120 -24.86 8.70 22.72
C MET B 120 -23.85 9.33 23.69
N ILE B 121 -24.16 9.30 24.99
CA ILE B 121 -23.29 9.85 26.03
C ILE B 121 -22.96 8.83 27.14
N HIS B 122 -21.70 8.74 27.53
CA HIS B 122 -21.31 7.80 28.58
C HIS B 122 -20.07 8.35 29.29
N GLN B 123 -19.56 7.61 30.29
CA GLN B 123 -18.38 8.08 31.00
C GLN B 123 -17.07 7.68 30.30
N PRO B 124 -15.92 8.27 30.70
CA PRO B 124 -14.65 7.93 30.06
C PRO B 124 -14.27 6.47 30.27
N LEU B 125 -13.28 6.00 29.49
CA LEU B 125 -12.79 4.63 29.57
C LEU B 125 -11.27 4.64 29.64
N GLY B 126 -10.70 3.78 30.48
CA GLY B 126 -9.25 3.71 30.62
C GLY B 126 -8.78 2.47 31.37
N GLY B 127 -7.56 2.52 31.89
CA GLY B 127 -7.03 1.38 32.63
C GLY B 127 -5.82 1.70 33.49
N ALA B 128 -5.61 0.90 34.54
CA ALA B 128 -4.49 1.08 35.47
C ALA B 128 -3.83 -0.25 35.80
N GLN B 129 -2.50 -0.26 35.89
CA GLN B 129 -1.75 -1.49 36.19
C GLN B 129 -0.47 -1.16 36.95
N GLY B 130 -0.12 -1.99 37.94
CA GLY B 130 1.10 -1.76 38.70
C GLY B 130 0.94 -1.82 40.20
N GLN B 131 1.65 -0.92 40.89
CA GLN B 131 1.60 -0.84 42.35
C GLN B 131 0.33 -0.10 42.75
N ALA B 132 -0.05 -0.21 44.02
CA ALA B 132 -1.26 0.45 44.51
C ALA B 132 -1.17 1.95 44.25
N THR B 133 0.02 2.49 44.44
CA THR B 133 0.28 3.92 44.23
C THR B 133 0.10 4.35 42.78
N GLU B 134 0.47 3.48 41.86
CA GLU B 134 0.36 3.79 40.44
C GLU B 134 -1.08 3.67 39.97
N ILE B 135 -1.80 2.69 40.49
CA ILE B 135 -3.20 2.50 40.12
C ILE B 135 -3.97 3.73 40.60
N GLU B 136 -3.63 4.21 41.80
CA GLU B 136 -4.27 5.37 42.40
C GLU B 136 -4.13 6.65 41.54
N ILE B 137 -2.99 6.80 40.88
CA ILE B 137 -2.75 7.98 40.03
C ILE B 137 -3.62 7.93 38.78
N ALA B 138 -3.79 6.73 38.23
CA ALA B 138 -4.64 6.55 37.06
C ALA B 138 -6.09 6.80 37.50
N ALA B 139 -6.39 6.46 38.75
CA ALA B 139 -7.72 6.67 39.29
C ALA B 139 -8.06 8.16 39.35
N LYS B 140 -7.19 8.95 39.97
CA LYS B 140 -7.41 10.39 40.10
C LYS B 140 -7.54 11.14 38.77
N ARG B 141 -6.80 10.72 37.76
CA ARG B 141 -6.88 11.43 36.48
C ARG B 141 -8.22 11.23 35.77
N ILE B 142 -8.62 9.97 35.55
CA ILE B 142 -9.86 9.69 34.83
C ILE B 142 -11.13 10.19 35.55
N LEU B 143 -11.11 10.18 36.88
CA LEU B 143 -12.24 10.66 37.66
C LEU B 143 -12.31 12.19 37.50
N LEU B 144 -11.17 12.82 37.25
CA LEU B 144 -11.14 14.26 37.03
C LEU B 144 -11.65 14.60 35.63
N LEU B 145 -11.29 13.77 34.65
CA LEU B 145 -11.70 13.98 33.27
C LEU B 145 -13.20 13.88 33.11
N ARG B 146 -13.87 13.18 34.02
CA ARG B 146 -15.32 13.06 33.92
C ARG B 146 -15.90 14.40 34.35
N ASP B 147 -15.42 14.90 35.49
CA ASP B 147 -15.85 16.17 36.03
C ASP B 147 -15.64 17.35 35.08
N LYS B 148 -14.50 17.38 34.39
CA LYS B 148 -14.23 18.47 33.45
C LYS B 148 -15.18 18.41 32.25
N LEU B 149 -15.29 17.24 31.64
CA LEU B 149 -16.16 17.04 30.48
C LEU B 149 -17.62 17.18 30.88
N ASN B 150 -17.95 16.79 32.12
CA ASN B 150 -19.33 16.86 32.61
C ASN B 150 -19.83 18.26 32.95
N LYS B 151 -18.91 19.16 33.28
CA LYS B 151 -19.31 20.51 33.60
C LYS B 151 -19.60 21.27 32.31
N VAL B 152 -18.79 21.06 31.29
CA VAL B 152 -19.02 21.73 30.03
C VAL B 152 -20.37 21.32 29.43
N LEU B 153 -20.62 20.00 29.36
CA LEU B 153 -21.89 19.52 28.83
C LEU B 153 -23.07 20.06 29.62
N ALA B 154 -22.89 20.29 30.92
CA ALA B 154 -23.94 20.83 31.76
C ALA B 154 -24.34 22.24 31.30
N GLU B 155 -23.34 23.07 31.04
CA GLU B 155 -23.55 24.44 30.57
C GLU B 155 -24.17 24.48 29.17
N ARG B 156 -23.74 23.56 28.31
CA ARG B 156 -24.22 23.46 26.93
C ARG B 156 -25.66 22.99 26.78
N THR B 157 -26.13 22.19 27.73
CA THR B 157 -27.49 21.63 27.67
C THR B 157 -28.47 22.30 28.64
N GLY B 158 -28.00 22.60 29.84
CA GLY B 158 -28.85 23.19 30.84
C GLY B 158 -29.04 22.20 31.98
N GLN B 159 -28.65 20.95 31.75
CA GLN B 159 -28.76 19.94 32.79
C GLN B 159 -27.66 20.18 33.84
N PRO B 160 -28.01 20.09 35.14
CA PRO B 160 -27.05 20.30 36.22
C PRO B 160 -26.11 19.10 36.30
N LEU B 161 -24.86 19.36 36.70
CA LEU B 161 -23.81 18.33 36.81
C LEU B 161 -24.23 16.94 37.33
N GLU B 162 -24.92 16.87 38.46
CA GLU B 162 -25.34 15.59 39.01
C GLU B 162 -26.17 14.79 38.01
N VAL B 163 -27.10 15.44 37.32
CA VAL B 163 -27.92 14.75 36.31
C VAL B 163 -27.04 14.19 35.18
N ILE B 164 -26.00 14.93 34.80
CA ILE B 164 -25.10 14.47 33.75
C ILE B 164 -24.34 13.27 34.31
N GLU B 165 -24.04 13.32 35.60
CA GLU B 165 -23.32 12.24 36.28
C GLU B 165 -24.01 10.88 36.22
N ARG B 166 -25.24 10.86 36.71
CA ARG B 166 -26.06 9.66 36.75
C ARG B 166 -26.49 9.15 35.37
N ASP B 167 -26.87 10.08 34.49
CA ASP B 167 -27.33 9.72 33.17
C ASP B 167 -26.24 9.11 32.29
N THR B 168 -24.98 9.38 32.61
CA THR B 168 -23.87 8.82 31.84
C THR B 168 -23.12 7.76 32.63
N ASP B 169 -23.79 7.15 33.61
CA ASP B 169 -23.15 6.11 34.41
C ASP B 169 -22.98 4.87 33.58
N ARG B 170 -23.94 4.65 32.68
CA ARG B 170 -23.87 3.53 31.74
C ARG B 170 -24.24 4.13 30.38
N ASP B 171 -24.06 3.37 29.29
CA ASP B 171 -24.39 3.89 27.95
C ASP B 171 -25.80 4.40 27.90
N ASN B 172 -25.97 5.53 27.23
CA ASN B 172 -27.25 6.22 27.11
C ASN B 172 -27.47 6.74 25.68
N PHE B 173 -28.22 5.99 24.86
CA PHE B 173 -28.50 6.40 23.49
C PHE B 173 -29.83 7.16 23.40
N LYS B 174 -29.82 8.30 22.70
CA LYS B 174 -31.04 9.10 22.53
C LYS B 174 -31.34 9.38 21.06
N SER B 175 -32.63 9.57 20.76
CA SER B 175 -33.09 9.83 19.40
C SER B 175 -32.92 11.31 19.09
N ALA B 176 -33.21 11.70 17.85
CA ALA B 176 -33.09 13.09 17.46
C ALA B 176 -34.05 13.92 18.33
N GLU B 177 -35.19 13.32 18.64
CA GLU B 177 -36.19 14.00 19.46
C GLU B 177 -35.78 14.04 20.95
N GLU B 178 -35.01 13.09 21.43
CA GLU B 178 -34.61 13.13 22.83
C GLU B 178 -33.37 13.99 23.03
N ALA B 179 -32.62 14.21 21.96
CA ALA B 179 -31.44 15.05 22.05
C ALA B 179 -31.88 16.50 22.09
N LEU B 180 -32.94 16.81 21.32
CA LEU B 180 -33.49 18.16 21.30
C LEU B 180 -33.98 18.56 22.70
N GLU B 181 -34.59 17.61 23.40
CA GLU B 181 -35.09 17.87 24.74
C GLU B 181 -34.00 17.93 25.80
N TYR B 182 -33.09 16.95 25.79
CA TYR B 182 -32.03 16.96 26.79
C TYR B 182 -31.25 18.28 26.70
N GLY B 183 -31.26 18.89 25.52
CA GLY B 183 -30.56 20.16 25.31
C GLY B 183 -29.25 20.11 24.53
N LEU B 184 -29.05 19.03 23.79
CA LEU B 184 -27.85 18.82 22.98
C LEU B 184 -27.89 19.49 21.59
N ILE B 185 -29.09 19.69 21.04
CA ILE B 185 -29.26 20.34 19.73
C ILE B 185 -30.38 21.38 19.78
N ASP B 186 -30.52 22.15 18.70
CA ASP B 186 -31.50 23.21 18.62
C ASP B 186 -32.63 23.01 17.61
N LYS B 187 -32.32 22.33 16.52
CA LYS B 187 -33.33 22.11 15.49
C LYS B 187 -33.09 20.86 14.65
N ILE B 188 -34.18 20.26 14.20
CA ILE B 188 -34.08 19.08 13.37
C ILE B 188 -34.39 19.48 11.93
N LEU B 189 -33.45 19.22 11.03
CA LEU B 189 -33.62 19.55 9.62
C LEU B 189 -34.56 18.54 8.98
N THR B 190 -35.82 18.94 8.83
CA THR B 190 -36.81 18.06 8.24
C THR B 190 -36.47 17.82 6.76
N HIS B 191 -37.30 18.35 5.87
CA HIS B 191 -37.09 18.22 4.43
C HIS B 191 -36.75 19.60 3.86
N ASP C 18 -1.12 20.31 0.22
CA ASP C 18 -1.62 19.81 1.53
C ASP C 18 -2.15 20.97 2.37
N ILE C 19 -2.81 20.65 3.48
CA ILE C 19 -3.35 21.67 4.37
C ILE C 19 -2.22 22.28 5.21
N TYR C 20 -1.15 21.50 5.37
CA TYR C 20 0.01 21.96 6.12
C TYR C 20 0.96 22.68 5.18
N SER C 21 0.76 22.43 3.88
CA SER C 21 1.56 23.06 2.83
C SER C 21 1.19 24.53 2.79
N ARG C 22 0.05 24.84 3.39
CA ARG C 22 -0.46 26.19 3.46
C ARG C 22 -0.01 26.86 4.77
N LEU C 23 0.10 26.06 5.83
CA LEU C 23 0.53 26.56 7.13
C LEU C 23 2.03 26.82 7.16
N LEU C 24 2.76 26.14 6.29
CA LEU C 24 4.21 26.34 6.22
C LEU C 24 4.40 27.64 5.45
N LYS C 25 3.60 27.78 4.40
CA LYS C 25 3.63 28.95 3.54
C LYS C 25 3.56 30.24 4.38
N ASP C 26 3.17 30.09 5.64
CA ASP C 26 3.06 31.22 6.56
C ASP C 26 3.85 31.02 7.85
N ARG C 27 4.83 30.14 7.81
CA ARG C 27 5.71 29.87 8.93
C ARG C 27 5.08 29.18 10.14
N ILE C 28 4.39 28.08 9.90
CA ILE C 28 3.76 27.30 10.96
C ILE C 28 4.10 25.84 10.83
N ILE C 29 4.67 25.27 11.88
CA ILE C 29 5.04 23.86 11.87
C ILE C 29 4.18 23.05 12.82
N MET C 30 3.75 21.88 12.35
CA MET C 30 2.86 21.00 13.12
C MET C 30 3.43 19.70 13.71
N LEU C 31 3.78 19.70 14.99
CA LEU C 31 4.30 18.48 15.65
C LEU C 31 3.11 17.76 16.32
N GLY C 32 2.42 16.91 15.58
CA GLY C 32 1.27 16.22 16.16
C GLY C 32 1.28 14.69 16.18
N SER C 33 2.29 14.10 16.81
CA SER C 33 2.39 12.64 16.88
C SER C 33 3.53 12.20 17.81
N ALA C 34 3.65 10.90 18.04
CA ALA C 34 4.70 10.39 18.90
C ALA C 34 6.01 10.89 18.31
N ILE C 35 7.01 11.11 19.16
CA ILE C 35 8.29 11.62 18.69
C ILE C 35 9.30 10.50 18.49
N ASP C 36 9.61 10.23 17.23
CA ASP C 36 10.59 9.22 16.85
C ASP C 36 11.54 9.95 15.88
N ASP C 37 12.56 9.26 15.39
CA ASP C 37 13.50 9.89 14.48
C ASP C 37 12.88 10.62 13.28
N ASN C 38 12.06 9.92 12.50
CA ASN C 38 11.41 10.51 11.32
C ASN C 38 10.76 11.87 11.54
N VAL C 39 9.93 11.96 12.56
CA VAL C 39 9.28 13.22 12.84
C VAL C 39 10.32 14.26 13.21
N ALA C 40 11.26 13.87 14.06
CA ALA C 40 12.31 14.80 14.50
C ALA C 40 13.16 15.32 13.35
N ASN C 41 13.27 14.54 12.28
CA ASN C 41 14.07 14.98 11.14
C ASN C 41 13.28 15.91 10.22
N SER C 42 11.96 15.72 10.24
CA SER C 42 11.05 16.51 9.41
C SER C 42 10.90 17.91 9.98
N ILE C 43 10.77 17.99 11.31
CA ILE C 43 10.63 19.27 11.97
C ILE C 43 11.92 20.07 11.88
N VAL C 44 13.05 19.38 11.81
CA VAL C 44 14.32 20.08 11.71
C VAL C 44 14.48 20.68 10.31
N SER C 45 14.14 19.92 9.29
CA SER C 45 14.24 20.39 7.91
C SER C 45 13.45 21.69 7.73
N GLN C 46 12.22 21.70 8.21
CA GLN C 46 11.35 22.88 8.09
C GLN C 46 11.86 24.13 8.81
N LEU C 47 12.28 23.99 10.07
CA LEU C 47 12.79 25.13 10.83
C LEU C 47 13.90 25.82 10.04
N LEU C 48 14.86 25.03 9.57
CA LEU C 48 15.99 25.56 8.82
C LEU C 48 15.56 26.30 7.56
N PHE C 49 14.59 25.75 6.85
CA PHE C 49 14.07 26.37 5.63
C PHE C 49 13.47 27.75 5.90
N LEU C 50 12.66 27.85 6.95
CA LEU C 50 12.01 29.12 7.30
C LEU C 50 12.99 30.17 7.81
N ALA C 51 14.04 29.72 8.48
CA ALA C 51 15.07 30.63 8.99
C ALA C 51 15.82 31.12 7.76
N ALA C 52 15.77 30.32 6.69
CA ALA C 52 16.45 30.63 5.45
C ALA C 52 15.70 31.66 4.58
N GLU C 53 14.43 31.44 4.33
CA GLU C 53 13.66 32.39 3.51
C GLU C 53 13.68 33.79 4.11
N ASP C 54 13.88 33.86 5.42
CA ASP C 54 13.93 35.14 6.12
C ASP C 54 14.19 34.88 7.60
N PRO C 55 15.36 35.29 8.10
CA PRO C 55 15.77 35.11 9.49
C PRO C 55 15.19 36.10 10.50
N GLU C 56 14.21 36.89 10.08
CA GLU C 56 13.61 37.87 10.98
C GLU C 56 12.23 37.41 11.47
N LYS C 57 11.30 37.23 10.54
CA LYS C 57 9.93 36.79 10.88
C LYS C 57 9.97 35.62 11.87
N GLU C 58 9.00 35.58 12.78
CA GLU C 58 8.98 34.49 13.74
C GLU C 58 8.41 33.21 13.13
N ILE C 59 8.53 32.12 13.88
CA ILE C 59 8.04 30.81 13.42
C ILE C 59 7.17 30.20 14.52
N SER C 60 6.05 29.60 14.13
CA SER C 60 5.16 28.98 15.11
C SER C 60 5.11 27.46 15.04
N LEU C 61 5.30 26.84 16.21
CA LEU C 61 5.28 25.38 16.33
C LEU C 61 4.11 24.89 17.18
N TYR C 62 3.10 24.29 16.56
CA TYR C 62 1.95 23.77 17.31
C TYR C 62 2.20 22.36 17.80
N ILE C 63 1.98 22.10 19.09
CA ILE C 63 2.24 20.78 19.66
C ILE C 63 1.04 20.01 20.25
N ASN C 64 0.96 18.73 19.91
CA ASN C 64 -0.10 17.83 20.40
C ASN C 64 0.50 16.44 20.32
N SER C 65 1.28 16.06 21.34
CA SER C 65 1.96 14.76 21.35
C SER C 65 2.14 14.07 22.69
N PRO C 66 2.23 12.72 22.67
CA PRO C 66 2.40 11.78 23.80
C PRO C 66 3.84 11.62 24.26
N GLY C 67 4.77 12.02 23.42
CA GLY C 67 6.18 11.91 23.76
C GLY C 67 6.94 10.99 22.81
N GLY C 68 8.01 10.39 23.31
CA GLY C 68 8.79 9.50 22.45
C GLY C 68 10.25 9.43 22.82
N SER C 69 11.08 9.17 21.82
CA SER C 69 12.53 9.06 21.98
C SER C 69 13.15 10.31 22.61
N ILE C 70 13.98 10.12 23.64
CA ILE C 70 14.63 11.26 24.29
C ILE C 70 15.59 11.91 23.30
N THR C 71 16.34 11.11 22.56
CA THR C 71 17.28 11.68 21.59
C THR C 71 16.59 12.38 20.41
N ALA C 72 15.43 11.88 19.98
CA ALA C 72 14.71 12.49 18.87
C ALA C 72 14.24 13.89 19.21
N GLY C 73 13.81 14.08 20.45
CA GLY C 73 13.34 15.39 20.89
C GLY C 73 14.46 16.39 21.07
N MET C 74 15.60 15.92 21.58
CA MET C 74 16.73 16.80 21.78
C MET C 74 17.16 17.37 20.42
N ALA C 75 17.02 16.55 19.38
CA ALA C 75 17.38 16.96 18.02
C ALA C 75 16.58 18.18 17.59
N ILE C 76 15.36 18.28 18.09
CA ILE C 76 14.48 19.39 17.76
C ILE C 76 14.76 20.52 18.74
N TYR C 77 15.06 20.16 19.97
CA TYR C 77 15.36 21.12 21.01
C TYR C 77 16.55 21.99 20.62
N ASP C 78 17.53 21.37 19.97
CA ASP C 78 18.72 22.09 19.56
C ASP C 78 18.56 22.92 18.30
N THR C 79 17.71 22.51 17.37
CA THR C 79 17.53 23.30 16.14
C THR C 79 16.78 24.60 16.48
N MET C 80 15.94 24.56 17.50
CA MET C 80 15.18 25.74 17.92
C MET C 80 16.17 26.78 18.45
N GLN C 81 17.18 26.30 19.20
CA GLN C 81 18.21 27.15 19.80
C GLN C 81 19.15 27.77 18.79
N PHE C 82 19.51 27.01 17.76
CA PHE C 82 20.44 27.49 16.75
C PHE C 82 19.94 28.58 15.80
N ILE C 83 18.80 28.34 15.13
CA ILE C 83 18.30 29.31 14.17
C ILE C 83 17.98 30.67 14.80
N LYS C 84 17.88 31.69 13.96
CA LYS C 84 17.62 33.05 14.42
C LYS C 84 16.17 33.35 14.78
N PRO C 85 15.23 33.09 13.86
CA PRO C 85 13.80 33.35 14.11
C PRO C 85 13.31 32.82 15.45
N LYS C 86 12.60 33.66 16.19
CA LYS C 86 12.06 33.28 17.50
C LYS C 86 10.99 32.23 17.25
N VAL C 87 11.05 31.13 18.00
CA VAL C 87 10.11 30.02 17.84
C VAL C 87 9.05 29.95 18.93
N SER C 88 7.80 30.25 18.56
CA SER C 88 6.73 30.20 19.55
C SER C 88 6.08 28.81 19.60
N THR C 89 5.69 28.43 20.81
CA THR C 89 5.09 27.14 21.08
C THR C 89 3.61 27.20 21.55
N ILE C 90 2.75 26.41 20.89
CA ILE C 90 1.32 26.35 21.25
C ILE C 90 0.92 24.89 21.51
N CYS C 91 0.53 24.59 22.74
CA CYS C 91 0.08 23.24 23.09
C CYS C 91 -1.40 23.10 22.73
N ILE C 92 -1.69 22.35 21.68
CA ILE C 92 -3.06 22.15 21.26
C ILE C 92 -3.53 20.72 21.56
N GLY C 93 -4.04 20.51 22.76
CA GLY C 93 -4.51 19.19 23.15
C GLY C 93 -3.78 18.57 24.32
N MET C 94 -2.61 17.99 24.06
CA MET C 94 -1.82 17.35 25.11
C MET C 94 -0.35 17.31 24.76
N ALA C 95 0.48 17.53 25.77
CA ALA C 95 1.92 17.48 25.59
C ALA C 95 2.46 16.66 26.75
N ALA C 96 2.82 15.41 26.49
CA ALA C 96 3.32 14.56 27.56
C ALA C 96 4.79 14.22 27.41
N SER C 97 5.48 14.11 28.55
CA SER C 97 6.89 13.74 28.58
C SER C 97 7.73 14.70 27.71
N MET C 98 8.44 14.17 26.70
CA MET C 98 9.28 14.96 25.82
C MET C 98 8.54 16.09 25.06
N GLY C 99 7.21 15.96 24.97
CA GLY C 99 6.44 16.97 24.29
C GLY C 99 6.26 18.13 25.24
N ALA C 100 6.11 17.78 26.52
CA ALA C 100 5.95 18.78 27.56
C ALA C 100 7.25 19.60 27.57
N PHE C 101 8.36 18.90 27.34
CA PHE C 101 9.71 19.46 27.34
C PHE C 101 9.93 20.49 26.22
N LEU C 102 9.42 20.22 25.02
CA LEU C 102 9.57 21.14 23.90
C LEU C 102 8.65 22.36 24.00
N LEU C 103 7.48 22.20 24.62
CA LEU C 103 6.56 23.31 24.79
C LEU C 103 7.24 24.36 25.69
N ALA C 104 7.79 23.87 26.81
CA ALA C 104 8.49 24.70 27.78
C ALA C 104 9.78 25.30 27.17
N ALA C 105 10.21 24.74 26.05
CA ALA C 105 11.42 25.20 25.38
C ALA C 105 11.15 26.35 24.41
N GLY C 106 9.88 26.72 24.23
CA GLY C 106 9.55 27.82 23.35
C GLY C 106 10.11 29.11 23.88
N GLU C 107 10.24 30.11 23.01
CA GLU C 107 10.80 31.43 23.39
C GLU C 107 10.07 32.02 24.58
N LYS C 108 10.80 32.30 25.66
CA LYS C 108 10.23 32.88 26.87
C LYS C 108 9.22 33.98 26.54
N GLY C 109 7.97 33.78 26.91
CA GLY C 109 6.94 34.77 26.64
C GLY C 109 6.07 34.43 25.44
N LYS C 110 6.51 33.44 24.67
CA LYS C 110 5.78 32.98 23.49
C LYS C 110 5.40 31.50 23.63
N ARG C 111 5.19 31.05 24.86
CA ARG C 111 4.78 29.66 25.14
C ARG C 111 3.26 29.65 25.42
N TYR C 112 2.50 29.08 24.49
CA TYR C 112 1.06 29.04 24.58
C TYR C 112 0.41 27.67 24.88
N ALA C 113 -0.84 27.70 25.32
CA ALA C 113 -1.63 26.51 25.63
C ALA C 113 -3.10 26.89 25.53
N LEU C 114 -3.95 25.97 25.08
CA LEU C 114 -5.36 26.29 24.99
C LEU C 114 -5.99 25.89 26.34
N PRO C 115 -7.20 26.42 26.64
CA PRO C 115 -7.93 26.18 27.89
C PRO C 115 -8.01 24.75 28.45
N ASN C 116 -8.50 23.80 27.67
CA ASN C 116 -8.61 22.45 28.18
C ASN C 116 -7.42 21.57 27.85
N SER C 117 -6.32 22.19 27.46
CA SER C 117 -5.11 21.45 27.16
C SER C 117 -4.67 20.77 28.45
N GLU C 118 -3.77 19.81 28.28
CA GLU C 118 -3.25 19.02 29.38
C GLU C 118 -1.75 18.88 29.14
N VAL C 119 -0.98 18.95 30.22
CA VAL C 119 0.48 18.82 30.14
C VAL C 119 0.93 17.80 31.18
N MET C 120 1.83 16.89 30.80
CA MET C 120 2.29 15.86 31.74
C MET C 120 3.81 15.64 31.77
N ILE C 121 4.37 15.59 32.97
CA ILE C 121 5.80 15.37 33.16
C ILE C 121 6.12 14.17 34.08
N HIS C 122 7.08 13.34 33.67
CA HIS C 122 7.54 12.17 34.43
C HIS C 122 9.05 11.93 34.24
N GLN C 123 9.51 10.73 34.59
CA GLN C 123 10.92 10.41 34.42
C GLN C 123 11.11 9.43 33.26
N PRO C 124 12.33 9.34 32.72
CA PRO C 124 12.64 8.44 31.60
C PRO C 124 12.29 6.96 31.80
N LEU C 125 11.94 6.29 30.71
CA LEU C 125 11.56 4.88 30.73
C LEU C 125 12.46 4.05 29.80
N GLY C 126 12.77 2.82 30.21
CA GLY C 126 13.60 1.93 29.41
C GLY C 126 13.69 0.49 29.91
N GLY C 127 14.64 -0.25 29.37
CA GLY C 127 14.84 -1.64 29.77
C GLY C 127 16.26 -2.14 29.54
N ALA C 128 16.62 -3.25 30.19
CA ALA C 128 17.96 -3.82 30.09
C ALA C 128 17.90 -5.34 30.35
N GLN C 129 18.51 -6.11 29.45
CA GLN C 129 18.50 -7.56 29.54
C GLN C 129 19.86 -8.21 29.25
N GLY C 130 20.47 -8.83 30.27
CA GLY C 130 21.74 -9.48 30.10
C GLY C 130 22.50 -9.72 31.39
N GLN C 131 23.82 -9.57 31.32
CA GLN C 131 24.71 -9.74 32.47
C GLN C 131 24.61 -8.56 33.42
N ALA C 132 25.12 -8.71 34.64
CA ALA C 132 25.10 -7.61 35.61
C ALA C 132 25.79 -6.39 35.00
N THR C 133 26.86 -6.65 34.24
CA THR C 133 27.63 -5.62 33.56
C THR C 133 26.83 -4.89 32.48
N GLU C 134 25.98 -5.62 31.76
CA GLU C 134 25.19 -4.99 30.72
C GLU C 134 24.07 -4.18 31.35
N ILE C 135 23.52 -4.69 32.45
CA ILE C 135 22.44 -4.02 33.18
C ILE C 135 22.96 -2.72 33.78
N GLU C 136 24.18 -2.78 34.31
CA GLU C 136 24.80 -1.63 34.93
C GLU C 136 25.04 -0.51 33.91
N ILE C 137 25.42 -0.88 32.70
CA ILE C 137 25.66 0.10 31.64
C ILE C 137 24.39 0.88 31.28
N ALA C 138 23.26 0.18 31.23
CA ALA C 138 21.99 0.80 30.91
C ALA C 138 21.46 1.65 32.07
N ALA C 139 21.71 1.20 33.30
CA ALA C 139 21.28 1.92 34.50
C ALA C 139 21.87 3.33 34.53
N LYS C 140 23.18 3.42 34.32
CA LYS C 140 23.88 4.69 34.34
C LYS C 140 23.47 5.67 33.24
N ARG C 141 23.23 5.17 32.04
CA ARG C 141 22.84 6.04 30.94
C ARG C 141 21.50 6.72 31.18
N ILE C 142 20.50 5.94 31.57
CA ILE C 142 19.18 6.49 31.80
C ILE C 142 19.13 7.45 33.00
N LEU C 143 19.92 7.20 34.04
CA LEU C 143 19.96 8.09 35.20
C LEU C 143 20.58 9.43 34.78
N LEU C 144 21.54 9.38 33.84
CA LEU C 144 22.15 10.61 33.39
C LEU C 144 21.11 11.44 32.65
N LEU C 145 20.47 10.84 31.66
CA LEU C 145 19.44 11.51 30.89
C LEU C 145 18.41 12.18 31.79
N ARG C 146 17.92 11.43 32.77
CA ARG C 146 16.93 11.93 33.71
C ARG C 146 17.47 13.17 34.42
N ASP C 147 18.77 13.18 34.67
CA ASP C 147 19.39 14.30 35.35
C ASP C 147 19.61 15.50 34.40
N LYS C 148 19.81 15.21 33.12
CA LYS C 148 20.01 16.25 32.13
C LYS C 148 18.68 16.92 31.80
N LEU C 149 17.62 16.14 31.79
CA LEU C 149 16.30 16.69 31.50
C LEU C 149 15.80 17.55 32.67
N ASN C 150 15.97 17.04 33.88
CA ASN C 150 15.55 17.72 35.11
C ASN C 150 16.14 19.10 35.28
N LYS C 151 17.40 19.26 34.90
CA LYS C 151 18.04 20.55 35.03
C LYS C 151 17.46 21.52 34.01
N VAL C 152 17.39 21.14 32.74
CA VAL C 152 16.82 22.04 31.74
C VAL C 152 15.36 22.44 32.07
N LEU C 153 14.67 21.63 32.87
CA LEU C 153 13.27 21.93 33.27
C LEU C 153 13.24 22.97 34.39
N ALA C 154 14.17 22.88 35.32
CA ALA C 154 14.23 23.83 36.41
C ALA C 154 14.59 25.23 35.87
N GLU C 155 15.30 25.26 34.75
CA GLU C 155 15.71 26.51 34.13
C GLU C 155 14.62 27.16 33.29
N ARG C 156 13.76 26.36 32.66
CA ARG C 156 12.67 26.90 31.85
C ARG C 156 11.43 27.23 32.69
N THR C 157 11.36 26.67 33.89
CA THR C 157 10.23 26.91 34.75
C THR C 157 10.58 27.89 35.86
N GLY C 158 11.74 27.68 36.47
CA GLY C 158 12.15 28.56 37.56
C GLY C 158 12.03 27.78 38.86
N GLN C 159 11.62 26.52 38.75
CA GLN C 159 11.48 25.66 39.91
C GLN C 159 12.85 25.16 40.35
N PRO C 160 13.06 25.01 41.67
CA PRO C 160 14.37 24.51 42.12
C PRO C 160 14.50 23.02 41.78
N LEU C 161 15.67 22.61 41.28
CA LEU C 161 15.93 21.20 40.90
C LEU C 161 15.47 20.17 41.94
N GLU C 162 15.60 20.50 43.22
CA GLU C 162 15.19 19.59 44.31
C GLU C 162 13.69 19.39 44.31
N VAL C 163 12.99 20.11 43.43
CA VAL C 163 11.54 20.00 43.33
C VAL C 163 11.19 19.25 42.05
N ILE C 164 11.82 19.63 40.95
CA ILE C 164 11.58 18.95 39.69
C ILE C 164 11.83 17.46 39.91
N GLU C 165 12.79 17.16 40.78
CA GLU C 165 13.18 15.77 41.08
C GLU C 165 12.12 14.89 41.71
N ARG C 166 11.41 15.44 42.69
CA ARG C 166 10.35 14.72 43.38
C ARG C 166 9.01 14.78 42.61
N ASP C 167 8.81 15.87 41.86
CA ASP C 167 7.59 16.08 41.09
C ASP C 167 7.48 15.19 39.84
N THR C 168 8.61 14.60 39.43
CA THR C 168 8.62 13.72 38.26
C THR C 168 8.91 12.26 38.65
N ASP C 169 8.90 11.98 39.94
CA ASP C 169 9.14 10.62 40.45
C ASP C 169 8.12 9.67 39.83
N ARG C 170 6.86 10.10 39.79
CA ARG C 170 5.77 9.31 39.22
C ARG C 170 4.96 10.21 38.23
N ASP C 171 4.11 9.63 37.40
CA ASP C 171 3.35 10.43 36.45
C ASP C 171 2.60 11.59 37.12
N ASN C 172 2.84 12.79 36.60
CA ASN C 172 2.25 14.04 37.10
C ASN C 172 1.50 14.80 35.99
N PHE C 173 0.17 14.77 36.06
CA PHE C 173 -0.68 15.42 35.08
C PHE C 173 -1.11 16.83 35.53
N LYS C 174 -1.17 17.77 34.58
CA LYS C 174 -1.54 19.15 34.88
C LYS C 174 -2.38 19.80 33.79
N SER C 175 -3.33 20.62 34.23
CA SER C 175 -4.24 21.35 33.35
C SER C 175 -3.51 22.61 32.87
N ALA C 176 -4.14 23.37 31.97
CA ALA C 176 -3.54 24.59 31.44
C ALA C 176 -3.19 25.59 32.54
N GLU C 177 -4.08 25.73 33.52
CA GLU C 177 -3.86 26.67 34.61
C GLU C 177 -2.67 26.24 35.47
N GLU C 178 -2.62 24.98 35.86
CA GLU C 178 -1.52 24.50 36.69
C GLU C 178 -0.20 24.56 35.95
N ALA C 179 -0.26 24.40 34.63
CA ALA C 179 0.92 24.46 33.78
C ALA C 179 1.48 25.87 33.87
N LEU C 180 0.57 26.86 33.89
CA LEU C 180 0.98 28.25 34.00
C LEU C 180 1.56 28.52 35.38
N GLU C 181 0.93 27.97 36.42
CA GLU C 181 1.43 28.18 37.77
C GLU C 181 2.76 27.50 37.97
N TYR C 182 3.06 26.53 37.12
CA TYR C 182 4.32 25.81 37.22
C TYR C 182 5.43 26.47 36.39
N GLY C 183 5.04 27.32 35.44
CA GLY C 183 6.03 27.98 34.61
C GLY C 183 6.38 27.25 33.33
N LEU C 184 5.55 26.28 32.94
CA LEU C 184 5.80 25.54 31.71
C LEU C 184 5.30 26.35 30.51
N ILE C 185 4.18 27.06 30.66
CA ILE C 185 3.64 27.91 29.59
C ILE C 185 3.63 29.35 30.09
N ASP C 186 3.44 30.31 29.18
CA ASP C 186 3.41 31.74 29.55
C ASP C 186 2.01 32.35 29.53
N LYS C 187 1.23 32.04 28.49
CA LYS C 187 -0.12 32.58 28.34
C LYS C 187 -1.13 31.53 27.88
N ILE C 188 -2.42 31.80 28.11
CA ILE C 188 -3.49 30.90 27.74
C ILE C 188 -4.47 31.56 26.72
N LEU C 189 -4.32 31.21 25.44
CA LEU C 189 -5.16 31.76 24.37
C LEU C 189 -6.63 31.39 24.54
N THR C 190 -7.51 32.38 24.45
CA THR C 190 -8.92 32.13 24.63
C THR C 190 -9.80 32.65 23.49
N HIS C 191 -9.98 33.96 23.44
CA HIS C 191 -10.80 34.61 22.40
C HIS C 191 -11.00 36.09 22.73
N ASP D 18 9.42 17.75 -2.44
CA ASP D 18 9.59 17.33 -1.02
C ASP D 18 10.46 18.35 -0.25
N ILE D 19 10.44 18.26 1.07
CA ILE D 19 11.24 19.16 1.90
C ILE D 19 12.72 18.83 1.72
N TYR D 20 13.00 17.56 1.44
CA TYR D 20 14.38 17.12 1.23
C TYR D 20 14.77 17.38 -0.22
N SER D 21 13.79 17.37 -1.12
CA SER D 21 14.04 17.62 -2.53
C SER D 21 14.61 19.04 -2.66
N ARG D 22 14.33 19.87 -1.67
CA ARG D 22 14.79 21.25 -1.63
C ARG D 22 16.21 21.38 -1.08
N LEU D 23 16.50 20.67 0.00
CA LEU D 23 17.83 20.71 0.62
C LEU D 23 18.91 20.30 -0.38
N LEU D 24 18.64 19.25 -1.16
CA LEU D 24 19.60 18.78 -2.14
C LEU D 24 19.84 19.82 -3.21
N LYS D 25 18.98 20.83 -3.28
CA LYS D 25 19.13 21.90 -4.26
C LYS D 25 20.21 22.84 -3.74
N ASP D 26 20.39 22.87 -2.42
CA ASP D 26 21.40 23.69 -1.79
C ASP D 26 22.54 22.81 -1.26
N ARG D 27 22.68 21.64 -1.86
CA ARG D 27 23.73 20.69 -1.53
C ARG D 27 23.75 20.16 -0.08
N ILE D 28 22.66 19.54 0.34
CA ILE D 28 22.57 18.97 1.68
C ILE D 28 21.96 17.58 1.57
N ILE D 29 22.57 16.60 2.23
CA ILE D 29 22.07 15.23 2.21
C ILE D 29 21.69 14.74 3.62
N MET D 30 20.53 14.10 3.71
CA MET D 30 19.98 13.61 4.98
C MET D 30 20.07 12.11 5.26
N LEU D 31 20.83 11.75 6.29
CA LEU D 31 20.98 10.35 6.70
C LEU D 31 20.26 10.22 8.04
N GLY D 32 18.95 10.03 7.97
CA GLY D 32 18.16 9.94 9.19
C GLY D 32 17.40 8.64 9.40
N SER D 33 18.01 7.53 9.02
CA SER D 33 17.39 6.22 9.20
C SER D 33 18.50 5.20 9.41
N ALA D 34 18.16 4.02 9.89
CA ALA D 34 19.16 2.98 10.08
C ALA D 34 19.79 2.70 8.70
N ILE D 35 21.02 2.22 8.67
CA ILE D 35 21.70 1.96 7.41
C ILE D 35 21.57 0.53 6.85
N ASP D 36 21.00 0.45 5.65
CA ASP D 36 20.84 -0.83 4.95
C ASP D 36 21.13 -0.52 3.48
N ASP D 37 21.32 -1.55 2.66
CA ASP D 37 21.62 -1.37 1.25
C ASP D 37 20.82 -0.28 0.52
N ASN D 38 19.52 -0.20 0.74
CA ASN D 38 18.71 0.82 0.07
C ASN D 38 19.11 2.22 0.48
N VAL D 39 19.14 2.45 1.78
CA VAL D 39 19.54 3.73 2.31
C VAL D 39 20.92 4.15 1.76
N ALA D 40 21.90 3.26 1.91
CA ALA D 40 23.24 3.52 1.43
C ALA D 40 23.34 3.78 -0.06
N ASN D 41 22.57 3.06 -0.87
CA ASN D 41 22.65 3.29 -2.30
C ASN D 41 22.10 4.65 -2.75
N SER D 42 21.14 5.18 -2.02
CA SER D 42 20.55 6.48 -2.34
C SER D 42 21.53 7.63 -2.05
N ILE D 43 22.19 7.55 -0.90
CA ILE D 43 23.15 8.57 -0.49
C ILE D 43 24.31 8.68 -1.49
N VAL D 44 24.80 7.53 -1.93
CA VAL D 44 25.92 7.49 -2.86
C VAL D 44 25.59 8.14 -4.20
N SER D 45 24.42 7.83 -4.73
CA SER D 45 23.99 8.40 -6.00
C SER D 45 23.84 9.91 -5.93
N GLN D 46 23.61 10.43 -4.71
CA GLN D 46 23.45 11.87 -4.52
C GLN D 46 24.80 12.57 -4.45
N LEU D 47 25.75 11.98 -3.72
CA LEU D 47 27.09 12.55 -3.62
C LEU D 47 27.72 12.60 -5.00
N LEU D 48 27.30 11.69 -5.88
CA LEU D 48 27.85 11.65 -7.22
C LEU D 48 27.15 12.65 -8.15
N PHE D 49 25.95 13.05 -7.78
CA PHE D 49 25.20 14.01 -8.58
C PHE D 49 25.69 15.43 -8.31
N LEU D 50 25.84 15.76 -7.04
CA LEU D 50 26.29 17.07 -6.61
C LEU D 50 27.70 17.40 -7.08
N ALA D 51 28.53 16.37 -7.16
CA ALA D 51 29.91 16.52 -7.61
C ALA D 51 29.94 16.78 -9.11
N ALA D 52 28.91 16.30 -9.79
CA ALA D 52 28.82 16.48 -11.23
C ALA D 52 28.30 17.89 -11.57
N GLU D 53 27.48 18.45 -10.69
CA GLU D 53 26.96 19.79 -10.94
C GLU D 53 27.95 20.87 -10.60
N ASP D 54 28.99 20.50 -9.86
CA ASP D 54 30.02 21.47 -9.48
C ASP D 54 31.00 20.87 -8.47
N PRO D 55 32.13 20.34 -8.97
CA PRO D 55 33.16 19.72 -8.13
C PRO D 55 33.92 20.70 -7.26
N GLU D 56 33.38 21.90 -7.10
CA GLU D 56 34.01 22.95 -6.29
C GLU D 56 33.24 23.24 -5.02
N LYS D 57 31.95 23.53 -5.16
CA LYS D 57 31.10 23.80 -4.00
C LYS D 57 31.12 22.57 -3.12
N GLU D 58 31.12 22.74 -1.80
CA GLU D 58 31.13 21.58 -0.92
C GLU D 58 29.76 20.98 -0.66
N ILE D 59 29.75 19.83 -0.01
CA ILE D 59 28.53 19.08 0.29
C ILE D 59 28.41 18.82 1.79
N SER D 60 27.16 18.81 2.28
CA SER D 60 26.88 18.56 3.70
C SER D 60 26.03 17.30 3.96
N LEU D 61 26.46 16.49 4.93
CA LEU D 61 25.73 15.28 5.29
C LEU D 61 25.29 15.36 6.74
N TYR D 62 23.98 15.37 6.94
CA TYR D 62 23.40 15.45 8.29
C TYR D 62 23.14 14.02 8.76
N ILE D 63 23.58 13.70 9.97
CA ILE D 63 23.44 12.35 10.49
C ILE D 63 22.65 12.14 11.79
N ASN D 64 21.73 11.18 11.75
CA ASN D 64 20.89 10.80 12.87
C ASN D 64 20.33 9.39 12.59
N SER D 65 21.10 8.38 13.00
CA SER D 65 20.72 6.97 12.81
C SER D 65 21.33 6.11 13.91
N PRO D 66 20.71 4.96 14.21
CA PRO D 66 21.16 4.02 15.23
C PRO D 66 22.24 3.08 14.67
N GLY D 67 22.56 3.30 13.40
CA GLY D 67 23.55 2.50 12.73
C GLY D 67 22.86 1.56 11.76
N GLY D 68 23.54 0.47 11.44
CA GLY D 68 23.00 -0.52 10.53
C GLY D 68 24.08 -1.45 10.01
N SER D 69 23.94 -1.84 8.74
CA SER D 69 24.86 -2.75 8.06
C SER D 69 26.31 -2.23 7.93
N ILE D 70 27.27 -3.08 8.27
CA ILE D 70 28.69 -2.69 8.18
C ILE D 70 29.09 -2.49 6.72
N THR D 71 28.55 -3.29 5.82
CA THR D 71 28.90 -3.15 4.41
C THR D 71 28.16 -2.00 3.71
N ALA D 72 27.03 -1.58 4.27
CA ALA D 72 26.28 -0.47 3.69
C ALA D 72 26.95 0.83 4.10
N GLY D 73 27.54 0.83 5.29
CA GLY D 73 28.21 2.00 5.79
C GLY D 73 29.49 2.28 5.00
N MET D 74 30.29 1.24 4.77
CA MET D 74 31.53 1.40 4.01
C MET D 74 31.27 2.00 2.64
N ALA D 75 30.24 1.49 1.95
CA ALA D 75 29.87 2.00 0.64
C ALA D 75 29.77 3.53 0.64
N ILE D 76 29.02 4.07 1.60
CA ILE D 76 28.85 5.50 1.74
C ILE D 76 30.20 6.13 2.04
N TYR D 77 30.91 5.54 3.00
CA TYR D 77 32.23 6.05 3.39
C TYR D 77 33.20 6.12 2.22
N ASP D 78 33.17 5.13 1.33
CA ASP D 78 34.09 5.13 0.19
C ASP D 78 33.72 6.08 -0.94
N THR D 79 32.49 6.55 -0.98
CA THR D 79 32.09 7.48 -2.03
C THR D 79 32.45 8.89 -1.54
N MET D 80 32.44 9.07 -0.22
CA MET D 80 32.78 10.34 0.42
C MET D 80 34.23 10.69 0.09
N GLN D 81 35.08 9.67 0.07
CA GLN D 81 36.49 9.85 -0.24
C GLN D 81 36.76 10.11 -1.72
N PHE D 82 36.15 9.31 -2.60
CA PHE D 82 36.34 9.43 -4.03
C PHE D 82 36.09 10.81 -4.67
N ILE D 83 34.95 11.42 -4.37
CA ILE D 83 34.59 12.71 -4.96
C ILE D 83 35.50 13.88 -4.55
N LYS D 84 35.49 14.92 -5.38
CA LYS D 84 36.32 16.11 -5.14
C LYS D 84 35.78 17.01 -4.03
N PRO D 85 34.47 17.35 -4.08
CA PRO D 85 33.89 18.22 -3.04
C PRO D 85 34.24 17.75 -1.61
N LYS D 86 34.46 18.69 -0.71
CA LYS D 86 34.75 18.36 0.68
C LYS D 86 33.38 18.07 1.27
N VAL D 87 33.32 17.17 2.25
CA VAL D 87 32.04 16.83 2.88
C VAL D 87 32.08 17.18 4.35
N SER D 88 31.07 17.91 4.81
CA SER D 88 30.99 18.30 6.22
C SER D 88 29.96 17.42 6.87
N THR D 89 30.21 16.96 8.08
CA THR D 89 29.24 16.09 8.76
C THR D 89 28.67 16.69 10.05
N ILE D 90 27.34 16.65 10.17
CA ILE D 90 26.70 17.17 11.37
C ILE D 90 25.94 16.05 12.06
N CYS D 91 26.16 15.88 13.36
CA CYS D 91 25.43 14.89 14.12
C CYS D 91 24.29 15.65 14.76
N ILE D 92 23.06 15.16 14.57
CA ILE D 92 21.89 15.77 15.15
C ILE D 92 21.05 14.68 15.85
N GLY D 93 21.12 14.64 17.17
CA GLY D 93 20.37 13.63 17.90
C GLY D 93 21.21 12.48 18.42
N MET D 94 21.48 11.51 17.57
CA MET D 94 22.28 10.35 17.93
C MET D 94 22.97 9.78 16.71
N ALA D 95 24.23 9.41 16.88
CA ALA D 95 25.00 8.78 15.81
C ALA D 95 25.69 7.63 16.54
N ALA D 96 25.15 6.42 16.38
CA ALA D 96 25.70 5.24 17.05
C ALA D 96 26.29 4.22 16.07
N SER D 97 27.29 3.49 16.55
CA SER D 97 27.89 2.45 15.73
C SER D 97 28.24 2.98 14.34
N MET D 98 27.69 2.38 13.27
CA MET D 98 28.02 2.83 11.92
C MET D 98 27.66 4.28 11.61
N GLY D 99 26.71 4.84 12.37
CA GLY D 99 26.33 6.23 12.17
C GLY D 99 27.43 7.10 12.74
N ALA D 100 27.99 6.65 13.87
CA ALA D 100 29.06 7.38 14.52
C ALA D 100 30.31 7.25 13.66
N PHE D 101 30.45 6.11 13.00
CA PHE D 101 31.61 5.89 12.15
C PHE D 101 31.63 6.91 11.02
N LEU D 102 30.51 7.02 10.30
CA LEU D 102 30.43 7.95 9.19
C LEU D 102 30.67 9.39 9.62
N LEU D 103 30.15 9.76 10.79
CA LEU D 103 30.32 11.10 11.31
C LEU D 103 31.81 11.39 11.43
N ALA D 104 32.56 10.47 12.04
CA ALA D 104 34.01 10.64 12.22
C ALA D 104 34.74 10.69 10.88
N ALA D 105 34.03 10.37 9.81
CA ALA D 105 34.63 10.35 8.49
C ALA D 105 34.47 11.66 7.71
N GLY D 106 33.83 12.64 8.33
CA GLY D 106 33.65 13.91 7.66
C GLY D 106 34.99 14.60 7.47
N GLU D 107 35.04 15.48 6.48
CA GLU D 107 36.24 16.27 6.16
C GLU D 107 36.85 16.77 7.47
N LYS D 108 38.14 16.53 7.68
CA LYS D 108 38.79 16.97 8.91
C LYS D 108 38.64 18.48 9.10
N GLY D 109 37.99 18.86 10.20
CA GLY D 109 37.76 20.26 10.49
C GLY D 109 36.33 20.67 10.19
N LYS D 110 35.58 19.77 9.55
CA LYS D 110 34.19 20.05 9.19
C LYS D 110 33.20 18.99 9.74
N ARG D 111 33.53 18.45 10.92
CA ARG D 111 32.70 17.46 11.58
C ARG D 111 32.15 18.10 12.86
N TYR D 112 30.86 18.41 12.85
CA TYR D 112 30.19 19.05 13.98
C TYR D 112 29.17 18.15 14.69
N ALA D 113 28.54 18.70 15.74
CA ALA D 113 27.51 18.00 16.52
C ALA D 113 26.86 19.04 17.45
N LEU D 114 25.51 19.05 17.50
CA LEU D 114 24.78 19.99 18.35
C LEU D 114 24.90 19.61 19.85
N PRO D 115 24.89 20.61 20.75
CA PRO D 115 25.02 20.46 22.21
C PRO D 115 24.56 19.18 22.91
N ASN D 116 23.30 18.80 22.75
CA ASN D 116 22.79 17.61 23.41
C ASN D 116 22.75 16.37 22.52
N SER D 117 23.63 16.34 21.53
CA SER D 117 23.72 15.22 20.61
C SER D 117 24.41 14.13 21.39
N GLU D 118 24.13 12.88 21.07
CA GLU D 118 24.74 11.77 21.78
C GLU D 118 25.44 10.81 20.79
N VAL D 119 26.60 10.28 21.19
CA VAL D 119 27.35 9.35 20.33
C VAL D 119 27.66 8.01 21.06
N MET D 120 27.55 6.90 20.35
CA MET D 120 27.82 5.58 20.93
C MET D 120 28.64 4.68 20.02
N ILE D 121 29.67 4.05 20.59
CA ILE D 121 30.54 3.18 19.83
C ILE D 121 30.67 1.80 20.47
N HIS D 122 30.59 0.76 19.65
CA HIS D 122 30.71 -0.62 20.14
C HIS D 122 31.19 -1.60 19.07
N GLN D 123 31.44 -2.84 19.48
CA GLN D 123 31.90 -3.88 18.56
C GLN D 123 30.71 -4.46 17.80
N PRO D 124 30.96 -4.94 16.58
CA PRO D 124 29.99 -5.53 15.65
C PRO D 124 29.22 -6.72 16.21
N LEU D 125 28.08 -7.00 15.57
CA LEU D 125 27.19 -8.09 15.97
C LEU D 125 26.88 -9.04 14.79
N GLY D 126 26.58 -10.29 15.11
CA GLY D 126 26.28 -11.28 14.09
C GLY D 126 25.92 -12.63 14.71
N GLY D 127 26.00 -13.69 13.91
CA GLY D 127 25.66 -15.01 14.41
C GLY D 127 26.15 -16.18 13.59
N ALA D 128 26.28 -17.33 14.25
CA ALA D 128 26.75 -18.55 13.59
C ALA D 128 25.90 -19.73 14.02
N GLN D 129 25.58 -20.60 13.05
CA GLN D 129 24.75 -21.77 13.33
C GLN D 129 25.19 -22.91 12.40
N GLY D 130 25.73 -24.00 12.94
CA GLY D 130 26.15 -25.10 12.08
C GLY D 130 27.32 -25.94 12.54
N GLN D 131 28.13 -26.41 11.58
CA GLN D 131 29.31 -27.22 11.88
C GLN D 131 30.42 -26.37 12.47
N ALA D 132 31.28 -26.99 13.28
CA ALA D 132 32.40 -26.29 13.90
C ALA D 132 33.18 -25.51 12.81
N THR D 133 33.29 -26.09 11.62
CA THR D 133 33.97 -25.43 10.50
C THR D 133 33.28 -24.11 10.07
N GLU D 134 31.94 -24.10 10.10
CA GLU D 134 31.17 -22.91 9.69
C GLU D 134 31.08 -21.82 10.76
N ILE D 135 31.16 -22.21 12.02
CA ILE D 135 31.13 -21.28 13.14
C ILE D 135 32.47 -20.57 13.13
N GLU D 136 33.52 -21.32 12.79
CA GLU D 136 34.86 -20.77 12.71
C GLU D 136 34.99 -19.80 11.52
N ILE D 137 34.43 -20.16 10.37
CA ILE D 137 34.48 -19.29 9.21
C ILE D 137 33.86 -17.93 9.54
N ALA D 138 32.79 -17.95 10.33
CA ALA D 138 32.10 -16.73 10.72
C ALA D 138 32.89 -15.92 11.75
N ALA D 139 33.27 -16.57 12.85
CA ALA D 139 34.04 -15.89 13.90
C ALA D 139 35.21 -15.11 13.27
N LYS D 140 35.81 -15.67 12.22
CA LYS D 140 36.92 -15.02 11.56
C LYS D 140 36.48 -13.79 10.76
N ARG D 141 35.32 -13.85 10.13
CA ARG D 141 34.87 -12.72 9.33
C ARG D 141 34.57 -11.47 10.15
N ILE D 142 33.82 -11.66 11.22
CA ILE D 142 33.44 -10.56 12.07
C ILE D 142 34.66 -10.02 12.82
N LEU D 143 35.53 -10.89 13.31
CA LEU D 143 36.72 -10.42 14.03
C LEU D 143 37.64 -9.65 13.07
N LEU D 144 37.57 -9.96 11.77
CA LEU D 144 38.37 -9.24 10.79
C LEU D 144 37.76 -7.86 10.53
N LEU D 145 36.44 -7.80 10.44
CA LEU D 145 35.77 -6.51 10.20
C LEU D 145 35.90 -5.61 11.44
N ARG D 146 35.97 -6.24 12.60
CA ARG D 146 36.10 -5.52 13.86
C ARG D 146 37.43 -4.76 13.76
N ASP D 147 38.40 -5.40 13.13
CA ASP D 147 39.73 -4.85 12.93
C ASP D 147 39.84 -3.80 11.82
N LYS D 148 39.11 -3.96 10.71
CA LYS D 148 39.19 -2.98 9.62
C LYS D 148 38.57 -1.65 10.01
N LEU D 149 37.53 -1.69 10.82
CA LEU D 149 36.86 -0.47 11.27
C LEU D 149 37.68 0.24 12.31
N ASN D 150 38.20 -0.50 13.26
CA ASN D 150 39.00 0.07 14.34
C ASN D 150 40.26 0.75 13.78
N LYS D 151 40.72 0.30 12.62
CA LYS D 151 41.88 0.92 12.02
C LYS D 151 41.53 2.29 11.43
N VAL D 152 40.38 2.41 10.77
CA VAL D 152 39.99 3.70 10.20
C VAL D 152 39.63 4.67 11.32
N LEU D 153 39.11 4.12 12.42
CA LEU D 153 38.75 4.93 13.57
C LEU D 153 39.98 5.43 14.31
N ALA D 154 41.03 4.61 14.33
CA ALA D 154 42.27 4.99 15.00
C ALA D 154 42.84 6.25 14.33
N GLU D 155 42.93 6.19 13.00
CA GLU D 155 43.45 7.29 12.17
C GLU D 155 42.66 8.56 12.32
N ARG D 156 41.33 8.44 12.31
CA ARG D 156 40.41 9.56 12.40
C ARG D 156 40.26 10.19 13.78
N THR D 157 40.54 9.44 14.83
CA THR D 157 40.38 9.97 16.18
C THR D 157 41.71 10.32 16.84
N GLY D 158 42.78 9.63 16.46
CA GLY D 158 44.05 9.90 17.09
C GLY D 158 44.27 8.88 18.19
N GLN D 159 43.24 8.10 18.49
CA GLN D 159 43.33 7.05 19.52
C GLN D 159 43.93 5.82 18.86
N PRO D 160 44.67 5.02 19.63
CA PRO D 160 45.29 3.81 19.09
C PRO D 160 44.30 2.63 19.04
N LEU D 161 44.58 1.70 18.14
CA LEU D 161 43.80 0.49 17.93
C LEU D 161 43.48 -0.31 19.19
N GLU D 162 44.49 -0.60 20.00
CA GLU D 162 44.27 -1.39 21.20
C GLU D 162 43.32 -0.70 22.16
N VAL D 163 43.31 0.64 22.12
CA VAL D 163 42.42 1.42 22.98
C VAL D 163 41.03 1.46 22.38
N ILE D 164 40.93 1.75 21.08
CA ILE D 164 39.65 1.77 20.38
C ILE D 164 38.97 0.42 20.65
N GLU D 165 39.78 -0.63 20.76
CA GLU D 165 39.31 -1.98 21.00
C GLU D 165 38.76 -2.16 22.41
N ARG D 166 39.58 -1.96 23.43
CA ARG D 166 39.10 -2.11 24.80
C ARG D 166 37.91 -1.18 25.10
N ASP D 167 37.94 0.02 24.53
CA ASP D 167 36.91 1.02 24.74
C ASP D 167 35.57 0.67 24.10
N THR D 168 35.55 -0.26 23.16
CA THR D 168 34.31 -0.66 22.52
C THR D 168 33.87 -2.06 22.85
N ASP D 169 34.61 -2.73 23.72
CA ASP D 169 34.28 -4.10 24.12
C ASP D 169 32.81 -4.23 24.43
N ARG D 170 32.25 -3.16 24.99
CA ARG D 170 30.84 -3.09 25.36
C ARG D 170 30.28 -1.71 25.00
N ASP D 171 28.95 -1.57 25.05
CA ASP D 171 28.30 -0.31 24.71
C ASP D 171 28.90 0.89 25.45
N ASN D 172 29.39 1.84 24.64
CA ASN D 172 30.05 3.04 25.13
C ASN D 172 29.37 4.30 24.60
N PHE D 173 28.71 5.01 25.52
CA PHE D 173 27.98 6.23 25.23
C PHE D 173 28.74 7.52 25.59
N LYS D 174 28.82 8.44 24.65
CA LYS D 174 29.53 9.70 24.89
C LYS D 174 28.69 10.93 24.57
N SER D 175 28.95 12.00 25.33
CA SER D 175 28.29 13.30 25.16
C SER D 175 28.97 14.05 24.00
N ALA D 176 28.51 15.25 23.67
CA ALA D 176 29.14 16.00 22.57
C ALA D 176 30.54 16.40 23.05
N GLU D 177 30.65 16.65 24.34
CA GLU D 177 31.92 17.03 24.92
C GLU D 177 32.87 15.83 24.98
N GLU D 178 32.34 14.65 25.31
CA GLU D 178 33.17 13.45 25.39
C GLU D 178 33.57 12.96 23.99
N ALA D 179 32.71 13.20 23.01
CA ALA D 179 33.00 12.81 21.63
C ALA D 179 34.13 13.70 21.12
N LEU D 180 34.07 14.98 21.47
CA LEU D 180 35.09 15.93 21.05
C LEU D 180 36.46 15.56 21.61
N GLU D 181 36.52 15.18 22.88
CA GLU D 181 37.78 14.78 23.53
C GLU D 181 38.33 13.47 22.99
N TYR D 182 37.47 12.62 22.45
CA TYR D 182 37.92 11.35 21.93
C TYR D 182 38.54 11.55 20.54
N GLY D 183 37.98 12.47 19.78
CA GLY D 183 38.51 12.73 18.45
C GLY D 183 37.50 12.34 17.39
N LEU D 184 36.24 12.19 17.79
CA LEU D 184 35.16 11.81 16.88
C LEU D 184 34.62 12.97 16.05
N ILE D 185 34.48 14.14 16.70
CA ILE D 185 34.01 15.34 16.01
C ILE D 185 35.05 16.43 16.19
N ASP D 186 34.83 17.58 15.56
CA ASP D 186 35.78 18.70 15.62
C ASP D 186 35.32 19.90 16.44
N LYS D 187 34.07 20.29 16.23
CA LYS D 187 33.52 21.47 16.89
C LYS D 187 32.05 21.26 17.26
N ILE D 188 31.65 21.84 18.40
CA ILE D 188 30.28 21.75 18.85
C ILE D 188 29.52 23.03 18.49
N LEU D 189 28.61 22.96 17.53
CA LEU D 189 27.84 24.15 17.14
C LEU D 189 26.91 24.54 18.28
N THR D 190 26.85 25.84 18.60
CA THR D 190 25.97 26.30 19.68
C THR D 190 24.87 27.23 19.14
N HIS D 191 25.16 28.53 19.09
CA HIS D 191 24.21 29.55 18.62
C HIS D 191 24.85 30.94 18.45
N ASP E 18 13.25 10.61 -10.93
CA ASP E 18 13.99 10.03 -9.78
C ASP E 18 15.49 10.27 -9.95
N ILE E 19 16.26 9.94 -8.92
CA ILE E 19 17.71 10.12 -8.96
C ILE E 19 18.33 9.13 -9.97
N TYR E 20 17.81 7.90 -9.97
CA TYR E 20 18.31 6.87 -10.87
C TYR E 20 17.94 7.11 -12.34
N SER E 21 16.91 7.93 -12.58
CA SER E 21 16.50 8.26 -13.94
C SER E 21 17.58 9.14 -14.55
N ARG E 22 18.12 10.03 -13.72
CA ARG E 22 19.18 10.97 -14.10
C ARG E 22 20.45 10.22 -14.47
N LEU E 23 20.73 9.14 -13.76
CA LEU E 23 21.92 8.32 -14.01
C LEU E 23 21.80 7.59 -15.35
N LEU E 24 20.60 7.19 -15.71
CA LEU E 24 20.39 6.48 -16.98
C LEU E 24 20.65 7.44 -18.14
N LYS E 25 20.43 8.73 -17.90
CA LYS E 25 20.65 9.74 -18.92
C LYS E 25 22.12 9.77 -19.30
N ASP E 26 22.97 9.37 -18.36
CA ASP E 26 24.40 9.35 -18.62
C ASP E 26 24.93 7.93 -18.74
N ARG E 27 24.02 7.01 -19.04
CA ARG E 27 24.36 5.59 -19.23
C ARG E 27 24.99 4.86 -18.02
N ILE E 28 24.29 4.91 -16.89
CA ILE E 28 24.73 4.26 -15.66
C ILE E 28 23.58 3.45 -15.00
N ILE E 29 23.70 2.13 -14.97
CA ILE E 29 22.67 1.28 -14.37
C ILE E 29 23.05 0.80 -12.95
N MET E 30 22.06 0.73 -12.07
CA MET E 30 22.32 0.35 -10.68
C MET E 30 21.79 -0.99 -10.21
N LEU E 31 22.69 -1.90 -9.84
CA LEU E 31 22.25 -3.20 -9.32
C LEU E 31 22.60 -3.26 -7.83
N GLY E 32 21.71 -2.75 -6.99
CA GLY E 32 21.95 -2.75 -5.56
C GLY E 32 20.89 -3.43 -4.69
N SER E 33 20.58 -4.68 -4.98
CA SER E 33 19.60 -5.44 -4.20
C SER E 33 19.79 -6.90 -4.49
N ALA E 34 19.13 -7.77 -3.74
CA ALA E 34 19.26 -9.19 -3.98
C ALA E 34 18.83 -9.41 -5.43
N ILE E 35 19.42 -10.41 -6.08
CA ILE E 35 19.09 -10.70 -7.47
C ILE E 35 17.92 -11.67 -7.58
N ASP E 36 16.82 -11.18 -8.14
CA ASP E 36 15.62 -11.98 -8.34
C ASP E 36 15.09 -11.66 -9.74
N ASP E 37 14.18 -12.47 -10.25
CA ASP E 37 13.66 -12.28 -11.60
C ASP E 37 13.27 -10.86 -11.99
N ASN E 38 12.77 -10.07 -11.05
CA ASN E 38 12.38 -8.70 -11.35
C ASN E 38 13.60 -7.85 -11.62
N VAL E 39 14.50 -7.80 -10.63
CA VAL E 39 15.74 -7.05 -10.76
C VAL E 39 16.25 -7.34 -12.16
N ALA E 40 16.43 -8.63 -12.45
CA ALA E 40 16.94 -9.06 -13.74
C ALA E 40 16.17 -8.50 -14.94
N ASN E 41 14.86 -8.68 -14.98
CA ASN E 41 14.10 -8.18 -16.12
C ASN E 41 14.30 -6.68 -16.29
N SER E 42 14.69 -6.02 -15.21
CA SER E 42 14.91 -4.58 -15.24
C SER E 42 16.26 -4.23 -15.86
N ILE E 43 17.34 -4.69 -15.25
CA ILE E 43 18.68 -4.40 -15.79
C ILE E 43 18.77 -4.69 -17.28
N VAL E 44 18.28 -5.86 -17.68
CA VAL E 44 18.30 -6.28 -19.09
C VAL E 44 17.84 -5.20 -20.07
N SER E 45 16.63 -4.69 -19.87
CA SER E 45 16.06 -3.68 -20.76
C SER E 45 16.77 -2.32 -20.77
N GLN E 46 17.32 -1.90 -19.63
CA GLN E 46 18.02 -0.63 -19.57
C GLN E 46 19.25 -0.68 -20.46
N LEU E 47 19.93 -1.82 -20.43
CA LEU E 47 21.12 -2.03 -21.25
C LEU E 47 20.71 -2.03 -22.72
N LEU E 48 19.55 -2.61 -23.02
CA LEU E 48 19.06 -2.68 -24.40
C LEU E 48 18.66 -1.29 -24.92
N PHE E 49 18.12 -0.46 -24.03
CA PHE E 49 17.70 0.88 -24.41
C PHE E 49 18.92 1.72 -24.74
N LEU E 50 19.89 1.75 -23.82
CA LEU E 50 21.10 2.52 -24.01
C LEU E 50 21.84 2.18 -25.30
N ALA E 51 21.91 0.89 -25.61
CA ALA E 51 22.59 0.45 -26.82
C ALA E 51 21.77 0.77 -28.07
N ALA E 52 20.49 1.06 -27.87
CA ALA E 52 19.63 1.41 -28.99
C ALA E 52 19.92 2.86 -29.37
N GLU E 53 19.93 3.73 -28.37
CA GLU E 53 20.20 5.15 -28.58
C GLU E 53 21.55 5.36 -29.28
N ASP E 54 22.61 4.83 -28.71
CA ASP E 54 23.97 4.97 -29.27
C ASP E 54 24.81 3.71 -29.00
N PRO E 55 24.98 2.84 -30.01
CA PRO E 55 25.75 1.60 -29.89
C PRO E 55 27.27 1.73 -29.82
N GLU E 56 27.75 2.96 -29.62
CA GLU E 56 29.19 3.20 -29.55
C GLU E 56 29.65 3.64 -28.16
N LYS E 57 28.82 4.44 -27.50
CA LYS E 57 29.13 4.95 -26.16
C LYS E 57 29.19 3.83 -25.11
N GLU E 58 30.04 4.00 -24.11
CA GLU E 58 30.19 3.00 -23.05
C GLU E 58 28.99 3.02 -22.11
N ILE E 59 28.83 1.95 -21.34
CA ILE E 59 27.75 1.80 -20.37
C ILE E 59 28.33 1.29 -19.06
N SER E 60 27.78 1.71 -17.94
CA SER E 60 28.29 1.31 -16.63
C SER E 60 27.26 0.73 -15.66
N LEU E 61 27.67 -0.33 -14.97
CA LEU E 61 26.84 -1.04 -14.00
C LEU E 61 27.47 -1.03 -12.61
N TYR E 62 26.89 -0.30 -11.66
CA TYR E 62 27.43 -0.25 -10.30
C TYR E 62 26.83 -1.44 -9.54
N ILE E 63 27.55 -1.98 -8.57
CA ILE E 63 27.03 -3.15 -7.87
C ILE E 63 27.15 -3.25 -6.34
N ASN E 64 26.02 -3.60 -5.71
CA ASN E 64 25.94 -3.83 -4.27
C ASN E 64 24.80 -4.82 -4.04
N SER E 65 25.07 -6.09 -4.33
CA SER E 65 24.12 -7.18 -4.21
C SER E 65 24.65 -8.37 -3.40
N PRO E 66 23.84 -8.94 -2.51
CA PRO E 66 24.27 -10.08 -1.69
C PRO E 66 24.12 -11.38 -2.47
N GLY E 67 23.68 -11.24 -3.73
CA GLY E 67 23.50 -12.40 -4.58
C GLY E 67 22.04 -12.75 -4.80
N GLY E 68 21.79 -13.98 -5.24
CA GLY E 68 20.43 -14.42 -5.47
C GLY E 68 20.24 -15.59 -6.43
N SER E 69 19.14 -15.55 -7.16
CA SER E 69 18.77 -16.56 -8.14
C SER E 69 19.81 -16.73 -9.23
N ILE E 70 20.23 -17.96 -9.47
CA ILE E 70 21.21 -18.21 -10.52
C ILE E 70 20.65 -17.89 -11.90
N THR E 71 19.41 -18.29 -12.17
CA THR E 71 18.79 -18.07 -13.47
C THR E 71 18.58 -16.58 -13.79
N ALA E 72 18.43 -15.77 -12.75
CA ALA E 72 18.23 -14.35 -12.95
C ALA E 72 19.58 -13.69 -13.26
N GLY E 73 20.59 -14.05 -12.48
CA GLY E 73 21.93 -13.51 -12.66
C GLY E 73 22.40 -13.73 -14.09
N MET E 74 22.18 -14.92 -14.62
CA MET E 74 22.59 -15.25 -15.98
C MET E 74 21.81 -14.50 -17.07
N ALA E 75 20.63 -13.98 -16.74
CA ALA E 75 19.85 -13.22 -17.70
C ALA E 75 20.57 -11.91 -17.98
N ILE E 76 21.17 -11.36 -16.94
CA ILE E 76 21.93 -10.11 -17.03
C ILE E 76 23.23 -10.35 -17.77
N TYR E 77 24.01 -11.32 -17.29
CA TYR E 77 25.28 -11.69 -17.90
C TYR E 77 25.15 -11.77 -19.42
N ASP E 78 24.25 -12.62 -19.90
CA ASP E 78 24.01 -12.83 -21.33
C ASP E 78 23.74 -11.56 -22.14
N THR E 79 23.00 -10.62 -21.54
CA THR E 79 22.66 -9.38 -22.20
C THR E 79 23.91 -8.50 -22.29
N MET E 80 24.66 -8.44 -21.19
CA MET E 80 25.91 -7.68 -21.17
C MET E 80 26.73 -7.96 -22.43
N GLN E 81 27.06 -9.23 -22.67
CA GLN E 81 27.88 -9.66 -23.81
C GLN E 81 27.23 -9.43 -25.18
N PHE E 82 25.91 -9.44 -25.23
CA PHE E 82 25.22 -9.28 -26.51
C PHE E 82 25.31 -7.91 -27.18
N ILE E 83 25.21 -6.84 -26.39
CA ILE E 83 25.24 -5.50 -26.95
C ILE E 83 26.64 -5.02 -27.37
N LYS E 84 26.69 -4.17 -28.39
CA LYS E 84 27.95 -3.62 -28.89
C LYS E 84 28.68 -2.84 -27.81
N PRO E 85 28.02 -1.86 -27.20
CA PRO E 85 28.66 -1.07 -26.14
C PRO E 85 29.36 -1.96 -25.11
N LYS E 86 30.45 -1.45 -24.53
CA LYS E 86 31.19 -2.18 -23.52
C LYS E 86 30.50 -1.88 -22.19
N VAL E 87 30.68 -2.75 -21.21
CA VAL E 87 30.07 -2.57 -19.91
C VAL E 87 31.11 -2.63 -18.81
N SER E 88 31.47 -1.49 -18.24
CA SER E 88 32.45 -1.45 -17.15
C SER E 88 31.72 -1.64 -15.84
N THR E 89 32.30 -2.39 -14.91
CA THR E 89 31.63 -2.67 -13.63
C THR E 89 32.36 -2.14 -12.42
N ILE E 90 31.58 -1.70 -11.43
CA ILE E 90 32.11 -1.16 -10.17
C ILE E 90 31.46 -1.83 -8.94
N CYS E 91 32.28 -2.31 -8.02
CA CYS E 91 31.78 -2.94 -6.81
C CYS E 91 31.88 -1.97 -5.67
N ILE E 92 30.73 -1.40 -5.28
CA ILE E 92 30.66 -0.46 -4.17
C ILE E 92 29.86 -1.16 -3.05
N GLY E 93 30.53 -1.45 -1.94
CA GLY E 93 29.86 -2.12 -0.83
C GLY E 93 30.18 -3.60 -0.71
N MET E 94 29.28 -4.46 -1.17
CA MET E 94 29.48 -5.92 -1.12
C MET E 94 29.00 -6.57 -2.40
N ALA E 95 29.76 -7.55 -2.87
CA ALA E 95 29.40 -8.28 -4.08
C ALA E 95 29.63 -9.78 -3.83
N ALA E 96 28.58 -10.47 -3.36
CA ALA E 96 28.68 -11.91 -3.06
C ALA E 96 27.89 -12.80 -4.04
N SER E 97 28.25 -14.09 -4.07
CA SER E 97 27.61 -15.07 -4.96
C SER E 97 27.50 -14.52 -6.39
N MET E 98 26.31 -14.60 -6.99
CA MET E 98 26.09 -14.11 -8.37
C MET E 98 26.51 -12.64 -8.48
N GLY E 99 26.57 -11.96 -7.33
CA GLY E 99 26.97 -10.57 -7.32
C GLY E 99 28.42 -10.49 -7.76
N ALA E 100 29.31 -11.16 -7.03
CA ALA E 100 30.72 -11.17 -7.38
C ALA E 100 30.85 -11.66 -8.81
N PHE E 101 29.92 -12.50 -9.25
CA PHE E 101 29.95 -13.04 -10.60
C PHE E 101 29.76 -11.98 -11.70
N LEU E 102 28.72 -11.17 -11.57
CA LEU E 102 28.48 -10.13 -12.57
C LEU E 102 29.58 -9.08 -12.60
N LEU E 103 30.27 -8.95 -11.48
CA LEU E 103 31.39 -8.02 -11.36
C LEU E 103 32.46 -8.54 -12.32
N ALA E 104 32.91 -9.76 -12.08
CA ALA E 104 33.92 -10.38 -12.92
C ALA E 104 33.58 -10.44 -14.42
N ALA E 105 32.31 -10.26 -14.77
CA ALA E 105 31.90 -10.32 -16.16
C ALA E 105 31.96 -8.97 -16.88
N GLY E 106 32.59 -7.98 -16.25
CA GLY E 106 32.69 -6.69 -16.90
C GLY E 106 33.79 -6.72 -17.95
N GLU E 107 33.72 -5.79 -18.90
CA GLU E 107 34.70 -5.68 -19.96
C GLU E 107 36.10 -5.76 -19.36
N LYS E 108 36.90 -6.72 -19.83
CA LYS E 108 38.25 -6.87 -19.30
C LYS E 108 38.99 -5.54 -19.38
N GLY E 109 39.63 -5.17 -18.27
CA GLY E 109 40.35 -3.91 -18.21
C GLY E 109 39.47 -2.80 -17.68
N LYS E 110 38.19 -3.11 -17.46
CA LYS E 110 37.24 -2.12 -16.96
C LYS E 110 36.40 -2.67 -15.81
N ARG E 111 37.05 -3.32 -14.85
CA ARG E 111 36.32 -3.86 -13.70
C ARG E 111 36.90 -3.23 -12.44
N TYR E 112 36.10 -2.43 -11.75
CA TYR E 112 36.57 -1.73 -10.56
C TYR E 112 35.88 -2.11 -9.25
N ALA E 113 36.49 -1.67 -8.15
CA ALA E 113 35.97 -1.89 -6.80
C ALA E 113 36.55 -0.80 -5.90
N LEU E 114 35.74 -0.30 -4.96
CA LEU E 114 36.22 0.73 -4.05
C LEU E 114 37.10 0.14 -2.94
N PRO E 115 37.91 0.98 -2.29
CA PRO E 115 38.84 0.58 -1.22
C PRO E 115 38.38 -0.41 -0.13
N ASN E 116 37.19 -0.23 0.44
CA ASN E 116 36.75 -1.17 1.47
C ASN E 116 35.70 -2.20 1.04
N SER E 117 35.40 -2.23 -0.25
CA SER E 117 34.43 -3.17 -0.81
C SER E 117 34.80 -4.58 -0.39
N GLU E 118 33.87 -5.51 -0.55
CA GLU E 118 34.12 -6.89 -0.17
C GLU E 118 33.61 -7.77 -1.30
N VAL E 119 34.24 -8.93 -1.48
CA VAL E 119 33.85 -9.89 -2.50
C VAL E 119 33.80 -11.29 -1.85
N MET E 120 32.71 -12.02 -2.05
CA MET E 120 32.60 -13.36 -1.48
C MET E 120 32.10 -14.36 -2.48
N ILE E 121 32.93 -15.36 -2.79
CA ILE E 121 32.56 -16.42 -3.73
C ILE E 121 32.34 -17.76 -3.01
N HIS E 122 31.33 -18.52 -3.44
CA HIS E 122 31.06 -19.82 -2.84
C HIS E 122 30.34 -20.80 -3.78
N GLN E 123 29.82 -21.90 -3.25
CA GLN E 123 29.12 -22.86 -4.10
C GLN E 123 27.61 -22.63 -4.01
N PRO E 124 26.87 -22.95 -5.08
CA PRO E 124 25.42 -22.74 -5.08
C PRO E 124 24.70 -23.42 -3.92
N LEU E 125 23.53 -22.86 -3.58
CA LEU E 125 22.69 -23.36 -2.51
C LEU E 125 21.35 -23.80 -3.08
N GLY E 126 20.81 -24.88 -2.52
CA GLY E 126 19.55 -25.39 -2.99
C GLY E 126 18.90 -26.37 -2.03
N GLY E 127 17.84 -27.02 -2.51
CA GLY E 127 17.14 -27.97 -1.68
C GLY E 127 16.46 -29.06 -2.48
N ALA E 128 16.21 -30.18 -1.82
CA ALA E 128 15.56 -31.34 -2.43
C ALA E 128 14.70 -32.01 -1.36
N GLN E 129 13.43 -32.21 -1.67
CA GLN E 129 12.50 -32.85 -0.75
C GLN E 129 11.65 -33.85 -1.54
N GLY E 130 11.36 -35.01 -0.95
CA GLY E 130 10.54 -35.99 -1.64
C GLY E 130 11.09 -37.40 -1.72
N GLN E 131 10.91 -38.04 -2.87
CA GLN E 131 11.41 -39.42 -3.09
C GLN E 131 12.89 -39.46 -3.47
N ALA E 132 13.50 -40.64 -3.36
CA ALA E 132 14.91 -40.81 -3.70
C ALA E 132 15.22 -40.39 -5.15
N THR E 133 14.27 -40.57 -6.05
CA THR E 133 14.44 -40.21 -7.46
C THR E 133 14.32 -38.70 -7.69
N GLU E 134 13.46 -38.05 -6.92
CA GLU E 134 13.27 -36.63 -7.05
C GLU E 134 14.50 -35.90 -6.50
N ILE E 135 15.00 -36.36 -5.36
CA ILE E 135 16.16 -35.76 -4.71
C ILE E 135 17.38 -35.80 -5.65
N GLU E 136 17.47 -36.87 -6.44
CA GLU E 136 18.56 -37.06 -7.37
C GLU E 136 18.47 -36.06 -8.54
N ILE E 137 17.26 -35.72 -8.97
CA ILE E 137 17.09 -34.80 -10.08
C ILE E 137 17.53 -33.39 -9.69
N ALA E 138 17.42 -33.06 -8.41
CA ALA E 138 17.84 -31.74 -7.93
C ALA E 138 19.34 -31.78 -7.71
N ALA E 139 19.83 -32.88 -7.16
CA ALA E 139 21.27 -33.04 -6.91
C ALA E 139 22.05 -32.81 -8.21
N LYS E 140 21.56 -33.42 -9.28
CA LYS E 140 22.19 -33.33 -10.60
C LYS E 140 22.18 -31.93 -11.21
N ARG E 141 21.06 -31.23 -11.07
CA ARG E 141 20.95 -29.87 -11.61
C ARG E 141 21.86 -28.85 -10.92
N ILE E 142 22.00 -28.96 -9.61
CA ILE E 142 22.83 -28.02 -8.88
C ILE E 142 24.33 -28.34 -9.03
N LEU E 143 24.67 -29.61 -9.16
CA LEU E 143 26.07 -29.96 -9.35
C LEU E 143 26.48 -29.52 -10.76
N LEU E 144 25.54 -29.48 -11.69
CA LEU E 144 25.82 -29.03 -13.05
C LEU E 144 26.10 -27.51 -13.03
N LEU E 145 25.18 -26.74 -12.46
CA LEU E 145 25.33 -25.29 -12.36
C LEU E 145 26.62 -24.87 -11.64
N ARG E 146 27.02 -25.64 -10.63
CA ARG E 146 28.21 -25.32 -9.89
C ARG E 146 29.42 -25.49 -10.82
N ASP E 147 29.28 -26.36 -11.81
CA ASP E 147 30.37 -26.59 -12.75
C ASP E 147 30.41 -25.52 -13.85
N LYS E 148 29.24 -25.15 -14.38
CA LYS E 148 29.17 -24.14 -15.43
C LYS E 148 29.62 -22.78 -14.90
N LEU E 149 29.36 -22.54 -13.62
CA LEU E 149 29.73 -21.28 -12.99
C LEU E 149 31.21 -21.23 -12.66
N ASN E 150 31.75 -22.33 -12.13
CA ASN E 150 33.17 -22.38 -11.78
C ASN E 150 34.06 -22.21 -12.98
N LYS E 151 33.62 -22.69 -14.14
CA LYS E 151 34.45 -22.55 -15.32
C LYS E 151 34.50 -21.13 -15.81
N VAL E 152 33.34 -20.46 -15.86
CA VAL E 152 33.32 -19.08 -16.31
C VAL E 152 34.17 -18.23 -15.37
N LEU E 153 34.13 -18.55 -14.08
CA LEU E 153 34.92 -17.79 -13.14
C LEU E 153 36.40 -17.97 -13.46
N ALA E 154 36.73 -19.16 -13.97
CA ALA E 154 38.11 -19.48 -14.32
C ALA E 154 38.61 -18.59 -15.46
N GLU E 155 37.83 -18.54 -16.55
CA GLU E 155 38.18 -17.73 -17.71
C GLU E 155 38.32 -16.24 -17.38
N ARG E 156 37.34 -15.70 -16.65
CA ARG E 156 37.33 -14.29 -16.28
C ARG E 156 38.45 -13.87 -15.34
N THR E 157 38.77 -14.73 -14.36
CA THR E 157 39.82 -14.45 -13.37
C THR E 157 41.22 -14.81 -13.84
N GLY E 158 41.33 -15.97 -14.47
CA GLY E 158 42.61 -16.46 -14.93
C GLY E 158 43.07 -17.60 -14.05
N GLN E 159 42.36 -17.85 -12.95
CA GLN E 159 42.69 -18.94 -12.01
C GLN E 159 42.40 -20.29 -12.65
N PRO E 160 43.21 -21.31 -12.32
CA PRO E 160 42.95 -22.63 -12.91
C PRO E 160 41.72 -23.24 -12.24
N LEU E 161 40.84 -23.84 -13.04
CA LEU E 161 39.61 -24.45 -12.55
C LEU E 161 39.74 -25.19 -11.22
N GLU E 162 40.79 -26.00 -11.09
CA GLU E 162 41.02 -26.76 -9.87
C GLU E 162 41.19 -25.88 -8.64
N VAL E 163 41.68 -24.67 -8.86
CA VAL E 163 41.88 -23.70 -7.78
C VAL E 163 40.52 -23.09 -7.41
N ILE E 164 39.66 -22.91 -8.41
CA ILE E 164 38.32 -22.35 -8.22
C ILE E 164 37.38 -23.31 -7.49
N GLU E 165 37.53 -24.62 -7.74
CA GLU E 165 36.67 -25.64 -7.12
C GLU E 165 36.97 -25.88 -5.64
N ARG E 166 38.23 -25.78 -5.28
CA ARG E 166 38.66 -25.99 -3.90
C ARG E 166 38.48 -24.72 -3.07
N ASP E 167 38.28 -23.59 -3.76
CA ASP E 167 38.11 -22.29 -3.11
C ASP E 167 36.63 -21.92 -2.87
N THR E 168 35.73 -22.47 -3.68
CA THR E 168 34.31 -22.20 -3.53
C THR E 168 33.61 -23.30 -2.73
N ASP E 169 34.39 -24.13 -2.03
CA ASP E 169 33.81 -25.20 -1.23
C ASP E 169 33.07 -24.68 -0.01
N ARG E 170 33.56 -23.58 0.55
CA ARG E 170 32.90 -22.96 1.71
C ARG E 170 32.92 -21.42 1.57
N ASP E 171 32.07 -20.74 2.32
CA ASP E 171 32.03 -19.29 2.24
C ASP E 171 33.44 -18.69 2.17
N ASN E 172 33.76 -18.07 1.04
CA ASN E 172 35.07 -17.45 0.89
C ASN E 172 34.94 -15.93 0.76
N PHE E 173 35.38 -15.22 1.80
CA PHE E 173 35.32 -13.75 1.86
C PHE E 173 36.63 -13.05 1.48
N LYS E 174 36.57 -12.07 0.59
CA LYS E 174 37.80 -11.36 0.17
C LYS E 174 37.71 -9.85 0.20
N SER E 175 38.85 -9.23 0.46
CA SER E 175 38.99 -7.77 0.50
C SER E 175 39.21 -7.29 -0.94
N ALA E 176 39.06 -5.99 -1.19
CA ALA E 176 39.26 -5.44 -2.52
C ALA E 176 40.65 -5.81 -2.99
N GLU E 177 41.60 -5.78 -2.06
CA GLU E 177 42.98 -6.13 -2.38
C GLU E 177 43.10 -7.60 -2.81
N GLU E 178 42.34 -8.47 -2.15
CA GLU E 178 42.35 -9.88 -2.48
C GLU E 178 41.52 -10.16 -3.74
N ALA E 179 40.58 -9.28 -4.05
CA ALA E 179 39.75 -9.44 -5.23
C ALA E 179 40.59 -9.14 -6.46
N LEU E 180 41.46 -8.14 -6.32
CA LEU E 180 42.36 -7.72 -7.39
C LEU E 180 43.48 -8.75 -7.58
N GLU E 181 43.96 -9.34 -6.48
CA GLU E 181 45.02 -10.35 -6.53
C GLU E 181 44.53 -11.62 -7.19
N TYR E 182 43.31 -12.02 -6.82
CA TYR E 182 42.69 -13.23 -7.35
C TYR E 182 42.35 -13.07 -8.83
N GLY E 183 42.07 -11.83 -9.24
CA GLY E 183 41.75 -11.57 -10.63
C GLY E 183 40.28 -11.27 -10.91
N LEU E 184 39.54 -10.93 -9.86
CA LEU E 184 38.11 -10.63 -10.00
C LEU E 184 37.86 -9.20 -10.48
N ILE E 185 38.73 -8.27 -10.09
CA ILE E 185 38.60 -6.87 -10.50
C ILE E 185 39.89 -6.43 -11.17
N ASP E 186 39.78 -5.47 -12.09
CA ASP E 186 40.95 -4.97 -12.81
C ASP E 186 41.67 -3.80 -12.14
N LYS E 187 40.93 -2.96 -11.41
CA LYS E 187 41.53 -1.80 -10.76
C LYS E 187 40.73 -1.25 -9.56
N ILE E 188 41.42 -0.94 -8.46
CA ILE E 188 40.80 -0.38 -7.27
C ILE E 188 40.76 1.17 -7.34
N LEU E 189 39.56 1.74 -7.44
CA LEU E 189 39.41 3.19 -7.52
C LEU E 189 39.81 3.89 -6.23
N THR E 190 40.79 4.79 -6.32
CA THR E 190 41.26 5.51 -5.14
C THR E 190 40.74 6.95 -5.10
N HIS E 191 41.24 7.72 -4.14
CA HIS E 191 40.86 9.13 -3.94
C HIS E 191 41.53 10.11 -4.93
N ASP F 18 7.11 4.29 -18.62
CA ASP F 18 7.87 3.21 -17.92
C ASP F 18 8.83 2.51 -18.87
N ILE F 19 9.79 1.79 -18.30
CA ILE F 19 10.77 1.06 -19.10
C ILE F 19 10.07 0.03 -20.00
N TYR F 20 9.00 -0.55 -19.47
CA TYR F 20 8.22 -1.55 -20.20
C TYR F 20 7.28 -0.89 -21.21
N SER F 21 6.96 0.38 -20.98
CA SER F 21 6.09 1.13 -21.88
C SER F 21 6.85 1.42 -23.16
N ARG F 22 8.10 1.81 -23.01
CA ARG F 22 8.95 2.09 -24.15
C ARG F 22 9.03 0.81 -24.97
N LEU F 23 8.99 -0.32 -24.29
CA LEU F 23 9.08 -1.63 -24.93
C LEU F 23 7.93 -1.93 -25.90
N LEU F 24 6.71 -1.59 -25.49
CA LEU F 24 5.57 -1.84 -26.34
C LEU F 24 5.58 -0.88 -27.54
N LYS F 25 6.04 0.35 -27.30
CA LYS F 25 6.10 1.37 -28.32
C LYS F 25 6.90 0.93 -29.54
N ASP F 26 7.78 -0.04 -29.33
CA ASP F 26 8.64 -0.58 -30.39
C ASP F 26 8.30 -2.04 -30.68
N ARG F 27 7.12 -2.46 -30.23
CA ARG F 27 6.62 -3.82 -30.46
C ARG F 27 7.29 -4.96 -29.69
N ILE F 28 7.64 -4.73 -28.43
CA ILE F 28 8.27 -5.75 -27.60
C ILE F 28 7.46 -6.03 -26.33
N ILE F 29 6.82 -7.18 -26.27
CA ILE F 29 6.04 -7.53 -25.09
C ILE F 29 6.87 -8.34 -24.10
N MET F 30 6.66 -8.09 -22.81
CA MET F 30 7.42 -8.78 -21.77
C MET F 30 6.58 -9.78 -20.96
N LEU F 31 7.12 -10.99 -20.77
CA LEU F 31 6.45 -12.00 -19.97
C LEU F 31 7.48 -12.48 -18.96
N GLY F 32 7.59 -11.77 -17.83
CA GLY F 32 8.57 -12.15 -16.83
C GLY F 32 8.06 -12.47 -15.43
N SER F 33 7.15 -13.43 -15.34
CA SER F 33 6.57 -13.82 -14.05
C SER F 33 5.72 -15.08 -14.17
N ALA F 34 5.38 -15.69 -13.03
CA ALA F 34 4.54 -16.88 -13.04
C ALA F 34 3.24 -16.51 -13.78
N ILE F 35 2.83 -17.36 -14.71
CA ILE F 35 1.64 -17.09 -15.50
C ILE F 35 0.33 -17.32 -14.74
N ASP F 36 -0.49 -16.27 -14.67
CA ASP F 36 -1.79 -16.32 -14.00
C ASP F 36 -2.78 -15.55 -14.87
N ASP F 37 -4.07 -15.71 -14.58
CA ASP F 37 -5.13 -15.05 -15.34
C ASP F 37 -4.94 -13.55 -15.61
N ASN F 38 -4.20 -12.85 -14.75
CA ASN F 38 -3.97 -11.42 -14.92
C ASN F 38 -2.92 -11.11 -15.97
N VAL F 39 -1.74 -11.71 -15.80
CA VAL F 39 -0.66 -11.50 -16.74
C VAL F 39 -1.15 -11.91 -18.13
N ALA F 40 -1.94 -12.96 -18.16
CA ALA F 40 -2.48 -13.50 -19.39
C ALA F 40 -3.37 -12.53 -20.17
N ASN F 41 -4.32 -11.89 -19.48
CA ASN F 41 -5.23 -10.97 -20.17
C ASN F 41 -4.52 -9.73 -20.70
N SER F 42 -3.54 -9.25 -19.94
CA SER F 42 -2.76 -8.09 -20.35
C SER F 42 -2.02 -8.38 -21.66
N ILE F 43 -1.32 -9.51 -21.68
CA ILE F 43 -0.54 -9.92 -22.84
C ILE F 43 -1.39 -10.10 -24.08
N VAL F 44 -2.63 -10.58 -23.89
CA VAL F 44 -3.54 -10.81 -25.01
C VAL F 44 -3.94 -9.48 -25.65
N SER F 45 -4.32 -8.53 -24.83
CA SER F 45 -4.74 -7.22 -25.32
C SER F 45 -3.60 -6.53 -26.07
N GLN F 46 -2.41 -6.50 -25.46
CA GLN F 46 -1.26 -5.86 -26.07
C GLN F 46 -0.99 -6.41 -27.46
N LEU F 47 -1.16 -7.73 -27.61
CA LEU F 47 -0.96 -8.38 -28.89
C LEU F 47 -1.95 -7.84 -29.93
N LEU F 48 -3.23 -7.80 -29.56
CA LEU F 48 -4.29 -7.33 -30.44
C LEU F 48 -4.15 -5.83 -30.78
N PHE F 49 -3.54 -5.07 -29.87
CA PHE F 49 -3.33 -3.63 -30.08
C PHE F 49 -2.30 -3.44 -31.17
N LEU F 50 -1.12 -4.02 -30.97
CA LEU F 50 -0.01 -3.92 -31.91
C LEU F 50 -0.35 -4.44 -33.30
N ALA F 51 -1.35 -5.32 -33.38
CA ALA F 51 -1.77 -5.87 -34.66
C ALA F 51 -2.62 -4.85 -35.39
N ALA F 52 -3.25 -3.96 -34.60
CA ALA F 52 -4.10 -2.91 -35.13
C ALA F 52 -3.30 -1.81 -35.84
N GLU F 53 -2.30 -1.27 -35.16
CA GLU F 53 -1.47 -0.22 -35.71
C GLU F 53 -0.78 -0.56 -37.04
N ASP F 54 -0.47 -1.83 -37.25
CA ASP F 54 0.17 -2.27 -38.49
C ASP F 54 0.21 -3.79 -38.56
N PRO F 55 -0.75 -4.39 -39.27
CA PRO F 55 -0.83 -5.85 -39.41
C PRO F 55 0.37 -6.46 -40.14
N GLU F 56 1.25 -5.61 -40.66
CA GLU F 56 2.43 -6.10 -41.38
C GLU F 56 3.68 -6.30 -40.53
N LYS F 57 4.12 -5.27 -39.81
CA LYS F 57 5.32 -5.37 -38.97
C LYS F 57 5.19 -6.46 -37.90
N GLU F 58 6.31 -7.08 -37.52
CA GLU F 58 6.25 -8.14 -36.51
C GLU F 58 6.27 -7.63 -35.08
N ILE F 59 6.14 -8.56 -34.14
CA ILE F 59 6.10 -8.29 -32.71
C ILE F 59 7.02 -9.30 -32.01
N SER F 60 7.63 -8.89 -30.90
CA SER F 60 8.53 -9.79 -30.17
C SER F 60 8.03 -10.07 -28.77
N LEU F 61 8.11 -11.33 -28.37
CA LEU F 61 7.69 -11.77 -27.04
C LEU F 61 8.88 -12.30 -26.25
N TYR F 62 9.38 -11.49 -25.33
CA TYR F 62 10.53 -11.87 -24.50
C TYR F 62 10.04 -12.66 -23.29
N ILE F 63 10.69 -13.78 -22.98
CA ILE F 63 10.26 -14.63 -21.88
C ILE F 63 11.25 -14.97 -20.77
N ASN F 64 10.72 -15.05 -19.55
CA ASN F 64 11.47 -15.43 -18.36
C ASN F 64 10.42 -15.69 -17.30
N SER F 65 9.89 -16.92 -17.30
CA SER F 65 8.82 -17.31 -16.38
C SER F 65 8.95 -18.73 -15.86
N PRO F 66 8.65 -18.96 -14.57
CA PRO F 66 8.73 -20.31 -13.95
C PRO F 66 7.50 -21.17 -14.26
N GLY F 67 6.64 -20.67 -15.14
CA GLY F 67 5.44 -21.40 -15.52
C GLY F 67 4.16 -20.81 -14.92
N GLY F 68 3.10 -21.63 -14.85
CA GLY F 68 1.85 -21.17 -14.28
C GLY F 68 0.64 -22.00 -14.66
N SER F 69 -0.53 -21.34 -14.70
CA SER F 69 -1.79 -21.99 -15.03
C SER F 69 -1.84 -22.41 -16.48
N ILE F 70 -2.37 -23.61 -16.72
CA ILE F 70 -2.50 -24.16 -18.06
C ILE F 70 -3.49 -23.34 -18.91
N THR F 71 -4.60 -22.93 -18.31
CA THR F 71 -5.60 -22.16 -19.03
C THR F 71 -5.11 -20.72 -19.30
N ALA F 72 -4.39 -20.16 -18.34
CA ALA F 72 -3.86 -18.82 -18.52
C ALA F 72 -2.93 -18.86 -19.73
N GLY F 73 -2.15 -19.93 -19.80
CA GLY F 73 -1.21 -20.09 -20.89
C GLY F 73 -1.80 -20.29 -22.27
N MET F 74 -2.89 -21.03 -22.35
CA MET F 74 -3.49 -21.31 -23.66
C MET F 74 -4.03 -20.09 -24.39
N ALA F 75 -4.53 -19.12 -23.63
CA ALA F 75 -5.07 -17.91 -24.20
C ALA F 75 -3.93 -17.19 -24.94
N ILE F 76 -2.82 -17.01 -24.24
CA ILE F 76 -1.65 -16.35 -24.79
C ILE F 76 -1.30 -17.00 -26.11
N TYR F 77 -1.15 -18.32 -26.07
CA TYR F 77 -0.81 -19.11 -27.26
C TYR F 77 -1.80 -18.92 -28.41
N ASP F 78 -3.09 -19.02 -28.08
CA ASP F 78 -4.16 -18.88 -29.08
C ASP F 78 -4.22 -17.53 -29.78
N THR F 79 -3.84 -16.47 -29.07
CA THR F 79 -3.86 -15.14 -29.64
C THR F 79 -2.66 -14.88 -30.54
N MET F 80 -1.54 -15.53 -30.24
CA MET F 80 -0.35 -15.37 -31.04
C MET F 80 -0.65 -15.90 -32.44
N GLN F 81 -1.51 -16.91 -32.49
CA GLN F 81 -1.88 -17.54 -33.75
C GLN F 81 -2.92 -16.79 -34.56
N PHE F 82 -3.71 -15.95 -33.89
CA PHE F 82 -4.76 -15.21 -34.58
C PHE F 82 -4.31 -13.99 -35.37
N ILE F 83 -3.63 -13.06 -34.69
CA ILE F 83 -3.16 -11.84 -35.33
C ILE F 83 -2.31 -12.11 -36.58
N LYS F 84 -2.28 -11.13 -37.50
CA LYS F 84 -1.53 -11.24 -38.76
C LYS F 84 -0.02 -11.05 -38.63
N PRO F 85 0.43 -10.22 -37.68
CA PRO F 85 1.87 -10.04 -37.53
C PRO F 85 2.54 -11.30 -37.00
N LYS F 86 3.71 -11.63 -37.54
CA LYS F 86 4.45 -12.79 -37.08
C LYS F 86 5.02 -12.43 -35.72
N VAL F 87 4.90 -13.35 -34.75
CA VAL F 87 5.38 -13.11 -33.40
C VAL F 87 6.62 -13.91 -33.04
N SER F 88 7.72 -13.22 -32.76
CA SER F 88 8.95 -13.90 -32.37
C SER F 88 9.03 -13.99 -30.85
N THR F 89 9.78 -14.96 -30.34
CA THR F 89 9.94 -15.18 -28.91
C THR F 89 11.43 -15.32 -28.52
N ILE F 90 11.81 -14.75 -27.37
CA ILE F 90 13.19 -14.82 -26.89
C ILE F 90 13.28 -15.30 -25.45
N CYS F 91 13.77 -16.51 -25.22
CA CYS F 91 13.88 -17.00 -23.85
C CYS F 91 15.05 -16.31 -23.20
N ILE F 92 14.81 -15.68 -22.06
CA ILE F 92 15.89 -15.06 -21.32
C ILE F 92 15.79 -15.46 -19.86
N GLY F 93 16.88 -15.95 -19.29
CA GLY F 93 16.87 -16.39 -17.91
C GLY F 93 16.37 -17.83 -17.84
N MET F 94 15.07 -17.99 -17.69
CA MET F 94 14.45 -19.31 -17.59
C MET F 94 13.10 -19.37 -18.30
N ALA F 95 12.68 -20.57 -18.65
CA ALA F 95 11.39 -20.79 -19.30
C ALA F 95 10.98 -22.20 -18.88
N ALA F 96 10.35 -22.29 -17.71
CA ALA F 96 9.92 -23.57 -17.17
C ALA F 96 8.46 -23.79 -17.49
N SER F 97 8.04 -25.06 -17.48
CA SER F 97 6.66 -25.46 -17.72
C SER F 97 5.93 -24.69 -18.85
N MET F 98 4.78 -24.11 -18.52
CA MET F 98 4.00 -23.34 -19.49
C MET F 98 4.81 -22.23 -20.16
N GLY F 99 5.90 -21.82 -19.50
CA GLY F 99 6.75 -20.79 -20.05
C GLY F 99 7.51 -21.31 -21.26
N ALA F 100 8.01 -22.53 -21.16
CA ALA F 100 8.77 -23.10 -22.26
C ALA F 100 7.87 -23.45 -23.45
N PHE F 101 6.61 -23.75 -23.13
CA PHE F 101 5.60 -24.10 -24.15
C PHE F 101 5.41 -22.96 -25.14
N LEU F 102 4.98 -21.81 -24.61
CA LEU F 102 4.76 -20.59 -25.37
C LEU F 102 6.02 -20.24 -26.14
N LEU F 103 7.15 -20.39 -25.46
CA LEU F 103 8.45 -20.12 -26.05
C LEU F 103 8.53 -20.88 -27.38
N ALA F 104 8.06 -22.14 -27.35
CA ALA F 104 8.06 -22.99 -28.54
C ALA F 104 6.96 -22.58 -29.55
N ALA F 105 6.02 -21.78 -29.06
CA ALA F 105 4.91 -21.30 -29.88
C ALA F 105 5.29 -20.12 -30.81
N GLY F 106 6.56 -19.73 -30.81
CA GLY F 106 6.97 -18.64 -31.67
C GLY F 106 7.05 -19.04 -33.14
N GLU F 107 6.99 -18.04 -34.02
CA GLU F 107 7.07 -18.23 -35.47
C GLU F 107 8.30 -19.06 -35.81
N LYS F 108 8.14 -20.09 -36.66
CA LYS F 108 9.28 -20.92 -37.05
C LYS F 108 10.38 -20.07 -37.67
N GLY F 109 11.59 -20.21 -37.17
CA GLY F 109 12.71 -19.44 -37.68
C GLY F 109 12.95 -18.16 -36.93
N LYS F 110 12.05 -17.86 -35.99
CA LYS F 110 12.11 -16.66 -35.17
C LYS F 110 11.95 -16.95 -33.67
N ARG F 111 12.51 -18.06 -33.20
CA ARG F 111 12.42 -18.41 -31.78
C ARG F 111 13.86 -18.39 -31.28
N TYR F 112 14.13 -17.60 -30.26
CA TYR F 112 15.49 -17.48 -29.77
C TYR F 112 15.70 -17.88 -28.32
N ALA F 113 16.91 -17.64 -27.85
CA ALA F 113 17.33 -17.94 -26.49
C ALA F 113 18.81 -17.59 -26.40
N LEU F 114 19.20 -17.04 -25.25
CA LEU F 114 20.59 -16.65 -25.05
C LEU F 114 21.43 -17.84 -24.64
N PRO F 115 22.76 -17.72 -24.80
CA PRO F 115 23.73 -18.78 -24.47
C PRO F 115 23.51 -19.49 -23.14
N ASN F 116 23.28 -18.76 -22.06
CA ASN F 116 23.06 -19.40 -20.76
C ASN F 116 21.63 -19.54 -20.28
N SER F 117 20.68 -19.45 -21.19
CA SER F 117 19.28 -19.61 -20.81
C SER F 117 18.98 -21.08 -20.45
N GLU F 118 17.96 -21.27 -19.63
CA GLU F 118 17.57 -22.61 -19.20
C GLU F 118 16.09 -22.82 -19.58
N VAL F 119 15.74 -24.03 -19.96
CA VAL F 119 14.37 -24.37 -20.35
C VAL F 119 14.00 -25.71 -19.68
N MET F 120 12.78 -25.81 -19.16
CA MET F 120 12.36 -27.05 -18.49
C MET F 120 10.94 -27.46 -18.83
N ILE F 121 10.72 -28.76 -18.97
CA ILE F 121 9.40 -29.27 -19.29
C ILE F 121 9.07 -30.34 -18.28
N HIS F 122 7.77 -30.52 -18.05
CA HIS F 122 7.29 -31.54 -17.12
C HIS F 122 5.82 -31.77 -17.38
N GLN F 123 5.16 -32.54 -16.53
CA GLN F 123 3.74 -32.80 -16.73
C GLN F 123 2.89 -31.90 -15.83
N PRO F 124 1.60 -31.74 -16.15
CA PRO F 124 0.73 -30.88 -15.34
C PRO F 124 0.65 -31.27 -13.86
N LEU F 125 0.34 -30.28 -13.01
CA LEU F 125 0.20 -30.49 -11.58
C LEU F 125 -1.21 -30.07 -11.12
N GLY F 126 -1.71 -30.70 -10.07
CA GLY F 126 -3.05 -30.38 -9.57
C GLY F 126 -3.42 -31.15 -8.31
N GLY F 127 -4.70 -31.08 -7.93
CA GLY F 127 -5.14 -31.77 -6.73
C GLY F 127 -6.62 -32.15 -6.76
N ALA F 128 -7.02 -33.01 -5.82
CA ALA F 128 -8.40 -33.46 -5.71
C ALA F 128 -8.68 -33.95 -4.29
N GLN F 129 -9.90 -33.67 -3.81
CA GLN F 129 -10.33 -34.06 -2.48
C GLN F 129 -11.83 -34.44 -2.54
N GLY F 130 -12.27 -35.34 -1.66
CA GLY F 130 -13.67 -35.70 -1.65
C GLY F 130 -14.08 -37.14 -1.95
N GLN F 131 -15.28 -37.28 -2.53
CA GLN F 131 -15.83 -38.57 -2.88
C GLN F 131 -15.14 -39.16 -4.09
N ALA F 132 -15.07 -40.49 -4.12
CA ALA F 132 -14.43 -41.21 -5.21
C ALA F 132 -14.84 -40.64 -6.58
N THR F 133 -16.10 -40.29 -6.72
CA THR F 133 -16.64 -39.75 -7.97
C THR F 133 -16.07 -38.39 -8.35
N GLU F 134 -15.77 -37.60 -7.32
CA GLU F 134 -15.23 -36.27 -7.51
C GLU F 134 -13.75 -36.30 -7.91
N ILE F 135 -12.99 -37.20 -7.29
CA ILE F 135 -11.57 -37.35 -7.59
C ILE F 135 -11.40 -37.88 -9.00
N GLU F 136 -12.43 -38.58 -9.48
CA GLU F 136 -12.39 -39.13 -10.83
C GLU F 136 -12.47 -37.99 -11.85
N ILE F 137 -13.46 -37.11 -11.67
CA ILE F 137 -13.62 -35.99 -12.58
C ILE F 137 -12.34 -35.19 -12.74
N ALA F 138 -11.62 -35.04 -11.63
CA ALA F 138 -10.37 -34.31 -11.58
C ALA F 138 -9.26 -35.05 -12.32
N ALA F 139 -9.18 -36.36 -12.07
CA ALA F 139 -8.19 -37.19 -12.72
C ALA F 139 -8.34 -37.15 -14.24
N LYS F 140 -9.59 -37.18 -14.71
CA LYS F 140 -9.86 -37.14 -16.15
C LYS F 140 -9.49 -35.81 -16.79
N ARG F 141 -9.80 -34.70 -16.11
CA ARG F 141 -9.44 -33.41 -16.69
C ARG F 141 -7.92 -33.26 -16.72
N ILE F 142 -7.27 -33.51 -15.59
CA ILE F 142 -5.81 -33.38 -15.50
C ILE F 142 -5.09 -34.19 -16.56
N LEU F 143 -5.41 -35.47 -16.70
CA LEU F 143 -4.77 -36.29 -17.72
C LEU F 143 -5.09 -35.76 -19.12
N LEU F 144 -6.28 -35.18 -19.30
CA LEU F 144 -6.62 -34.67 -20.63
C LEU F 144 -5.77 -33.47 -21.05
N LEU F 145 -5.49 -32.58 -20.12
CA LEU F 145 -4.68 -31.41 -20.46
C LEU F 145 -3.24 -31.87 -20.77
N ARG F 146 -2.76 -32.86 -20.02
CA ARG F 146 -1.43 -33.38 -20.25
C ARG F 146 -1.34 -33.91 -21.68
N ASP F 147 -2.47 -34.34 -22.23
CA ASP F 147 -2.54 -34.88 -23.58
C ASP F 147 -2.52 -33.83 -24.69
N LYS F 148 -3.26 -32.76 -24.48
CA LYS F 148 -3.35 -31.68 -25.45
C LYS F 148 -2.03 -30.89 -25.53
N LEU F 149 -1.39 -30.75 -24.37
CA LEU F 149 -0.13 -30.01 -24.28
C LEU F 149 0.97 -30.78 -24.99
N ASN F 150 1.01 -32.08 -24.77
CA ASN F 150 2.03 -32.88 -25.39
C ASN F 150 1.92 -32.95 -26.91
N LYS F 151 0.69 -32.94 -27.44
CA LYS F 151 0.52 -33.02 -28.88
C LYS F 151 0.90 -31.76 -29.66
N VAL F 152 0.74 -30.59 -29.06
CA VAL F 152 1.11 -29.34 -29.72
C VAL F 152 2.62 -29.20 -29.61
N LEU F 153 3.18 -29.57 -28.45
CA LEU F 153 4.62 -29.52 -28.22
C LEU F 153 5.32 -30.31 -29.33
N ALA F 154 4.81 -31.51 -29.60
CA ALA F 154 5.34 -32.41 -30.63
C ALA F 154 5.16 -31.90 -32.07
N GLU F 155 4.24 -30.99 -32.31
CA GLU F 155 4.06 -30.45 -33.66
C GLU F 155 5.00 -29.27 -33.87
N ARG F 156 5.31 -28.60 -32.77
CA ARG F 156 6.19 -27.43 -32.77
C ARG F 156 7.66 -27.83 -32.78
N THR F 157 8.00 -28.89 -32.05
CA THR F 157 9.38 -29.36 -31.98
C THR F 157 9.74 -30.31 -33.12
N GLY F 158 8.77 -31.06 -33.61
CA GLY F 158 9.04 -32.01 -34.67
C GLY F 158 9.32 -33.38 -34.08
N GLN F 159 9.41 -33.43 -32.75
CA GLN F 159 9.67 -34.65 -31.99
C GLN F 159 8.43 -35.57 -31.97
N PRO F 160 8.65 -36.89 -31.85
CA PRO F 160 7.48 -37.77 -31.82
C PRO F 160 6.79 -37.75 -30.45
N LEU F 161 5.47 -37.94 -30.45
CA LEU F 161 4.70 -37.91 -29.22
C LEU F 161 5.19 -38.87 -28.13
N GLU F 162 5.55 -40.08 -28.51
CA GLU F 162 6.04 -41.05 -27.54
C GLU F 162 7.20 -40.45 -26.73
N VAL F 163 8.02 -39.64 -27.39
CA VAL F 163 9.18 -39.02 -26.73
C VAL F 163 8.79 -37.95 -25.73
N ILE F 164 7.90 -37.04 -26.15
CA ILE F 164 7.44 -35.97 -25.30
C ILE F 164 6.86 -36.59 -24.01
N GLU F 165 6.01 -37.60 -24.16
CA GLU F 165 5.37 -38.27 -23.02
C GLU F 165 6.38 -38.78 -21.99
N ARG F 166 7.32 -39.61 -22.43
CA ARG F 166 8.30 -40.17 -21.53
C ARG F 166 9.27 -39.12 -20.95
N ASP F 167 9.65 -38.15 -21.77
CA ASP F 167 10.58 -37.11 -21.36
C ASP F 167 10.03 -36.12 -20.37
N THR F 168 8.73 -36.16 -20.13
CA THR F 168 8.08 -35.24 -19.22
C THR F 168 7.53 -35.90 -17.95
N ASP F 169 7.92 -37.15 -17.70
CA ASP F 169 7.45 -37.86 -16.50
C ASP F 169 7.86 -37.16 -15.20
N ARG F 170 8.99 -36.46 -15.22
CA ARG F 170 9.50 -35.71 -14.07
C ARG F 170 10.19 -34.42 -14.58
N ASP F 171 10.65 -33.54 -13.70
CA ASP F 171 11.29 -32.30 -14.17
C ASP F 171 12.47 -32.57 -15.10
N ASN F 172 12.47 -31.90 -16.26
CA ASN F 172 13.51 -32.06 -17.25
C ASN F 172 14.15 -30.71 -17.61
N PHE F 173 15.33 -30.46 -17.06
CA PHE F 173 16.05 -29.21 -17.30
C PHE F 173 16.96 -29.32 -18.51
N LYS F 174 16.88 -28.34 -19.40
CA LYS F 174 17.69 -28.35 -20.61
C LYS F 174 18.48 -27.06 -20.80
N SER F 175 19.71 -27.20 -21.28
CA SER F 175 20.58 -26.05 -21.56
C SER F 175 20.08 -25.44 -22.87
N ALA F 176 20.57 -24.25 -23.20
CA ALA F 176 20.13 -23.58 -24.44
C ALA F 176 20.54 -24.40 -25.66
N GLU F 177 21.65 -25.12 -25.56
CA GLU F 177 22.06 -25.94 -26.67
C GLU F 177 21.12 -27.13 -26.74
N GLU F 178 20.80 -27.72 -25.59
CA GLU F 178 19.89 -28.88 -25.57
C GLU F 178 18.50 -28.42 -25.99
N ALA F 179 18.25 -27.13 -25.90
CA ALA F 179 16.94 -26.61 -26.28
C ALA F 179 16.88 -26.54 -27.80
N LEU F 180 17.94 -26.00 -28.39
CA LEU F 180 18.01 -25.88 -29.84
C LEU F 180 17.89 -27.24 -30.54
N GLU F 181 18.65 -28.22 -30.04
CA GLU F 181 18.66 -29.57 -30.59
C GLU F 181 17.36 -30.35 -30.44
N TYR F 182 16.61 -30.07 -29.37
CA TYR F 182 15.36 -30.74 -29.08
C TYR F 182 14.22 -30.19 -29.93
N GLY F 183 14.43 -29.00 -30.48
CA GLY F 183 13.42 -28.36 -31.31
C GLY F 183 12.59 -27.29 -30.61
N LEU F 184 12.93 -26.95 -29.37
CA LEU F 184 12.21 -25.91 -28.63
C LEU F 184 12.51 -24.49 -29.18
N ILE F 185 13.72 -24.25 -29.67
CA ILE F 185 14.07 -22.93 -30.25
C ILE F 185 14.68 -23.08 -31.66
N ASP F 186 14.97 -21.95 -32.31
CA ASP F 186 15.55 -21.99 -33.65
C ASP F 186 16.94 -21.40 -33.79
N LYS F 187 17.33 -20.53 -32.87
CA LYS F 187 18.64 -19.90 -32.96
C LYS F 187 19.06 -19.26 -31.66
N ILE F 188 20.35 -19.38 -31.33
CA ILE F 188 20.86 -18.78 -30.11
C ILE F 188 21.49 -17.45 -30.48
N LEU F 189 21.23 -16.44 -29.67
CA LEU F 189 21.76 -15.09 -29.87
C LEU F 189 23.06 -14.91 -29.11
N THR F 190 24.15 -14.71 -29.83
CA THR F 190 25.46 -14.54 -29.21
C THR F 190 25.92 -13.08 -29.16
N HIS F 191 26.37 -12.54 -30.29
CA HIS F 191 26.82 -11.16 -30.37
C HIS F 191 27.48 -10.87 -31.72
N ASP G 18 -4.43 3.44 -19.91
CA ASP G 18 -4.25 1.98 -19.71
C ASP G 18 -4.56 1.25 -21.02
N ILE G 19 -4.03 0.04 -21.15
CA ILE G 19 -4.23 -0.77 -22.35
C ILE G 19 -5.71 -1.06 -22.58
N TYR G 20 -6.48 -1.07 -21.49
CA TYR G 20 -7.90 -1.35 -21.57
C TYR G 20 -8.71 -0.12 -22.00
N SER G 21 -8.23 1.06 -21.60
CA SER G 21 -8.90 2.30 -21.96
C SER G 21 -8.79 2.46 -23.47
N ARG G 22 -7.70 1.92 -24.01
CA ARG G 22 -7.45 1.97 -25.44
C ARG G 22 -8.43 1.07 -26.21
N LEU G 23 -8.63 -0.14 -25.72
CA LEU G 23 -9.53 -1.10 -26.35
C LEU G 23 -10.97 -0.65 -26.17
N LEU G 24 -11.18 0.28 -25.25
CA LEU G 24 -12.50 0.79 -24.97
C LEU G 24 -12.93 1.81 -26.02
N LYS G 25 -11.98 2.59 -26.55
CA LYS G 25 -12.30 3.56 -27.58
C LYS G 25 -12.83 2.84 -28.82
N ASP G 26 -12.64 1.52 -28.87
CA ASP G 26 -13.11 0.73 -30.00
C ASP G 26 -14.22 -0.24 -29.63
N ARG G 27 -14.86 0.03 -28.50
CA ARG G 27 -15.97 -0.78 -28.04
C ARG G 27 -15.62 -2.25 -27.66
N ILE G 28 -14.79 -2.41 -26.64
CA ILE G 28 -14.40 -3.74 -26.16
C ILE G 28 -14.26 -3.81 -24.63
N ILE G 29 -15.22 -4.46 -23.98
CA ILE G 29 -15.16 -4.62 -22.53
C ILE G 29 -14.49 -5.95 -22.20
N MET G 30 -13.73 -5.98 -21.10
CA MET G 30 -12.99 -7.17 -20.71
C MET G 30 -13.25 -7.73 -19.31
N LEU G 31 -13.89 -8.90 -19.25
CA LEU G 31 -14.17 -9.59 -17.99
C LEU G 31 -13.15 -10.72 -17.83
N GLY G 32 -12.15 -10.49 -16.99
CA GLY G 32 -11.12 -11.51 -16.81
C GLY G 32 -10.70 -11.82 -15.39
N SER G 33 -11.64 -11.81 -14.46
CA SER G 33 -11.35 -12.14 -13.07
C SER G 33 -12.54 -12.85 -12.44
N ALA G 34 -12.34 -13.41 -11.25
CA ALA G 34 -13.43 -14.08 -10.54
C ALA G 34 -14.53 -13.03 -10.40
N ILE G 35 -15.79 -13.45 -10.45
CA ILE G 35 -16.87 -12.49 -10.38
C ILE G 35 -17.35 -12.20 -8.97
N ASP G 36 -17.13 -10.96 -8.54
CA ASP G 36 -17.54 -10.47 -7.22
C ASP G 36 -18.26 -9.16 -7.53
N ASP G 37 -18.92 -8.58 -6.54
CA ASP G 37 -19.66 -7.34 -6.76
C ASP G 37 -18.81 -6.27 -7.46
N ASN G 38 -17.58 -6.10 -6.99
CA ASN G 38 -16.65 -5.11 -7.57
C ASN G 38 -16.51 -5.19 -9.08
N VAL G 39 -16.36 -6.41 -9.59
CA VAL G 39 -16.21 -6.59 -11.01
C VAL G 39 -17.52 -6.26 -11.70
N ALA G 40 -18.59 -6.90 -11.22
CA ALA G 40 -19.94 -6.73 -11.75
C ALA G 40 -20.30 -5.28 -12.05
N ASN G 41 -20.14 -4.42 -11.06
CA ASN G 41 -20.45 -3.01 -11.22
C ASN G 41 -19.64 -2.36 -12.34
N SER G 42 -18.34 -2.66 -12.37
CA SER G 42 -17.45 -2.08 -13.37
C SER G 42 -17.90 -2.41 -14.79
N ILE G 43 -18.22 -3.67 -15.03
CA ILE G 43 -18.62 -4.10 -16.37
C ILE G 43 -20.00 -3.57 -16.76
N VAL G 44 -20.80 -3.22 -15.76
CA VAL G 44 -22.12 -2.69 -16.03
C VAL G 44 -21.99 -1.23 -16.46
N SER G 45 -21.18 -0.45 -15.76
CA SER G 45 -21.04 0.95 -16.15
C SER G 45 -20.41 1.10 -17.52
N GLN G 46 -19.63 0.10 -17.95
CA GLN G 46 -19.00 0.17 -19.26
C GLN G 46 -20.03 -0.01 -20.38
N LEU G 47 -20.81 -1.09 -20.30
CA LEU G 47 -21.84 -1.39 -21.30
C LEU G 47 -22.81 -0.23 -21.45
N LEU G 48 -22.98 0.55 -20.37
CA LEU G 48 -23.86 1.69 -20.38
C LEU G 48 -23.19 2.88 -21.08
N PHE G 49 -21.93 3.11 -20.77
CA PHE G 49 -21.19 4.20 -21.37
C PHE G 49 -21.17 4.13 -22.90
N LEU G 50 -20.93 2.93 -23.43
CA LEU G 50 -20.86 2.76 -24.88
C LEU G 50 -22.23 2.91 -25.55
N ALA G 51 -23.24 2.26 -25.01
CA ALA G 51 -24.58 2.35 -25.58
C ALA G 51 -24.97 3.80 -25.79
N ALA G 52 -24.43 4.68 -24.95
CA ALA G 52 -24.72 6.11 -25.03
C ALA G 52 -23.92 6.80 -26.15
N GLU G 53 -22.71 6.31 -26.42
CA GLU G 53 -21.86 6.89 -27.47
C GLU G 53 -22.44 6.65 -28.85
N ASP G 54 -23.20 5.56 -28.99
CA ASP G 54 -23.82 5.23 -30.27
C ASP G 54 -24.64 3.97 -30.14
N PRO G 55 -25.98 4.11 -30.09
CA PRO G 55 -26.88 2.98 -29.96
C PRO G 55 -26.97 2.09 -31.18
N GLU G 56 -25.97 2.17 -32.06
CA GLU G 56 -25.95 1.35 -33.28
C GLU G 56 -24.72 0.43 -33.33
N LYS G 57 -23.51 1.01 -33.29
CA LYS G 57 -22.27 0.23 -33.32
C LYS G 57 -22.31 -0.86 -32.25
N GLU G 58 -21.94 -2.08 -32.62
CA GLU G 58 -21.97 -3.17 -31.68
C GLU G 58 -20.81 -3.10 -30.69
N ILE G 59 -20.93 -3.86 -29.61
CA ILE G 59 -19.91 -3.89 -28.57
C ILE G 59 -19.42 -5.33 -28.45
N SER G 60 -18.22 -5.51 -27.91
CA SER G 60 -17.66 -6.84 -27.75
C SER G 60 -17.07 -7.04 -26.35
N LEU G 61 -17.47 -8.16 -25.74
CA LEU G 61 -17.06 -8.55 -24.38
C LEU G 61 -16.20 -9.83 -24.39
N TYR G 62 -14.93 -9.71 -24.02
CA TYR G 62 -14.02 -10.86 -23.97
C TYR G 62 -14.02 -11.49 -22.56
N ILE G 63 -14.21 -12.81 -22.47
CA ILE G 63 -14.31 -13.52 -21.18
C ILE G 63 -13.26 -14.59 -20.81
N ASN G 64 -12.78 -14.54 -19.57
CA ASN G 64 -11.79 -15.48 -19.02
C ASN G 64 -11.98 -15.49 -17.50
N SER G 65 -12.91 -16.31 -17.01
CA SER G 65 -13.21 -16.33 -15.58
C SER G 65 -13.64 -17.71 -15.00
N PRO G 66 -13.45 -17.91 -13.67
CA PRO G 66 -13.83 -19.15 -12.98
C PRO G 66 -15.27 -19.14 -12.39
N GLY G 67 -15.99 -18.04 -12.62
CA GLY G 67 -17.34 -17.92 -12.10
C GLY G 67 -17.33 -17.00 -10.89
N GLY G 68 -18.22 -17.26 -9.93
CA GLY G 68 -18.30 -16.41 -8.75
C GLY G 68 -19.73 -16.25 -8.27
N SER G 69 -20.02 -15.09 -7.69
CA SER G 69 -21.35 -14.77 -7.16
C SER G 69 -22.48 -14.84 -8.20
N ILE G 70 -23.58 -15.51 -7.83
CA ILE G 70 -24.74 -15.67 -8.73
C ILE G 70 -25.39 -14.30 -8.98
N THR G 71 -25.57 -13.56 -7.90
CA THR G 71 -26.15 -12.23 -7.96
C THR G 71 -25.31 -11.26 -8.80
N ALA G 72 -24.00 -11.41 -8.71
CA ALA G 72 -23.09 -10.54 -9.43
C ALA G 72 -23.17 -10.69 -10.95
N GLY G 73 -23.30 -11.92 -11.41
CA GLY G 73 -23.36 -12.17 -12.84
C GLY G 73 -24.70 -11.81 -13.43
N MET G 74 -25.74 -11.87 -12.61
CA MET G 74 -27.06 -11.53 -13.08
C MET G 74 -27.09 -10.02 -13.36
N ALA G 75 -26.36 -9.26 -12.58
CA ALA G 75 -26.32 -7.82 -12.82
C ALA G 75 -25.82 -7.63 -14.25
N ILE G 76 -24.68 -8.25 -14.56
CA ILE G 76 -24.08 -8.17 -15.89
C ILE G 76 -25.04 -8.70 -16.96
N TYR G 77 -25.53 -9.91 -16.73
CA TYR G 77 -26.45 -10.54 -17.66
C TYR G 77 -27.67 -9.66 -17.98
N ASP G 78 -28.06 -8.82 -17.02
CA ASP G 78 -29.23 -7.96 -17.22
C ASP G 78 -28.97 -6.70 -18.03
N THR G 79 -27.73 -6.22 -18.04
CA THR G 79 -27.42 -5.00 -18.78
C THR G 79 -27.15 -5.31 -20.26
N MET G 80 -26.74 -6.55 -20.53
CA MET G 80 -26.46 -6.96 -21.90
C MET G 80 -27.80 -6.98 -22.65
N GLN G 81 -28.87 -7.28 -21.93
CA GLN G 81 -30.22 -7.34 -22.51
C GLN G 81 -30.85 -5.97 -22.70
N PHE G 82 -30.76 -5.14 -21.68
CA PHE G 82 -31.34 -3.78 -21.72
C PHE G 82 -30.86 -2.90 -22.88
N ILE G 83 -29.54 -2.74 -23.04
CA ILE G 83 -28.98 -1.88 -24.10
C ILE G 83 -29.30 -2.26 -25.55
N LYS G 84 -29.42 -1.24 -26.39
CA LYS G 84 -29.74 -1.40 -27.81
C LYS G 84 -28.72 -2.20 -28.60
N PRO G 85 -27.44 -1.77 -28.59
CA PRO G 85 -26.33 -2.40 -29.29
C PRO G 85 -26.15 -3.89 -29.00
N LYS G 86 -26.04 -4.68 -30.07
CA LYS G 86 -25.83 -6.12 -29.93
C LYS G 86 -24.53 -6.31 -29.15
N VAL G 87 -24.52 -7.29 -28.24
CA VAL G 87 -23.35 -7.61 -27.45
C VAL G 87 -22.83 -8.97 -27.91
N SER G 88 -21.57 -9.03 -28.35
CA SER G 88 -20.99 -10.29 -28.80
C SER G 88 -19.99 -10.78 -27.75
N THR G 89 -19.83 -12.10 -27.66
CA THR G 89 -18.92 -12.67 -26.68
C THR G 89 -17.77 -13.51 -27.26
N ILE G 90 -16.64 -13.53 -26.56
CA ILE G 90 -15.45 -14.28 -26.98
C ILE G 90 -14.86 -15.02 -25.78
N CYS G 91 -14.80 -16.35 -25.85
CA CYS G 91 -14.21 -17.10 -24.76
C CYS G 91 -12.70 -17.18 -24.98
N ILE G 92 -11.95 -16.65 -24.04
CA ILE G 92 -10.50 -16.66 -24.10
C ILE G 92 -9.96 -17.30 -22.80
N GLY G 93 -9.41 -18.51 -22.92
CA GLY G 93 -8.88 -19.21 -21.75
C GLY G 93 -9.86 -20.16 -21.08
N MET G 94 -10.70 -19.63 -20.21
CA MET G 94 -11.70 -20.42 -19.48
C MET G 94 -12.96 -19.61 -19.24
N ALA G 95 -14.12 -20.28 -19.40
CA ALA G 95 -15.43 -19.65 -19.15
C ALA G 95 -16.17 -20.69 -18.31
N ALA G 96 -16.05 -20.57 -16.99
CA ALA G 96 -16.69 -21.52 -16.07
C ALA G 96 -17.78 -20.91 -15.18
N SER G 97 -18.82 -21.71 -14.91
CA SER G 97 -19.94 -21.29 -14.06
C SER G 97 -20.63 -20.03 -14.59
N MET G 98 -20.81 -19.04 -13.72
CA MET G 98 -21.44 -17.80 -14.17
C MET G 98 -20.74 -17.27 -15.42
N GLY G 99 -19.42 -17.45 -15.46
CA GLY G 99 -18.62 -17.03 -16.60
C GLY G 99 -19.11 -17.70 -17.88
N ALA G 100 -19.36 -19.01 -17.81
CA ALA G 100 -19.84 -19.72 -18.98
C ALA G 100 -21.28 -19.28 -19.23
N PHE G 101 -21.96 -18.87 -18.17
CA PHE G 101 -23.34 -18.43 -18.31
C PHE G 101 -23.38 -17.17 -19.16
N LEU G 102 -22.49 -16.25 -18.86
CA LEU G 102 -22.43 -14.99 -19.58
C LEU G 102 -22.11 -15.20 -21.05
N LEU G 103 -21.17 -16.11 -21.32
CA LEU G 103 -20.75 -16.41 -22.69
C LEU G 103 -21.95 -16.81 -23.56
N ALA G 104 -22.75 -17.75 -23.05
CA ALA G 104 -23.94 -18.22 -23.77
C ALA G 104 -24.95 -17.08 -23.90
N ALA G 105 -24.94 -16.20 -22.91
CA ALA G 105 -25.85 -15.05 -22.88
C ALA G 105 -25.66 -14.08 -24.06
N GLY G 106 -24.54 -14.18 -24.76
CA GLY G 106 -24.31 -13.29 -25.89
C GLY G 106 -25.24 -13.46 -27.08
N GLU G 107 -25.31 -12.39 -27.87
CA GLU G 107 -26.12 -12.29 -29.09
C GLU G 107 -26.05 -13.50 -30.01
N LYS G 108 -27.21 -14.00 -30.41
CA LYS G 108 -27.26 -15.17 -31.30
C LYS G 108 -26.51 -14.90 -32.60
N GLY G 109 -25.55 -15.77 -32.91
CA GLY G 109 -24.76 -15.62 -34.12
C GLY G 109 -23.44 -14.88 -33.89
N LYS G 110 -23.29 -14.34 -32.69
CA LYS G 110 -22.09 -13.59 -32.34
C LYS G 110 -21.40 -14.12 -31.09
N ARG G 111 -21.50 -15.42 -30.83
CA ARG G 111 -20.84 -16.02 -29.68
C ARG G 111 -19.64 -16.85 -30.16
N TYR G 112 -18.45 -16.39 -29.78
CA TYR G 112 -17.18 -16.98 -30.19
C TYR G 112 -16.31 -17.60 -29.10
N ALA G 113 -15.44 -18.50 -29.53
CA ALA G 113 -14.49 -19.17 -28.65
C ALA G 113 -13.20 -19.40 -29.45
N LEU G 114 -12.06 -19.37 -28.79
CA LEU G 114 -10.82 -19.59 -29.50
C LEU G 114 -10.54 -21.09 -29.56
N PRO G 115 -9.63 -21.51 -30.44
CA PRO G 115 -9.26 -22.93 -30.62
C PRO G 115 -9.03 -23.77 -29.37
N ASN G 116 -8.29 -23.25 -28.38
CA ASN G 116 -8.02 -24.03 -27.16
C ASN G 116 -8.68 -23.55 -25.87
N SER G 117 -9.85 -22.91 -25.98
CA SER G 117 -10.57 -22.45 -24.80
C SER G 117 -11.30 -23.64 -24.14
N GLU G 118 -11.74 -23.44 -22.91
CA GLU G 118 -12.49 -24.44 -22.15
C GLU G 118 -13.78 -23.84 -21.60
N VAL G 119 -14.80 -24.68 -21.40
CA VAL G 119 -16.09 -24.27 -20.87
C VAL G 119 -16.56 -25.29 -19.82
N MET G 120 -16.84 -24.82 -18.61
CA MET G 120 -17.29 -25.71 -17.53
C MET G 120 -18.62 -25.25 -16.91
N ILE G 121 -19.60 -26.16 -16.86
CA ILE G 121 -20.92 -25.87 -16.28
C ILE G 121 -21.26 -26.85 -15.16
N HIS G 122 -21.65 -26.32 -14.01
CA HIS G 122 -22.02 -27.19 -12.90
C HIS G 122 -23.21 -26.61 -12.13
N GLN G 123 -23.33 -26.93 -10.86
CA GLN G 123 -24.45 -26.40 -10.11
C GLN G 123 -23.97 -25.42 -9.03
N PRO G 124 -24.84 -24.51 -8.60
CA PRO G 124 -24.55 -23.50 -7.58
C PRO G 124 -24.00 -24.07 -6.26
N LEU G 125 -23.02 -23.38 -5.68
CA LEU G 125 -22.39 -23.79 -4.43
C LEU G 125 -22.81 -22.85 -3.30
N GLY G 126 -22.80 -23.32 -2.06
CA GLY G 126 -23.20 -22.48 -0.94
C GLY G 126 -22.88 -23.04 0.44
N GLY G 127 -23.64 -22.59 1.44
CA GLY G 127 -23.42 -23.05 2.80
C GLY G 127 -24.53 -22.64 3.75
N ALA G 128 -24.55 -23.24 4.94
CA ALA G 128 -25.54 -22.95 5.97
C ALA G 128 -25.06 -23.49 7.33
N GLN G 129 -25.35 -22.75 8.39
CA GLN G 129 -24.92 -23.12 9.73
C GLN G 129 -25.96 -22.59 10.71
N GLY G 130 -26.32 -23.39 11.71
CA GLY G 130 -27.28 -22.96 12.70
C GLY G 130 -28.41 -23.92 13.04
N GLN G 131 -29.56 -23.34 13.36
CA GLN G 131 -30.75 -24.09 13.70
C GLN G 131 -31.35 -24.76 12.47
N ALA G 132 -32.02 -25.89 12.69
CA ALA G 132 -32.68 -26.62 11.61
C ALA G 132 -33.38 -25.60 10.69
N THR G 133 -34.27 -24.80 11.26
CA THR G 133 -35.01 -23.77 10.53
C THR G 133 -34.18 -22.79 9.66
N GLU G 134 -32.99 -22.42 10.12
CA GLU G 134 -32.14 -21.51 9.37
C GLU G 134 -31.53 -22.24 8.18
N ILE G 135 -30.98 -23.42 8.45
CA ILE G 135 -30.38 -24.24 7.39
C ILE G 135 -31.40 -24.46 6.29
N GLU G 136 -32.68 -24.49 6.67
CA GLU G 136 -33.73 -24.72 5.69
C GLU G 136 -33.86 -23.52 4.73
N ILE G 137 -33.81 -22.31 5.28
CA ILE G 137 -33.94 -21.11 4.46
C ILE G 137 -32.89 -20.99 3.38
N ALA G 138 -31.63 -21.21 3.73
CA ALA G 138 -30.55 -21.12 2.75
C ALA G 138 -30.74 -22.16 1.63
N ALA G 139 -31.18 -23.37 2.04
CA ALA G 139 -31.43 -24.46 1.12
C ALA G 139 -32.49 -24.15 0.06
N LYS G 140 -33.63 -23.58 0.47
CA LYS G 140 -34.70 -23.24 -0.47
C LYS G 140 -34.26 -22.23 -1.53
N ARG G 141 -33.46 -21.26 -1.12
CA ARG G 141 -32.97 -20.23 -2.00
C ARG G 141 -32.02 -20.78 -3.06
N ILE G 142 -31.01 -21.52 -2.62
CA ILE G 142 -30.06 -22.05 -3.59
C ILE G 142 -30.73 -22.98 -4.61
N LEU G 143 -31.72 -23.76 -4.18
CA LEU G 143 -32.40 -24.64 -5.10
C LEU G 143 -33.10 -23.78 -6.13
N LEU G 144 -33.77 -22.73 -5.66
CA LEU G 144 -34.48 -21.80 -6.56
C LEU G 144 -33.57 -21.17 -7.64
N LEU G 145 -32.37 -20.74 -7.23
CA LEU G 145 -31.44 -20.12 -8.16
C LEU G 145 -31.03 -21.10 -9.22
N ARG G 146 -30.68 -22.30 -8.77
CA ARG G 146 -30.23 -23.36 -9.66
C ARG G 146 -31.27 -23.56 -10.74
N ASP G 147 -32.53 -23.50 -10.33
CA ASP G 147 -33.63 -23.70 -11.25
C ASP G 147 -33.74 -22.56 -12.26
N LYS G 148 -33.62 -21.33 -11.77
CA LYS G 148 -33.70 -20.17 -12.65
C LYS G 148 -32.56 -20.24 -13.65
N LEU G 149 -31.35 -20.42 -13.14
CA LEU G 149 -30.20 -20.50 -14.03
C LEU G 149 -30.30 -21.58 -15.09
N ASN G 150 -30.88 -22.72 -14.73
CA ASN G 150 -31.01 -23.81 -15.68
C ASN G 150 -31.98 -23.55 -16.82
N LYS G 151 -33.13 -22.95 -16.54
CA LYS G 151 -34.09 -22.66 -17.59
C LYS G 151 -33.52 -21.72 -18.68
N VAL G 152 -32.71 -20.73 -18.28
CA VAL G 152 -32.14 -19.83 -19.28
C VAL G 152 -31.06 -20.56 -20.08
N LEU G 153 -30.28 -21.39 -19.40
CA LEU G 153 -29.24 -22.16 -20.09
C LEU G 153 -29.83 -22.97 -21.24
N ALA G 154 -31.04 -23.50 -21.04
CA ALA G 154 -31.70 -24.30 -22.07
C ALA G 154 -32.13 -23.46 -23.25
N GLU G 155 -32.65 -22.26 -22.99
CA GLU G 155 -33.10 -21.38 -24.07
C GLU G 155 -31.94 -20.85 -24.89
N ARG G 156 -30.77 -20.72 -24.28
CA ARG G 156 -29.59 -20.21 -24.98
C ARG G 156 -28.90 -21.28 -25.83
N THR G 157 -28.86 -22.50 -25.30
CA THR G 157 -28.22 -23.63 -25.97
C THR G 157 -29.13 -24.38 -26.94
N GLY G 158 -30.41 -24.49 -26.60
CA GLY G 158 -31.33 -25.22 -27.43
C GLY G 158 -31.56 -26.58 -26.80
N GLN G 159 -30.82 -26.85 -25.73
CA GLN G 159 -30.94 -28.12 -25.01
C GLN G 159 -32.19 -28.15 -24.13
N PRO G 160 -32.83 -29.32 -24.01
CA PRO G 160 -34.04 -29.44 -23.17
C PRO G 160 -33.64 -29.36 -21.68
N LEU G 161 -34.56 -28.91 -20.84
CA LEU G 161 -34.28 -28.75 -19.41
C LEU G 161 -33.69 -29.94 -18.66
N GLU G 162 -34.29 -31.12 -18.83
CA GLU G 162 -33.83 -32.33 -18.16
C GLU G 162 -32.35 -32.60 -18.43
N VAL G 163 -31.89 -32.17 -19.60
CA VAL G 163 -30.50 -32.37 -20.00
C VAL G 163 -29.59 -31.41 -19.24
N ILE G 164 -29.94 -30.12 -19.26
CA ILE G 164 -29.18 -29.11 -18.58
C ILE G 164 -29.22 -29.36 -17.08
N GLU G 165 -30.11 -30.26 -16.68
CA GLU G 165 -30.32 -30.60 -15.27
C GLU G 165 -29.42 -31.75 -14.80
N ARG G 166 -29.28 -32.75 -15.67
CA ARG G 166 -28.45 -33.90 -15.38
C ARG G 166 -26.99 -33.60 -15.70
N ASP G 167 -26.77 -32.87 -16.77
CA ASP G 167 -25.43 -32.49 -17.23
C ASP G 167 -24.70 -31.55 -16.28
N THR G 168 -25.44 -30.94 -15.36
CA THR G 168 -24.82 -30.03 -14.40
C THR G 168 -24.71 -30.62 -12.99
N ASP G 169 -25.15 -31.86 -12.81
CA ASP G 169 -25.12 -32.50 -11.50
C ASP G 169 -23.76 -32.34 -10.86
N ARG G 170 -22.72 -32.55 -11.66
CA ARG G 170 -21.35 -32.43 -11.19
C ARG G 170 -20.51 -31.69 -12.23
N ASP G 171 -19.28 -31.32 -11.83
CA ASP G 171 -18.36 -30.59 -12.72
C ASP G 171 -18.35 -31.18 -14.12
N ASN G 172 -18.70 -30.36 -15.11
CA ASN G 172 -18.76 -30.79 -16.52
C ASN G 172 -17.93 -29.89 -17.44
N PHE G 173 -16.65 -30.22 -17.58
CA PHE G 173 -15.73 -29.49 -18.43
C PHE G 173 -15.94 -29.85 -19.91
N LYS G 174 -15.75 -28.89 -20.81
CA LYS G 174 -15.94 -29.14 -22.23
C LYS G 174 -14.94 -28.38 -23.08
N SER G 175 -14.65 -28.91 -24.25
CA SER G 175 -13.69 -28.27 -25.15
C SER G 175 -14.46 -27.39 -26.14
N ALA G 176 -13.77 -26.46 -26.78
CA ALA G 176 -14.39 -25.55 -27.75
C ALA G 176 -15.27 -26.26 -28.78
N GLU G 177 -14.84 -27.43 -29.25
CA GLU G 177 -15.66 -28.16 -30.22
C GLU G 177 -16.89 -28.70 -29.51
N GLU G 178 -16.75 -28.98 -28.21
CA GLU G 178 -17.87 -29.48 -27.43
C GLU G 178 -18.87 -28.37 -27.13
N ALA G 179 -18.36 -27.19 -26.77
CA ALA G 179 -19.24 -26.06 -26.50
C ALA G 179 -20.03 -25.75 -27.77
N LEU G 180 -19.36 -25.73 -28.92
CA LEU G 180 -20.05 -25.46 -30.19
C LEU G 180 -21.18 -26.46 -30.40
N GLU G 181 -20.93 -27.73 -30.09
CA GLU G 181 -21.96 -28.76 -30.24
C GLU G 181 -23.12 -28.58 -29.26
N TYR G 182 -22.82 -28.27 -28.01
CA TYR G 182 -23.83 -28.07 -26.99
C TYR G 182 -24.66 -26.80 -27.28
N GLY G 183 -24.11 -25.91 -28.09
CA GLY G 183 -24.83 -24.69 -28.42
C GLY G 183 -24.57 -23.48 -27.53
N LEU G 184 -23.42 -23.47 -26.85
CA LEU G 184 -23.03 -22.38 -25.98
C LEU G 184 -22.36 -21.27 -26.82
N ILE G 185 -21.82 -21.64 -27.98
CA ILE G 185 -21.19 -20.67 -28.87
C ILE G 185 -21.59 -20.99 -30.31
N ASP G 186 -21.47 -20.01 -31.20
CA ASP G 186 -21.86 -20.21 -32.57
C ASP G 186 -20.72 -20.45 -33.55
N LYS G 187 -19.52 -20.01 -33.17
CA LYS G 187 -18.35 -20.13 -34.06
C LYS G 187 -17.00 -20.08 -33.33
N ILE G 188 -15.99 -20.70 -33.94
CA ILE G 188 -14.63 -20.71 -33.39
C ILE G 188 -13.74 -19.89 -34.31
N LEU G 189 -13.09 -18.87 -33.73
CA LEU G 189 -12.18 -18.00 -34.46
C LEU G 189 -10.89 -18.75 -34.72
N THR G 190 -10.53 -18.87 -35.99
CA THR G 190 -9.32 -19.58 -36.35
C THR G 190 -8.17 -18.66 -36.75
N HIS G 191 -8.17 -18.19 -38.01
CA HIS G 191 -7.13 -17.32 -38.54
C HIS G 191 -7.01 -17.48 -40.07
C1 CXP H 1 -23.17 22.43 -0.95
C2 CXP H 1 -22.90 23.97 -0.95
C3 CXP H 1 -22.53 24.44 -2.37
C4 CXP H 1 -21.32 23.66 -2.96
C5 CXP H 1 -21.50 22.12 -2.86
C6 CXP H 1 -21.90 21.66 -1.43
C7 CXP H 1 -23.54 21.93 0.48
C8 CXP H 1 -24.72 22.46 0.87
C9 CXP H 1 -25.87 21.64 1.40
O2 CXP H 1 -26.69 21.01 0.70
C WFP H 2 -27.92 22.62 3.81
N WFP H 2 -26.02 21.77 2.75
O WFP H 2 -28.21 23.05 4.97
F1 WFP H 2 -24.71 16.07 5.75
F2 WFP H 2 -29.40 16.27 4.43
CA WFP H 2 -27.15 21.26 3.50
CB WFP H 2 -26.88 20.59 4.91
CG WFP H 2 -26.87 19.08 4.98
CZ WFP H 2 -27.08 16.12 5.08
CD1 WFP H 2 -25.69 18.27 5.36
CD2 WFP H 2 -28.16 18.36 4.67
CE1 WFP H 2 -25.79 16.80 5.40
CE2 WFP H 2 -28.25 16.92 4.72
N SER H 3 -28.23 23.33 2.67
CA SER H 3 -28.90 24.63 2.65
C SER H 3 -30.25 24.71 1.84
N PRO H 4 -31.30 25.53 2.40
CA PRO H 4 -31.40 26.39 3.70
C PRO H 4 -31.26 25.49 5.06
C YCP H 5 -28.09 26.89 6.92
N YCP H 5 -30.42 25.88 6.18
O YCP H 5 -27.73 27.53 7.95
CA YCP H 5 -29.54 27.13 6.28
CB YCP H 5 -30.30 28.16 7.15
CD YCP H 5 -31.01 25.92 8.61
CE YCP H 5 -30.59 25.03 7.38
CG YCP H 5 -31.06 27.46 8.35
N ALA H 6 -27.25 25.95 6.31
CA ALA H 6 -25.89 25.61 6.80
C ALA H 6 -24.87 25.03 5.74
C MP8 H 7 -26.49 27.05 3.47
N MP8 H 7 -24.55 25.75 4.54
O MP8 H 7 -27.28 27.95 3.72
CA MP8 H 7 -25.05 27.06 4.06
CB MP8 H 7 -23.98 27.53 3.05
CD MP8 H 7 -23.57 25.18 3.53
CE MP8 H 7 -22.05 26.40 1.90
CG MP8 H 7 -23.48 26.22 2.42
C1 CXP I 1 -25.08 6.41 -19.16
C2 CXP I 1 -25.53 7.89 -18.98
C3 CXP I 1 -24.81 8.81 -19.97
C4 CXP I 1 -23.26 8.67 -19.83
C5 CXP I 1 -22.79 7.20 -19.94
C6 CXP I 1 -23.54 6.28 -18.96
C7 CXP I 1 -25.80 5.47 -18.14
C8 CXP I 1 -27.14 5.55 -18.26
C9 CXP I 1 -27.97 4.34 -18.63
O2 CXP I 1 -27.85 3.69 -19.69
C WFP I 2 -31.18 3.88 -18.40
N WFP I 2 -28.94 4.08 -17.70
O WFP I 2 -32.31 3.92 -17.83
F1 WFP I 2 -27.32 -0.48 -13.79
F2 WFP I 2 -29.50 -2.58 -17.59
CA WFP I 2 -29.94 3.04 -17.88
CB WFP I 2 -30.44 2.27 -16.59
CG WFP I 2 -29.72 0.99 -16.25
CZ WFP I 2 -28.39 -1.58 -15.70
CD1 WFP I 2 -28.81 0.88 -15.11
CD2 WFP I 2 -29.97 -0.21 -17.12
CE1 WFP I 2 -28.14 -0.39 -14.83
CE2 WFP I 2 -29.30 -1.49 -16.83
N SER I 3 -30.90 4.58 -19.53
CA SER I 3 -31.83 5.45 -20.25
C SER I 3 -32.21 4.96 -21.70
N PRO I 4 -33.57 5.18 -22.13
CA PRO I 4 -34.79 5.80 -21.41
C PRO I 4 -35.17 4.91 -20.12
C YCP I 5 -34.83 7.23 -16.98
N YCP I 5 -35.48 5.47 -18.82
O YCP I 5 -35.51 7.81 -16.07
CA YCP I 5 -35.46 6.94 -18.42
CB YCP I 5 -36.92 7.44 -18.44
CD YCP I 5 -37.45 4.94 -17.38
CE YCP I 5 -36.02 4.50 -17.86
CG YCP I 5 -37.92 6.34 -17.89
N ALA I 6 -33.52 6.79 -16.78
CA ALA I 6 -32.78 6.96 -15.51
C ALA I 6 -31.21 7.10 -15.61
C MP8 I 7 -31.73 8.59 -18.69
N MP8 I 7 -30.60 8.08 -16.43
O MP8 I 7 -32.70 9.08 -19.26
CA MP8 I 7 -31.21 9.13 -17.31
CB MP8 I 7 -30.10 10.19 -17.46
CD MP8 I 7 -29.10 8.19 -16.48
CE MP8 I 7 -27.64 10.19 -16.93
CG MP8 I 7 -28.81 9.36 -17.42
C1 CXP J 1 15.38 -2.10 -28.09
C2 CXP J 1 14.66 -1.64 -29.39
C3 CXP J 1 14.79 -0.10 -29.56
C4 CXP J 1 14.26 0.68 -28.31
C5 CXP J 1 14.89 0.16 -26.99
C6 CXP J 1 14.79 -1.39 -26.84
C7 CXP J 1 15.24 -3.64 -27.89
C8 CXP J 1 15.91 -4.31 -28.85
C9 CXP J 1 17.00 -5.29 -28.50
O2 CXP J 1 18.10 -5.02 -27.97
C WFP J 2 17.82 -7.85 -30.55
N WFP J 2 16.71 -6.56 -28.98
O WFP J 2 17.63 -8.93 -31.18
F1 WFP J 2 16.48 -9.66 -23.35
F2 WFP J 2 20.96 -9.88 -25.02
CA WFP J 2 17.67 -7.67 -28.98
CB WFP J 2 17.24 -9.07 -28.35
CG WFP J 2 17.67 -9.30 -26.92
CZ WFP J 2 18.74 -9.76 -24.19
CD1 WFP J 2 16.75 -9.36 -25.76
CD2 WFP J 2 19.15 -9.49 -26.65
CE1 WFP J 2 17.30 -9.60 -24.40
CE2 WFP J 2 19.65 -9.72 -25.29
N SER J 3 18.21 -6.65 -31.15
CA SER J 3 18.47 -6.38 -32.57
C SER J 3 19.93 -5.95 -32.94
N PRO J 4 20.52 -6.48 -34.14
CA PRO J 4 19.98 -7.48 -35.22
C PRO J 4 19.71 -8.95 -34.57
C YCP J 5 15.85 -9.43 -34.60
N YCP J 5 18.45 -9.64 -34.68
O YCP J 5 14.93 -10.13 -35.13
CA YCP J 5 17.20 -9.14 -35.38
CB YCP J 5 17.16 -9.84 -36.75
CD YCP J 5 18.07 -12.02 -35.33
CE YCP J 5 18.47 -11.04 -34.18
CG YCP J 5 17.62 -11.35 -36.66
N ALA J 6 15.72 -8.90 -33.31
CA ALA J 6 14.50 -9.10 -32.48
C ALA J 6 14.03 -7.87 -31.59
C MP8 J 7 15.41 -5.85 -34.01
N MP8 J 7 13.78 -6.57 -32.17
O MP8 J 7 15.81 -5.98 -35.17
CA MP8 J 7 13.92 -6.12 -33.60
CB MP8 J 7 13.05 -4.87 -33.69
CD MP8 J 7 13.31 -5.41 -31.32
CE MP8 J 7 11.93 -3.40 -31.98
CG MP8 J 7 13.16 -4.24 -32.29
C1 CXP K 1 -3.54 30.58 9.68
C2 CXP K 1 -2.28 31.31 9.14
C3 CXP K 1 -2.53 31.90 7.73
C4 CXP K 1 -2.96 30.79 6.73
C5 CXP K 1 -4.19 29.99 7.27
C6 CXP K 1 -3.94 29.43 8.70
C7 CXP K 1 -3.27 29.97 11.09
C8 CXP K 1 -3.11 30.92 12.02
C9 CXP K 1 -4.00 30.98 13.25
O2 CXP K 1 -5.23 31.24 13.25
C WFP K 2 -3.52 32.44 16.15
N WFP K 2 -3.28 30.81 14.42
O WFP K 2 -2.88 32.76 17.19
F1 WFP K 2 -3.62 24.98 17.32
F2 WFP K 2 -7.55 27.61 18.29
CA WFP K 2 -3.88 30.94 15.75
CB WFP K 2 -3.30 30.01 16.90
CG WFP K 2 -4.04 28.71 17.20
CZ WFP K 2 -5.59 26.29 17.81
CD1 WFP K 2 -3.40 27.39 17.10
CD2 WFP K 2 -5.48 28.80 17.61
CE1 WFP K 2 -4.19 26.19 17.42
CE2 WFP K 2 -6.25 27.58 17.91
N SER K 3 -3.98 33.37 15.25
CA SER K 3 -3.80 34.83 15.34
C SER K 3 -5.11 35.70 15.52
N PRO K 4 -5.12 36.80 16.45
CA PRO K 4 -4.05 37.41 17.42
C PRO K 4 -3.56 36.38 18.59
C YCP K 5 0.21 35.45 17.80
N YCP K 5 -2.18 36.05 18.83
O YCP K 5 1.38 35.61 18.25
CA YCP K 5 -0.93 36.54 18.07
CB YCP K 5 -0.34 37.69 18.91
CD YCP K 5 -1.01 36.09 21.04
CE YCP K 5 -1.96 35.30 20.09
CG YCP K 5 -0.41 37.39 20.46
N ALA K 6 -0.13 34.31 17.06
CA ALA K 6 0.84 33.19 16.74
C ALA K 6 0.61 32.38 15.39
C MP8 K 7 -0.67 35.33 14.20
N MP8 K 7 0.52 33.04 14.11
O MP8 K 7 -0.56 36.37 14.84
CA MP8 K 7 0.59 34.50 13.77
CB MP8 K 7 0.89 34.53 12.26
CD MP8 K 7 0.32 32.23 12.85
CE MP8 K 7 1.06 32.76 10.49
CG MP8 K 7 0.28 33.25 11.70
C1 CXP L 1 19.11 25.83 4.87
C2 CXP L 1 20.28 26.43 4.03
C3 CXP L 1 19.72 27.29 2.87
C4 CXP L 1 18.77 26.46 1.95
C5 CXP L 1 17.63 25.76 2.76
C6 CXP L 1 18.18 24.95 3.97
C7 CXP L 1 19.63 24.92 6.06
C8 CXP L 1 20.88 25.18 6.44
C9 CXP L 1 21.19 25.58 7.86
O2 CXP L 1 20.60 26.49 8.50
C WFP L 2 24.08 26.00 9.39
N WFP L 2 22.24 24.86 8.37
O WFP L 2 25.26 25.72 9.72
F1 WFP L 2 20.41 19.79 11.39
F2 WFP L 2 20.55 23.35 14.66
CA WFP L 2 22.81 25.08 9.71
CB WFP L 2 23.37 23.82 10.49
CG WFP L 2 22.39 23.01 11.32
CZ WFP L 2 20.46 21.58 13.04
CD1 WFP L 2 21.86 21.70 10.91
CD2 WFP L 2 21.94 23.58 12.63
CE1 WFP L 2 20.90 21.00 11.77
CE2 WFP L 2 20.98 22.87 13.49
N SER L 3 23.76 27.16 8.72
CA SER L 3 24.70 28.21 8.30
C SER L 3 24.49 29.56 9.06
N PRO L 4 25.64 30.27 9.61
CA PRO L 4 27.18 29.96 9.64
C PRO L 4 27.56 28.60 10.45
C YCP L 5 28.66 25.96 7.71
N YCP L 5 28.30 27.51 9.85
O YCP L 5 29.68 25.34 7.28
CA YCP L 5 28.81 27.40 8.40
CB YCP L 5 30.31 27.79 8.43
CD YCP L 5 30.29 26.38 10.81
CE YCP L 5 28.73 26.47 10.81
CG YCP L 5 31.03 27.22 9.72
N ALA L 6 27.38 25.43 7.61
CA ALA L 6 27.11 24.09 7.01
C ALA L 6 25.79 23.93 6.17
C MP8 L 7 26.12 27.27 5.30
N MP8 L 7 25.47 24.79 5.05
O MP8 L 7 27.06 28.06 5.37
CA MP8 L 7 26.22 25.95 4.46
CB MP8 L 7 25.65 26.07 3.04
CD MP8 L 7 24.18 24.58 4.29
CE MP8 L 7 23.59 25.14 1.90
CG MP8 L 7 24.18 25.65 3.21
C1 CXP M 1 27.40 11.33 -12.48
C2 CXP M 1 27.45 11.25 -14.03
C3 CXP M 1 26.80 12.50 -14.66
C4 CXP M 1 25.34 12.70 -14.16
C5 CXP M 1 25.26 12.70 -12.61
C6 CXP M 1 25.95 11.46 -11.99
C7 CXP M 1 28.04 10.05 -11.84
C8 CXP M 1 29.34 9.96 -12.15
C9 CXP M 1 30.38 9.57 -11.12
O2 CXP M 1 30.80 10.32 -10.20
C WFP M 2 33.21 7.91 -11.60
N WFP M 2 30.90 8.32 -11.35
O WFP M 2 33.94 6.95 -11.99
F1 WFP M 2 29.12 3.89 -6.64
F2 WFP M 2 32.99 6.44 -5.27
CA WFP M 2 31.99 7.76 -10.58
CB WFP M 2 31.92 6.22 -10.20
CG WFP M 2 31.58 5.84 -8.76
CZ WFP M 2 31.07 5.18 -5.93
CD1 WFP M 2 30.42 4.99 -8.39
CD2 WFP M 2 32.48 6.34 -7.67
CE1 WFP M 2 30.18 4.67 -6.98
CE2 WFP M 2 32.21 6.00 -6.27
N SER M 3 33.39 9.20 -12.03
CA SER M 3 34.42 9.65 -12.98
C SER M 3 35.45 10.71 -12.41
N PRO M 4 36.82 10.61 -12.84
CA PRO M 4 37.58 9.62 -13.78
C PRO M 4 37.57 8.10 -13.21
C YCP M 5 35.57 6.02 -15.87
N YCP M 5 37.22 6.96 -14.02
O YCP M 5 35.70 5.13 -16.76
CA YCP M 5 36.79 6.98 -15.49
CB YCP M 5 38.02 6.60 -16.33
CD YCP M 5 38.56 4.88 -14.21
CE YCP M 5 37.48 5.65 -13.38
CG YCP M 5 38.91 5.50 -15.60
N ALA M 6 34.36 6.20 -15.16
CA ALA M 6 33.13 5.37 -15.39
C ALA M 6 31.73 6.05 -15.13
C MP8 M 7 33.27 8.91 -16.20
N MP8 M 7 31.35 7.25 -15.81
O MP8 M 7 34.34 9.02 -16.76
CA MP8 M 7 32.11 8.06 -16.82
CB MP8 M 7 31.03 8.90 -17.52
CD MP8 M 7 30.00 7.88 -15.56
CE MP8 M 7 28.56 9.30 -17.07
CG MP8 M 7 29.94 9.11 -16.45
C1 CXP N 1 -8.80 -4.44 -32.35
C2 CXP N 1 -9.50 -3.70 -33.51
C3 CXP N 1 -8.78 -2.36 -33.83
C4 CXP N 1 -8.66 -1.46 -32.56
C5 CXP N 1 -8.00 -2.24 -31.37
C6 CXP N 1 -8.75 -3.57 -31.08
C7 CXP N 1 -9.54 -5.76 -32.06
C8 CXP N 1 -8.67 -6.75 -31.77
C9 CXP N 1 -8.74 -8.08 -32.50
O2 CXP N 1 -7.86 -8.51 -33.27
C WFP N 2 -11.04 -9.97 -34.00
N WFP N 2 -9.88 -8.81 -32.19
O WFP N 2 -12.13 -10.56 -34.19
F1 WFP N 2 -9.33 -11.98 -26.97
F2 WFP N 2 -7.06 -14.31 -30.60
CA WFP N 2 -10.12 -10.16 -32.72
CB WFP N 2 -10.85 -11.19 -31.76
CG WFP N 2 -9.98 -11.81 -30.70
CZ WFP N 2 -8.17 -13.16 -28.79
CD1 WFP N 2 -10.12 -11.54 -29.26
CD2 WFP N 2 -8.92 -12.79 -31.16
CE1 WFP N 2 -9.21 -12.22 -28.30
CE2 WFP N 2 -8.03 -13.44 -30.20
N SER N 3 -10.52 -9.09 -34.93
CA SER N 3 -11.15 -8.74 -36.20
C SER N 3 -10.29 -8.98 -37.50
N PRO N 4 -10.95 -9.47 -38.69
CA PRO N 4 -12.44 -9.83 -39.00
C PRO N 4 -12.99 -11.08 -38.11
C YCP N 5 -15.75 -9.61 -35.74
N YCP N 5 -14.21 -11.03 -37.35
O YCP N 5 -16.99 -9.64 -35.51
CA YCP N 5 -15.18 -9.85 -37.22
CB YCP N 5 -16.35 -10.11 -38.20
CD YCP N 5 -15.98 -12.76 -37.49
CE YCP N 5 -14.63 -12.34 -36.81
CG YCP N 5 -16.71 -11.64 -38.30
N ALA N 6 -14.82 -9.39 -34.72
CA ALA N 6 -15.19 -9.16 -33.31
C ALA N 6 -14.29 -8.16 -32.48
C MP8 N 7 -13.77 -6.52 -35.47
N MP8 N 7 -14.05 -6.80 -32.93
O MP8 N 7 -14.33 -6.56 -36.57
CA MP8 N 7 -14.53 -6.12 -34.17
CB MP8 N 7 -14.42 -4.61 -33.84
CD MP8 N 7 -13.20 -5.85 -32.12
CE MP8 N 7 -13.22 -3.29 -32.06
CG MP8 N 7 -13.19 -4.54 -32.94
C3' NHE O . -19.67 2.58 18.47
C2' NHE O . -20.49 1.92 17.35
C1' NHE O . -21.88 1.45 17.67
C6' NHE O . -22.70 2.35 18.63
N NHE O . -22.62 1.32 16.46
C1 NHE O . -22.96 0.09 15.78
C2 NHE O . -23.76 0.47 14.55
S NHE O . -25.19 -0.38 14.28
O1 NHE O . -25.85 -0.51 12.95
O2 NHE O . -25.83 -0.96 15.51
O3 NHE O . -25.77 0.95 14.50
C5' NHE O . -21.99 3.62 19.18
C4' NHE O . -20.48 3.45 19.46
C3' NHE P . -0.27 9.72 26.25
C2' NHE P . -1.74 9.51 25.87
C1' NHE P . -2.72 9.05 26.94
C6' NHE P . -2.42 9.52 28.39
N NHE P . -4.00 9.54 26.60
C1 NHE P . -5.20 8.76 26.42
C2 NHE P . -6.29 9.74 26.07
S NHE P . -7.75 9.54 26.87
O1 NHE P . -9.09 9.58 26.20
O2 NHE P . -7.67 9.40 28.36
O3 NHE P . -7.64 11.01 26.91
C5' NHE P . -1.18 10.40 28.61
C4' NHE P . 0.02 10.07 27.71
C3' NHE Q . 19.67 2.47 19.21
C2' NHE Q . 18.51 3.17 19.95
C1' NHE Q . 18.72 3.48 21.42
C6' NHE Q . 20.16 3.91 21.82
N NHE Q . 17.83 4.54 21.77
C1 NHE Q . 17.09 4.68 23.00
C2 NHE Q . 16.32 5.98 22.90
S NHE Q . 15.93 6.75 24.33
O1 NHE Q . 14.75 7.63 24.53
O2 NHE Q . 16.92 6.57 25.46
O3 NHE Q . 16.71 7.84 23.71
C5' NHE Q . 21.21 3.97 20.71
C4' NHE Q . 21.09 2.89 19.63
C3' NHE R . 25.13 -11.46 2.05
C2' NHE R . 25.18 -10.37 3.11
C1' NHE R . 25.72 -10.74 4.48
C6' NHE R . 26.89 -11.75 4.48
N NHE R . 26.17 -9.54 5.10
C1 NHE R . 25.91 -9.14 6.47
C2 NHE R . 26.59 -7.81 6.65
S NHE R . 27.15 -7.45 8.19
O1 NHE R . 26.86 -6.18 8.93
O2 NHE R . 28.07 -8.47 8.81
O3 NHE R . 28.20 -6.81 7.39
C5' NHE R . 27.39 -12.26 3.11
C4' NHE R . 26.32 -12.43 2.04
C3' NHE S . 10.94 -22.51 -10.30
C2' NHE S . 12.32 -22.02 -9.89
C1' NHE S . 13.47 -22.99 -9.97
C6' NHE S . 13.43 -24.00 -11.16
N NHE S . 14.69 -22.26 -10.07
C1 NHE S . 15.41 -21.65 -8.99
C2 NHE S . 16.64 -21.01 -9.59
S NHE S . 18.08 -21.16 -8.72
O1 NHE S . 18.82 -20.03 -8.10
O2 NHE S . 18.67 -22.54 -8.67
O3 NHE S . 18.62 -20.87 -10.06
C5' NHE S . 12.23 -23.92 -12.13
C4' NHE S . 10.89 -23.47 -11.52
C3' NHE T . -10.95 -22.25 -11.05
C2' NHE T . -9.59 -22.65 -11.62
C1' NHE T . -9.41 -24.08 -12.08
C6' NHE T . -10.65 -24.75 -12.74
N NHE T . -8.34 -24.12 -13.02
C1 NHE T . -6.94 -24.09 -12.71
C2 NHE T . -6.23 -24.18 -14.05
S NHE T . -5.15 -25.44 -14.24
O1 NHE T . -3.66 -25.29 -14.27
O2 NHE T . -5.76 -26.78 -14.49
O3 NHE T . -5.30 -25.03 -15.64
C5' NHE T . -11.92 -23.89 -12.85
C4' NHE T . -12.17 -22.96 -11.66
C3' NHE U . -24.71 -11.33 1.74
C2' NHE U . -24.35 -12.19 0.54
C1' NHE U . -25.32 -13.28 0.14
C6' NHE U . -26.83 -12.92 0.26
N NHE U . -25.08 -13.63 -1.21
C1 NHE U . -24.29 -14.76 -1.65
C2 NHE U . -24.35 -14.74 -3.17
S NHE U . -24.48 -16.23 -3.91
O1 NHE U . -23.60 -16.72 -5.01
O2 NHE U . -25.64 -17.07 -3.47
O3 NHE U . -25.31 -15.43 -4.82
C5' NHE U . -27.16 -11.52 0.80
C4' NHE U . -26.22 -11.01 1.91
#